data_9IIT
#
_entry.id   9IIT
#
_cell.length_a   211.821
_cell.length_b   96.061
_cell.length_c   127.369
_cell.angle_alpha   90.000
_cell.angle_beta   97.094
_cell.angle_gamma   90.000
#
_symmetry.space_group_name_H-M   'C 1 2 1'
#
loop_
_entity.id
_entity.type
_entity.pdbx_description
1 polymer 'L-fucokinase/L-fucose-1-P guanylyltransferase'
2 non-polymer "GUANOSINE-5'-TRIPHOSPHATE"
3 non-polymer 'FORMIC ACID'
4 non-polymer 'MALONIC ACID'
5 non-polymer GLYCEROL
6 non-polymer "GUANOSINE-5'-DIPHOSPHATE"
7 non-polymer 'ACETATE ION'
8 water water
#
_entity_poly.entity_id   1
_entity_poly.type   'polypeptide(L)'
_entity_poly.pdbx_seq_one_letter_code
;MGSSHHHHHHSSGLVPRGSHMQKLLSLPSNLVQSFHELERVNRTDWFCTSDPVGKKLGSGGGTSWLLEECYNEYSDGATF
GEWLEKEKRILLHAGGQSRRLPGYAPSGKILTPVPVFRWERGQHLGQNLLSLQLPLYEKIMSLAPDKLHTLIASGDVYIR
SEKPLQSIPEADVVCYGLWVDPSLATHHGVFASDRKHPEQLDFMLQKPSLAELESLSKTHLFLMDIGIWLLSDRAVEILM
KRSHKESSEELKYYDLYSDFGLALGTHPRIEDEEVNTLSVAILPLPGGEFYHYGTSKELISSTLSVQNKVYDQRRIMHRK
VKPNPAMFVQNAVVRIPLCAENADLWIENSHIGPKWKIASRHIITGVPENDWSLAVPAGVCVDVVPMGDKGFVARPYGLD
DVFKGDLRDSKTTLTGIPFGEWMSKRGLSYTDLKGRTDDLQAVSVFPMVNSVEELGLVLRWMLSEPELEEGKNIWLRSEH
FSADEISAGANLKRLYAQREEFRKGNWKALAVNHEKSVFYQLDLADAAEDFVRLGLDMPELLPEDALQMSRIHNRMLRAR
ILKLDGKDYRPEEQAAFDLLRDGLLDGISNRKSTPKLDVYSDQIVWGRSPVRIDMAGGWTDTPPYSLYSGGNVVNLAIEL
NGQPPLQVYVKPCKDFHIVLRSIDMGAMEIVSTFDELQDYKKIGSPFSIPKAALSLAGFAPAFSAVSYASLEEQLKDFGA
GIEVTLLAAIPAGSGLGTSSILASTVLGAINDFCGLAWDKNEICQRTLVLEQLLTTGGGWQDQYGGVLQGVKLLQTEAGF
AQSPLVRWLPDHLFTHPEYKDCHLLYYTGITRTAKGILAEIVSSMFLNSSLHLNLLSEMKAHALDMNEAIQRGSFVEFGR
LVGKTWEQNKALDSGTNPPAVEAIIDLIKDYTLGYKLPGAGGGGYLYMVAKDPQAAVRIRKILTENAPNPRARFVEMTLS
DKGFQVSRS
;
_entity_poly.pdbx_strand_id   A,B
#
loop_
_chem_comp.id
_chem_comp.type
_chem_comp.name
_chem_comp.formula
ACT non-polymer 'ACETATE ION' 'C2 H3 O2 -1'
FMT non-polymer 'FORMIC ACID' 'C H2 O2'
GDP RNA linking GUANOSINE-5'-DIPHOSPHATE 'C10 H15 N5 O11 P2'
GOL non-polymer GLYCEROL 'C3 H8 O3'
GTP non-polymer GUANOSINE-5'-TRIPHOSPHATE 'C10 H16 N5 O14 P3'
MLA non-polymer 'MALONIC ACID' 'C3 H4 O4'
#
# COMPACT_ATOMS: atom_id res chain seq x y z
N HIS A 20 -34.33 8.22 6.64
CA HIS A 20 -33.65 7.31 5.73
C HIS A 20 -33.36 8.01 4.40
N MET A 21 -32.20 7.76 3.82
CA MET A 21 -31.91 8.31 2.51
C MET A 21 -32.85 7.71 1.47
N GLN A 22 -33.42 8.56 0.62
CA GLN A 22 -34.34 8.08 -0.40
C GLN A 22 -33.58 7.58 -1.63
N LYS A 23 -33.92 6.37 -2.06
CA LYS A 23 -33.37 5.78 -3.28
C LYS A 23 -34.43 5.78 -4.37
N LEU A 24 -34.06 6.27 -5.55
CA LEU A 24 -34.89 6.24 -6.74
C LEU A 24 -34.17 5.40 -7.79
N LEU A 25 -34.89 4.45 -8.39
CA LEU A 25 -34.28 3.51 -9.32
C LEU A 25 -35.03 3.55 -10.64
N SER A 26 -34.28 3.61 -11.74
CA SER A 26 -34.81 3.44 -13.09
C SER A 26 -34.56 1.98 -13.47
N LEU A 27 -35.60 1.17 -13.42
CA LEU A 27 -35.52 -0.27 -13.58
C LEU A 27 -36.18 -0.71 -14.88
N PRO A 28 -35.95 -1.95 -15.31
CA PRO A 28 -36.74 -2.49 -16.42
C PRO A 28 -38.22 -2.52 -16.07
N SER A 29 -39.06 -2.37 -17.10
CA SER A 29 -40.50 -2.26 -16.89
C SER A 29 -41.05 -3.47 -16.15
N ASN A 30 -40.57 -4.66 -16.48
CA ASN A 30 -41.07 -5.88 -15.85
C ASN A 30 -40.74 -5.92 -14.36
N LEU A 31 -39.59 -5.37 -13.96
CA LEU A 31 -39.13 -5.43 -12.58
C LEU A 31 -39.78 -4.40 -11.67
N VAL A 32 -40.30 -3.30 -12.23
CA VAL A 32 -40.83 -2.21 -11.41
C VAL A 32 -41.94 -2.72 -10.49
N GLN A 33 -42.81 -3.59 -11.01
CA GLN A 33 -43.96 -4.05 -10.25
C GLN A 33 -43.61 -5.05 -9.16
N SER A 34 -42.44 -5.70 -9.26
CA SER A 34 -42.07 -6.76 -8.33
C SER A 34 -40.83 -6.45 -7.50
N PHE A 35 -40.22 -5.28 -7.70
CA PHE A 35 -38.94 -4.99 -7.05
C PHE A 35 -39.06 -5.04 -5.53
N HIS A 36 -40.04 -4.32 -4.97
CA HIS A 36 -40.15 -4.22 -3.52
C HIS A 36 -40.40 -5.58 -2.87
N GLU A 37 -41.09 -6.48 -3.56
CA GLU A 37 -41.36 -7.79 -2.99
C GLU A 37 -40.16 -8.72 -3.12
N LEU A 38 -39.50 -8.72 -4.29
CA LEU A 38 -38.39 -9.64 -4.51
C LEU A 38 -37.18 -9.25 -3.68
N GLU A 39 -36.92 -7.96 -3.53
CA GLU A 39 -35.76 -7.48 -2.79
C GLU A 39 -36.08 -7.16 -1.34
N ARG A 40 -37.35 -7.25 -0.94
CA ARG A 40 -37.77 -7.03 0.45
C ARG A 40 -37.32 -5.66 0.96
N VAL A 41 -37.82 -4.62 0.29
CA VAL A 41 -37.58 -3.24 0.69
C VAL A 41 -38.93 -2.52 0.74
N ASN A 42 -39.04 -1.58 1.67
CA ASN A 42 -40.28 -0.84 1.85
C ASN A 42 -40.41 0.24 0.79
N ARG A 43 -41.65 0.59 0.47
CA ARG A 43 -41.91 1.60 -0.55
C ARG A 43 -41.69 3.01 -0.05
N THR A 44 -41.46 3.20 1.26
CA THR A 44 -41.27 4.54 1.79
C THR A 44 -39.88 5.07 1.45
N ASP A 45 -38.86 4.24 1.62
CA ASP A 45 -37.49 4.63 1.32
C ASP A 45 -37.06 4.28 -0.10
N TRP A 46 -37.93 3.64 -0.88
CA TRP A 46 -37.57 3.18 -2.22
C TRP A 46 -38.70 3.53 -3.18
N PHE A 47 -38.35 4.27 -4.23
CA PHE A 47 -39.26 4.54 -5.34
C PHE A 47 -38.60 4.08 -6.62
N CYS A 48 -39.37 3.41 -7.47
CA CYS A 48 -38.84 2.92 -8.74
C CYS A 48 -39.88 3.09 -9.83
N THR A 49 -39.39 3.25 -11.06
CA THR A 49 -40.23 3.32 -12.24
C THR A 49 -39.39 2.87 -13.43
N SER A 50 -39.98 2.94 -14.61
CA SER A 50 -39.30 2.55 -15.84
C SER A 50 -39.54 3.59 -16.92
N ASP A 51 -38.73 3.52 -17.97
CA ASP A 51 -39.04 4.25 -19.19
C ASP A 51 -40.38 3.79 -19.73
N PRO A 52 -41.17 4.68 -20.33
CA PRO A 52 -42.44 4.26 -20.93
C PRO A 52 -42.20 3.15 -21.95
N VAL A 53 -42.99 2.07 -21.81
CA VAL A 53 -42.80 0.91 -22.68
C VAL A 53 -42.96 1.32 -24.13
N GLY A 54 -41.97 0.96 -24.95
CA GLY A 54 -41.98 1.33 -26.35
C GLY A 54 -41.15 2.56 -26.67
N LYS A 55 -40.51 3.19 -25.68
CA LYS A 55 -39.73 4.40 -25.90
C LYS A 55 -38.50 4.37 -25.00
N LYS A 56 -37.33 4.39 -25.63
CA LYS A 56 -36.06 4.48 -24.90
C LYS A 56 -35.76 5.94 -24.57
N LEU A 57 -35.22 6.17 -23.38
CA LEU A 57 -34.91 7.53 -22.94
C LEU A 57 -33.43 7.79 -22.70
N GLY A 58 -32.59 6.76 -22.70
CA GLY A 58 -31.18 6.94 -22.41
C GLY A 58 -30.94 7.23 -20.94
N SER A 59 -29.67 7.50 -20.62
CA SER A 59 -29.29 7.75 -19.23
C SER A 59 -29.94 9.03 -18.70
N GLY A 60 -29.72 10.15 -19.39
CA GLY A 60 -30.26 11.41 -18.92
C GLY A 60 -31.77 11.47 -19.00
N GLY A 61 -32.34 10.97 -20.10
CA GLY A 61 -33.78 10.93 -20.22
C GLY A 61 -34.43 10.06 -19.16
N GLY A 62 -33.83 8.91 -18.87
CA GLY A 62 -34.36 8.05 -17.81
C GLY A 62 -34.23 8.69 -16.45
N THR A 63 -33.14 9.43 -16.20
CA THR A 63 -33.00 10.15 -14.94
C THR A 63 -34.08 11.22 -14.80
N SER A 64 -34.33 11.97 -15.87
CA SER A 64 -35.35 13.01 -15.83
C SER A 64 -36.74 12.39 -15.64
N TRP A 65 -37.00 11.26 -16.28
CA TRP A 65 -38.28 10.59 -16.11
C TRP A 65 -38.44 10.07 -14.68
N LEU A 66 -37.36 9.55 -14.10
CA LEU A 66 -37.42 9.10 -12.71
C LEU A 66 -37.73 10.26 -11.77
N LEU A 67 -37.06 11.40 -11.97
CA LEU A 67 -37.35 12.57 -11.15
C LEU A 67 -38.79 13.03 -11.31
N GLU A 68 -39.28 13.05 -12.55
CA GLU A 68 -40.65 13.47 -12.81
C GLU A 68 -41.65 12.54 -12.15
N GLU A 69 -41.42 11.23 -12.24
CA GLU A 69 -42.31 10.26 -11.61
C GLU A 69 -42.33 10.41 -10.10
N CYS A 70 -41.14 10.52 -9.48
CA CYS A 70 -41.09 10.67 -8.03
C CYS A 70 -41.79 11.96 -7.58
N TYR A 71 -41.64 13.04 -8.36
CA TYR A 71 -42.33 14.28 -8.04
C TYR A 71 -43.84 14.10 -8.16
N ASN A 72 -44.31 13.49 -9.25
CA ASN A 72 -45.74 13.26 -9.40
C ASN A 72 -46.28 12.34 -8.32
N GLU A 73 -45.41 11.52 -7.71
CA GLU A 73 -45.86 10.63 -6.64
C GLU A 73 -46.01 11.37 -5.33
N TYR A 74 -45.06 12.26 -5.00
CA TYR A 74 -45.09 12.92 -3.70
C TYR A 74 -45.34 14.43 -3.82
N SER A 75 -45.99 14.85 -4.91
CA SER A 75 -46.33 16.26 -5.11
C SER A 75 -47.39 16.69 -4.10
N ASP A 76 -46.97 17.08 -2.90
CA ASP A 76 -47.89 17.53 -1.87
C ASP A 76 -48.44 18.93 -2.13
N GLY A 77 -48.41 19.37 -3.38
CA GLY A 77 -48.90 20.67 -3.78
C GLY A 77 -47.82 21.68 -4.09
N ALA A 78 -46.55 21.31 -3.93
CA ALA A 78 -45.43 22.18 -4.25
C ALA A 78 -45.00 21.97 -5.69
N THR A 79 -44.25 22.94 -6.20
CA THR A 79 -43.69 22.82 -7.54
C THR A 79 -42.46 21.90 -7.52
N PHE A 80 -41.96 21.58 -8.72
CA PHE A 80 -40.83 20.66 -8.82
C PHE A 80 -39.57 21.27 -8.22
N GLY A 81 -39.38 22.58 -8.36
CA GLY A 81 -38.18 23.21 -7.84
C GLY A 81 -38.11 23.16 -6.32
N GLU A 82 -39.19 23.56 -5.66
CA GLU A 82 -39.22 23.50 -4.20
C GLU A 82 -39.35 22.08 -3.68
N TRP A 83 -39.79 21.13 -4.52
CA TRP A 83 -39.81 19.73 -4.12
C TRP A 83 -38.42 19.11 -4.16
N LEU A 84 -37.61 19.47 -5.17
CA LEU A 84 -36.26 18.91 -5.26
C LEU A 84 -35.43 19.27 -4.04
N GLU A 85 -35.66 20.45 -3.46
CA GLU A 85 -34.89 20.89 -2.30
C GLU A 85 -35.26 20.14 -1.01
N LYS A 86 -36.46 19.55 -0.95
CA LYS A 86 -36.98 19.05 0.33
C LYS A 86 -36.11 17.95 0.93
N GLU A 87 -35.46 17.14 0.10
CA GLU A 87 -34.61 16.08 0.65
C GLU A 87 -33.57 15.69 -0.38
N LYS A 88 -32.50 15.06 0.12
CA LYS A 88 -31.47 14.51 -0.74
C LYS A 88 -31.86 13.14 -1.25
N ARG A 89 -31.51 12.85 -2.50
CA ARG A 89 -31.94 11.62 -3.14
C ARG A 89 -30.79 10.97 -3.90
N ILE A 90 -30.77 9.65 -3.89
CA ILE A 90 -29.78 8.85 -4.61
C ILE A 90 -30.52 8.13 -5.73
N LEU A 91 -30.18 8.46 -6.98
CA LEU A 91 -30.83 7.92 -8.16
C LEU A 91 -29.86 6.99 -8.87
N LEU A 92 -30.32 5.78 -9.16
CA LEU A 92 -29.54 4.78 -9.87
C LEU A 92 -30.28 4.44 -11.16
N HIS A 93 -29.57 4.52 -12.27
CA HIS A 93 -30.17 4.19 -13.57
C HIS A 93 -29.69 2.80 -13.98
N ALA A 94 -30.61 1.84 -13.95
CA ALA A 94 -30.37 0.46 -14.35
C ALA A 94 -31.44 0.00 -15.32
N GLY A 95 -31.88 0.90 -16.20
CA GLY A 95 -32.97 0.61 -17.10
C GLY A 95 -32.54 0.54 -18.55
N GLY A 96 -31.32 0.08 -18.79
CA GLY A 96 -30.83 -0.14 -20.13
C GLY A 96 -31.29 -1.48 -20.67
N GLN A 97 -30.66 -1.89 -21.77
CA GLN A 97 -30.96 -3.18 -22.38
C GLN A 97 -30.07 -4.30 -21.86
N SER A 98 -28.90 -3.97 -21.30
CA SER A 98 -27.94 -4.95 -20.80
C SER A 98 -27.56 -5.95 -21.90
N ARG A 99 -27.20 -5.40 -23.07
CA ARG A 99 -26.79 -6.24 -24.19
C ARG A 99 -25.62 -7.14 -23.81
N ARG A 100 -24.63 -6.58 -23.10
CA ARG A 100 -23.39 -7.29 -22.80
C ARG A 100 -23.47 -8.17 -21.56
N LEU A 101 -24.56 -8.09 -20.80
CA LEU A 101 -24.75 -8.91 -19.60
C LEU A 101 -26.12 -9.56 -19.63
N PRO A 102 -26.32 -10.53 -20.53
CA PRO A 102 -27.65 -11.15 -20.66
C PRO A 102 -28.05 -11.98 -19.44
N GLY A 103 -27.08 -12.56 -18.73
CA GLY A 103 -27.39 -13.40 -17.58
C GLY A 103 -28.17 -12.70 -16.49
N TYR A 104 -28.07 -11.37 -16.41
CA TYR A 104 -28.81 -10.59 -15.42
C TYR A 104 -29.49 -9.39 -16.06
N ALA A 105 -29.75 -9.44 -17.36
CA ALA A 105 -30.49 -8.37 -18.03
C ALA A 105 -31.91 -8.21 -17.49
N PRO A 106 -32.71 -9.27 -17.31
CA PRO A 106 -34.05 -9.06 -16.71
C PRO A 106 -34.00 -8.54 -15.29
N SER A 107 -32.87 -8.67 -14.60
CA SER A 107 -32.69 -8.08 -13.28
C SER A 107 -32.09 -6.68 -13.34
N GLY A 108 -31.66 -6.23 -14.52
CA GLY A 108 -31.10 -4.89 -14.65
C GLY A 108 -29.70 -4.71 -14.10
N LYS A 109 -28.89 -5.79 -14.10
CA LYS A 109 -27.53 -5.77 -13.61
C LYS A 109 -27.42 -5.43 -12.12
N ILE A 110 -28.13 -4.39 -11.68
CA ILE A 110 -27.98 -3.86 -10.32
C ILE A 110 -28.31 -4.89 -9.26
N LEU A 111 -29.11 -5.91 -9.59
CA LEU A 111 -29.50 -6.95 -8.64
C LEU A 111 -28.70 -8.23 -8.80
N THR A 112 -27.48 -8.15 -9.32
CA THR A 112 -26.66 -9.33 -9.53
C THR A 112 -26.05 -9.80 -8.21
N PRO A 113 -26.26 -11.06 -7.82
CA PRO A 113 -25.61 -11.56 -6.60
C PRO A 113 -24.09 -11.53 -6.72
N VAL A 114 -23.44 -11.09 -5.66
CA VAL A 114 -21.99 -10.94 -5.61
C VAL A 114 -21.46 -11.90 -4.54
N PRO A 115 -20.46 -12.73 -4.85
CA PRO A 115 -19.95 -13.68 -3.86
C PRO A 115 -19.34 -12.97 -2.65
N VAL A 116 -19.38 -13.67 -1.52
CA VAL A 116 -18.77 -13.14 -0.30
C VAL A 116 -17.26 -13.05 -0.50
N PHE A 117 -16.70 -11.89 -0.18
CA PHE A 117 -15.26 -11.69 -0.30
C PHE A 117 -14.52 -12.58 0.69
N ARG A 118 -13.54 -13.33 0.22
CA ARG A 118 -12.82 -14.26 1.09
C ARG A 118 -12.07 -13.56 2.22
N TRP A 119 -11.89 -12.25 2.14
CA TRP A 119 -11.17 -11.49 3.16
C TRP A 119 -12.07 -10.55 3.95
N GLU A 120 -13.37 -10.59 3.73
CA GLU A 120 -14.30 -9.66 4.35
C GLU A 120 -15.16 -10.38 5.39
N ARG A 121 -15.44 -9.67 6.48
CA ARG A 121 -16.28 -10.18 7.56
C ARG A 121 -17.53 -9.30 7.67
N GLY A 122 -18.67 -9.95 7.88
CA GLY A 122 -19.91 -9.23 8.09
C GLY A 122 -20.74 -9.00 6.85
N GLN A 123 -20.42 -9.68 5.74
CA GLN A 123 -21.24 -9.55 4.54
C GLN A 123 -22.46 -10.46 4.62
N HIS A 124 -23.52 -10.05 3.93
CA HIS A 124 -24.74 -10.83 3.86
C HIS A 124 -24.63 -11.85 2.73
N LEU A 125 -25.09 -13.08 3.00
CA LEU A 125 -24.98 -14.14 2.01
C LEU A 125 -25.71 -13.78 0.72
N GLY A 126 -26.85 -13.12 0.84
CA GLY A 126 -27.63 -12.74 -0.34
C GLY A 126 -27.30 -11.39 -0.89
N GLN A 127 -26.09 -10.89 -0.62
CA GLN A 127 -25.70 -9.56 -1.07
C GLN A 127 -25.65 -9.51 -2.59
N ASN A 128 -26.00 -8.33 -3.13
CA ASN A 128 -25.92 -8.06 -4.55
C ASN A 128 -25.16 -6.75 -4.77
N LEU A 129 -25.04 -6.34 -6.03
CA LEU A 129 -24.30 -5.13 -6.34
C LEU A 129 -24.94 -3.91 -5.70
N LEU A 130 -26.27 -3.85 -5.71
CA LEU A 130 -26.98 -2.70 -5.13
C LEU A 130 -26.67 -2.55 -3.64
N SER A 131 -26.79 -3.63 -2.89
CA SER A 131 -26.57 -3.55 -1.44
C SER A 131 -25.11 -3.32 -1.10
N LEU A 132 -24.19 -3.76 -1.96
CA LEU A 132 -22.78 -3.51 -1.74
C LEU A 132 -22.40 -2.07 -2.05
N GLN A 133 -23.03 -1.48 -3.06
CA GLN A 133 -22.63 -0.15 -3.54
C GLN A 133 -23.38 0.99 -2.85
N LEU A 134 -24.57 0.72 -2.29
CA LEU A 134 -25.36 1.80 -1.69
C LEU A 134 -24.66 2.53 -0.54
N PRO A 135 -23.96 1.87 0.41
CA PRO A 135 -23.41 2.63 1.54
C PRO A 135 -22.45 3.73 1.14
N LEU A 136 -21.61 3.49 0.11
CA LEU A 136 -20.71 4.54 -0.34
C LEU A 136 -21.47 5.74 -0.87
N TYR A 137 -22.53 5.52 -1.64
CA TYR A 137 -23.33 6.61 -2.15
C TYR A 137 -23.99 7.38 -1.01
N GLU A 138 -24.51 6.67 -0.02
CA GLU A 138 -25.16 7.35 1.11
C GLU A 138 -24.15 8.17 1.90
N LYS A 139 -22.94 7.65 2.09
CA LYS A 139 -21.90 8.41 2.78
C LYS A 139 -21.52 9.66 2.00
N ILE A 140 -21.30 9.53 0.70
CA ILE A 140 -20.96 10.67 -0.13
C ILE A 140 -22.06 11.73 -0.08
N MET A 141 -23.33 11.29 -0.13
CA MET A 141 -24.42 12.26 -0.11
C MET A 141 -24.54 12.94 1.24
N SER A 142 -24.34 12.20 2.34
CA SER A 142 -24.38 12.82 3.65
C SER A 142 -23.23 13.81 3.83
N LEU A 143 -22.09 13.56 3.18
CA LEU A 143 -20.98 14.51 3.24
C LEU A 143 -21.17 15.70 2.30
N ALA A 144 -22.10 15.59 1.35
CA ALA A 144 -22.24 16.61 0.31
C ALA A 144 -22.90 17.88 0.87
N PRO A 145 -22.66 19.02 0.22
CA PRO A 145 -23.36 20.24 0.61
C PRO A 145 -24.87 20.11 0.43
N ASP A 146 -25.61 20.97 1.12
CA ASP A 146 -27.06 20.87 1.15
C ASP A 146 -27.72 21.31 -0.15
N LYS A 147 -27.01 22.04 -1.01
CA LYS A 147 -27.61 22.47 -2.27
C LYS A 147 -27.57 21.38 -3.33
N LEU A 148 -26.79 20.31 -3.12
CA LEU A 148 -26.75 19.17 -4.04
C LEU A 148 -27.72 18.14 -3.51
N HIS A 149 -28.93 18.12 -4.08
CA HIS A 149 -29.99 17.23 -3.63
C HIS A 149 -30.10 15.96 -4.46
N THR A 150 -29.26 15.80 -5.48
CA THR A 150 -29.38 14.71 -6.43
C THR A 150 -28.03 14.06 -6.67
N LEU A 151 -27.92 12.78 -6.35
CA LEU A 151 -26.79 11.95 -6.76
C LEU A 151 -27.26 11.01 -7.86
N ILE A 152 -26.45 10.85 -8.89
CA ILE A 152 -26.77 9.99 -10.03
C ILE A 152 -25.66 8.97 -10.18
N ALA A 153 -26.05 7.70 -10.34
CA ALA A 153 -25.06 6.65 -10.49
C ALA A 153 -25.62 5.49 -11.31
N SER A 154 -24.70 4.70 -11.83
CA SER A 154 -25.00 3.46 -12.54
C SER A 154 -24.86 2.28 -11.58
N GLY A 155 -25.78 1.32 -11.70
CA GLY A 155 -25.81 0.20 -10.81
C GLY A 155 -24.94 -0.98 -11.20
N ASP A 156 -24.24 -0.90 -12.32
CA ASP A 156 -23.45 -2.01 -12.84
C ASP A 156 -21.98 -1.91 -12.47
N VAL A 157 -21.65 -1.19 -11.39
CA VAL A 157 -20.27 -1.05 -10.94
C VAL A 157 -20.21 -1.29 -9.45
N TYR A 158 -19.03 -1.72 -8.99
CA TYR A 158 -18.72 -1.82 -7.56
C TYR A 158 -17.56 -0.89 -7.28
N ILE A 159 -17.77 0.10 -6.43
CA ILE A 159 -16.79 1.12 -6.14
C ILE A 159 -16.47 1.08 -4.65
N ARG A 160 -15.18 1.16 -4.32
CA ARG A 160 -14.71 1.15 -2.95
C ARG A 160 -13.88 2.41 -2.68
N SER A 161 -13.92 2.85 -1.43
CA SER A 161 -13.13 3.99 -0.97
C SER A 161 -12.49 3.61 0.36
N GLU A 162 -11.18 3.36 0.34
CA GLU A 162 -10.45 2.90 1.50
C GLU A 162 -9.67 4.02 2.19
N LYS A 163 -9.87 5.26 1.77
CA LYS A 163 -9.26 6.43 2.40
C LYS A 163 -10.33 7.49 2.64
N PRO A 164 -10.13 8.36 3.64
CA PRO A 164 -11.17 9.33 3.97
C PRO A 164 -11.52 10.23 2.79
N LEU A 165 -12.83 10.45 2.62
CA LEU A 165 -13.32 11.31 1.55
C LEU A 165 -12.92 12.76 1.80
N GLN A 166 -12.67 13.48 0.71
CA GLN A 166 -12.33 14.90 0.79
C GLN A 166 -13.60 15.74 0.80
N SER A 167 -13.42 17.03 1.04
CA SER A 167 -14.54 17.96 1.02
C SER A 167 -15.15 18.03 -0.38
N ILE A 168 -16.48 18.09 -0.43
CA ILE A 168 -17.21 18.14 -1.68
C ILE A 168 -17.49 19.61 -2.00
N PRO A 169 -16.93 20.16 -3.07
CA PRO A 169 -17.14 21.58 -3.36
C PRO A 169 -18.59 21.87 -3.75
N GLU A 170 -18.88 23.16 -3.85
CA GLU A 170 -20.25 23.63 -4.08
C GLU A 170 -20.40 24.06 -5.54
N ALA A 171 -20.30 23.08 -6.42
CA ALA A 171 -20.43 23.29 -7.85
C ALA A 171 -21.76 22.73 -8.35
N ASP A 172 -22.10 23.11 -9.58
CA ASP A 172 -23.34 22.61 -10.18
C ASP A 172 -23.22 21.12 -10.51
N VAL A 173 -22.05 20.68 -10.95
CA VAL A 173 -21.80 19.28 -11.26
C VAL A 173 -20.52 18.85 -10.55
N VAL A 174 -20.62 17.80 -9.75
CA VAL A 174 -19.49 17.23 -9.03
C VAL A 174 -19.36 15.77 -9.47
N CYS A 175 -18.24 15.43 -10.10
CA CYS A 175 -18.01 14.10 -10.62
C CYS A 175 -16.81 13.48 -9.93
N TYR A 176 -16.98 12.27 -9.42
CA TYR A 176 -15.89 11.51 -8.84
C TYR A 176 -15.20 10.72 -9.94
N GLY A 177 -13.86 10.70 -9.89
CA GLY A 177 -13.09 9.98 -10.89
C GLY A 177 -11.98 9.20 -10.23
N LEU A 178 -11.36 8.33 -11.03
CA LEU A 178 -10.29 7.47 -10.55
C LEU A 178 -9.39 7.10 -11.71
N TRP A 179 -8.10 7.34 -11.54
CA TRP A 179 -7.12 6.89 -12.54
C TRP A 179 -6.73 5.45 -12.24
N VAL A 180 -6.94 4.57 -13.21
CA VAL A 180 -6.69 3.14 -13.00
C VAL A 180 -5.68 2.67 -14.03
N ASP A 181 -6.16 2.30 -15.22
CA ASP A 181 -5.25 1.91 -16.29
C ASP A 181 -5.76 2.48 -17.62
N PRO A 182 -4.85 2.93 -18.49
CA PRO A 182 -5.31 3.41 -19.81
C PRO A 182 -6.08 2.35 -20.57
N SER A 183 -5.69 1.08 -20.45
CA SER A 183 -6.41 0.01 -21.11
C SER A 183 -7.85 -0.08 -20.60
N LEU A 184 -8.05 0.13 -19.30
CA LEU A 184 -9.40 0.15 -18.75
C LEU A 184 -10.10 1.47 -19.05
N ALA A 185 -9.35 2.59 -19.05
CA ALA A 185 -9.94 3.87 -19.42
C ALA A 185 -10.42 3.90 -20.85
N THR A 186 -9.89 3.01 -21.70
CA THR A 186 -10.31 2.93 -23.09
C THR A 186 -11.79 2.57 -23.24
N HIS A 187 -12.40 1.97 -22.22
CA HIS A 187 -13.77 1.48 -22.32
C HIS A 187 -14.77 2.30 -21.53
N HIS A 188 -14.36 3.44 -20.96
CA HIS A 188 -15.27 4.24 -20.14
C HIS A 188 -15.07 5.72 -20.45
N GLY A 189 -15.87 6.55 -19.79
CA GLY A 189 -15.66 7.98 -19.87
C GLY A 189 -14.44 8.42 -19.08
N VAL A 190 -13.86 9.53 -19.51
CA VAL A 190 -12.61 10.04 -18.96
C VAL A 190 -12.72 11.55 -18.84
N PHE A 191 -12.42 12.09 -17.67
CA PHE A 191 -12.34 13.53 -17.47
C PHE A 191 -10.90 13.96 -17.71
N ALA A 192 -10.71 14.97 -18.55
CA ALA A 192 -9.40 15.47 -18.90
C ALA A 192 -9.29 16.90 -18.39
N SER A 193 -8.29 17.16 -17.55
CA SER A 193 -8.07 18.44 -16.92
C SER A 193 -6.70 18.97 -17.33
N ASP A 194 -6.62 20.28 -17.58
CA ASP A 194 -5.35 20.89 -17.94
C ASP A 194 -4.34 20.71 -16.82
N ARG A 195 -3.07 20.49 -17.21
CA ARG A 195 -2.01 20.26 -16.22
C ARG A 195 -1.88 21.43 -15.25
N LYS A 196 -2.18 22.65 -15.69
CA LYS A 196 -2.12 23.80 -14.80
C LYS A 196 -3.34 23.88 -13.89
N HIS A 197 -4.44 23.20 -14.22
CA HIS A 197 -5.67 23.27 -13.46
C HIS A 197 -6.32 21.89 -13.33
N PRO A 198 -5.82 21.05 -12.44
CA PRO A 198 -6.54 19.81 -12.13
C PRO A 198 -7.83 20.04 -11.36
N GLU A 199 -8.09 21.27 -10.94
CA GLU A 199 -9.29 21.57 -10.17
C GLU A 199 -10.53 21.54 -11.04
N GLN A 200 -10.44 22.12 -12.23
CA GLN A 200 -11.59 22.20 -13.14
C GLN A 200 -11.57 21.00 -14.10
N LEU A 201 -12.58 20.93 -14.95
CA LEU A 201 -12.64 19.96 -16.02
C LEU A 201 -12.41 20.68 -17.35
N ASP A 202 -11.42 20.21 -18.12
CA ASP A 202 -11.20 20.79 -19.44
C ASP A 202 -12.18 20.20 -20.45
N PHE A 203 -12.26 18.87 -20.53
CA PHE A 203 -13.27 18.26 -21.37
C PHE A 203 -13.38 16.77 -21.03
N MET A 204 -14.49 16.18 -21.44
CA MET A 204 -14.70 14.75 -21.27
C MET A 204 -14.45 14.01 -22.58
N LEU A 205 -14.15 12.72 -22.44
CA LEU A 205 -13.89 11.84 -23.57
C LEU A 205 -14.63 10.53 -23.34
N GLN A 206 -15.44 10.12 -24.32
CA GLN A 206 -16.20 8.88 -24.22
C GLN A 206 -15.44 7.78 -24.94
N LYS A 207 -14.94 6.81 -24.18
CA LYS A 207 -14.15 5.69 -24.67
C LYS A 207 -13.01 6.16 -25.56
N PRO A 208 -12.03 6.88 -25.03
CA PRO A 208 -10.91 7.33 -25.86
C PRO A 208 -9.96 6.19 -26.21
N SER A 209 -9.27 6.35 -27.32
CA SER A 209 -8.28 5.36 -27.74
C SER A 209 -6.98 5.57 -26.97
N LEU A 210 -6.10 4.57 -27.06
CA LEU A 210 -4.80 4.67 -26.42
C LEU A 210 -3.99 5.82 -27.01
N ALA A 211 -4.07 6.01 -28.33
CA ALA A 211 -3.36 7.11 -28.97
C ALA A 211 -3.93 8.46 -28.56
N GLU A 212 -5.25 8.54 -28.38
CA GLU A 212 -5.88 9.79 -27.97
C GLU A 212 -5.42 10.19 -26.56
N LEU A 213 -5.38 9.24 -25.63
CA LEU A 213 -4.88 9.54 -24.30
C LEU A 213 -3.38 9.84 -24.31
N GLU A 214 -2.62 9.18 -25.17
CA GLU A 214 -1.19 9.47 -25.27
C GLU A 214 -0.93 10.89 -25.77
N SER A 215 -1.66 11.32 -26.79
CA SER A 215 -1.43 12.65 -27.36
C SER A 215 -1.75 13.75 -26.35
N LEU A 216 -2.63 13.48 -25.39
CA LEU A 216 -3.04 14.45 -24.39
C LEU A 216 -2.28 14.31 -23.09
N SER A 217 -1.41 13.30 -22.97
CA SER A 217 -0.74 13.03 -21.70
C SER A 217 0.30 14.10 -21.38
N LYS A 218 0.84 14.78 -22.39
CA LYS A 218 1.85 15.79 -22.14
C LYS A 218 1.23 17.06 -21.56
N THR A 219 -0.05 17.31 -21.82
CA THR A 219 -0.70 18.55 -21.43
C THR A 219 -1.88 18.37 -20.49
N HIS A 220 -2.36 17.14 -20.26
CA HIS A 220 -3.56 16.93 -19.48
C HIS A 220 -3.39 15.75 -18.53
N LEU A 221 -4.19 15.78 -17.46
CA LEU A 221 -4.38 14.66 -16.55
C LEU A 221 -5.74 14.03 -16.82
N PHE A 222 -5.80 12.70 -16.73
CA PHE A 222 -7.01 11.95 -17.00
C PHE A 222 -7.47 11.20 -15.76
N LEU A 223 -8.75 11.32 -15.45
CA LEU A 223 -9.39 10.55 -14.38
C LEU A 223 -10.54 9.78 -15.00
N MET A 224 -10.54 8.46 -14.84
CA MET A 224 -11.61 7.65 -15.40
C MET A 224 -12.92 7.91 -14.68
N ASP A 225 -14.00 8.06 -15.45
CA ASP A 225 -15.32 8.29 -14.88
C ASP A 225 -15.85 7.01 -14.25
N ILE A 226 -16.08 7.06 -12.94
CA ILE A 226 -16.60 5.90 -12.21
C ILE A 226 -18.12 5.92 -12.07
N GLY A 227 -18.79 6.95 -12.57
CA GLY A 227 -20.24 6.98 -12.55
C GLY A 227 -20.86 7.41 -11.24
N ILE A 228 -20.29 8.41 -10.57
CA ILE A 228 -20.85 9.00 -9.37
C ILE A 228 -20.91 10.50 -9.60
N TRP A 229 -22.07 11.00 -10.02
CA TRP A 229 -22.24 12.42 -10.31
C TRP A 229 -23.17 13.05 -9.27
N LEU A 230 -22.92 14.32 -8.95
CA LEU A 230 -23.76 15.08 -8.05
C LEU A 230 -24.22 16.33 -8.78
N LEU A 231 -25.53 16.58 -8.77
CA LEU A 231 -26.09 17.69 -9.53
C LEU A 231 -26.86 18.64 -8.63
N SER A 232 -26.73 19.93 -8.91
CA SER A 232 -27.55 20.96 -8.27
C SER A 232 -28.89 21.08 -9.00
N ASP A 233 -29.78 21.89 -8.43
CA ASP A 233 -31.09 22.09 -9.03
C ASP A 233 -30.99 22.72 -10.42
N ARG A 234 -29.98 23.55 -10.64
CA ARG A 234 -29.74 24.16 -11.94
C ARG A 234 -29.37 23.11 -12.98
N ALA A 235 -28.43 22.23 -12.64
CA ALA A 235 -28.05 21.15 -13.55
C ALA A 235 -29.23 20.20 -13.79
N VAL A 236 -30.04 19.97 -12.76
CA VAL A 236 -31.21 19.12 -12.93
C VAL A 236 -32.20 19.75 -13.89
N GLU A 237 -32.44 21.06 -13.74
CA GLU A 237 -33.32 21.78 -14.66
C GLU A 237 -32.82 21.66 -16.09
N ILE A 238 -31.52 21.84 -16.30
CA ILE A 238 -30.99 21.79 -17.66
C ILE A 238 -31.08 20.38 -18.23
N LEU A 239 -30.77 19.36 -17.41
CA LEU A 239 -30.86 17.98 -17.88
C LEU A 239 -32.30 17.61 -18.25
N MET A 240 -33.27 18.08 -17.45
CA MET A 240 -34.66 17.75 -17.75
C MET A 240 -35.17 18.53 -18.96
N LYS A 241 -34.66 19.74 -19.18
CA LYS A 241 -34.98 20.45 -20.41
C LYS A 241 -34.40 19.73 -21.63
N ARG A 242 -33.20 19.16 -21.49
CA ARG A 242 -32.59 18.42 -22.57
C ARG A 242 -33.22 17.04 -22.78
N SER A 243 -33.88 16.49 -21.77
CA SER A 243 -34.49 15.17 -21.90
C SER A 243 -35.88 15.21 -22.52
N HIS A 244 -36.46 16.39 -22.70
CA HIS A 244 -37.73 16.55 -23.39
C HIS A 244 -37.51 17.17 -24.77
N LYS A 245 -38.60 17.28 -25.52
CA LYS A 245 -38.57 17.87 -26.86
C LYS A 245 -38.48 19.38 -26.80
N GLU A 246 -38.94 20.05 -27.86
CA GLU A 246 -38.81 21.50 -27.98
C GLU A 246 -39.96 22.24 -27.31
N SER A 247 -41.14 21.64 -27.24
CA SER A 247 -42.31 22.33 -26.71
C SER A 247 -42.48 22.08 -25.21
N SER A 248 -43.15 20.99 -24.83
CA SER A 248 -43.51 20.80 -23.43
C SER A 248 -43.03 19.48 -22.85
N GLU A 249 -43.97 18.56 -22.62
CA GLU A 249 -43.68 17.30 -21.94
C GLU A 249 -43.24 16.17 -22.86
N GLU A 250 -43.13 16.43 -24.17
CA GLU A 250 -42.75 15.36 -25.09
C GLU A 250 -41.34 14.86 -24.79
N LEU A 251 -41.24 13.60 -24.34
CA LEU A 251 -39.96 13.03 -23.97
C LEU A 251 -39.12 12.71 -25.21
N LYS A 252 -37.81 12.61 -25.00
CA LYS A 252 -36.89 12.23 -26.06
C LYS A 252 -35.71 11.47 -25.47
N TYR A 253 -34.98 10.79 -26.33
CA TYR A 253 -33.76 10.10 -25.93
C TYR A 253 -32.65 11.12 -25.65
N TYR A 254 -31.88 10.89 -24.59
CA TYR A 254 -30.78 11.79 -24.24
C TYR A 254 -29.79 11.03 -23.38
N ASP A 255 -28.52 11.03 -23.80
CA ASP A 255 -27.46 10.33 -23.09
C ASP A 255 -26.82 11.28 -22.08
N LEU A 256 -26.78 10.86 -20.81
CA LEU A 256 -26.20 11.70 -19.78
C LEU A 256 -24.68 11.82 -19.92
N TYR A 257 -24.02 10.77 -20.41
CA TYR A 257 -22.56 10.75 -20.48
C TYR A 257 -22.01 11.10 -21.85
N SER A 258 -22.72 10.78 -22.93
CA SER A 258 -22.22 11.04 -24.27
C SER A 258 -22.76 12.35 -24.86
N ASP A 259 -23.92 12.81 -24.43
CA ASP A 259 -24.49 14.07 -24.88
C ASP A 259 -24.32 15.16 -23.83
N PHE A 260 -24.83 14.92 -22.62
CA PHE A 260 -24.70 15.91 -21.55
C PHE A 260 -23.27 16.00 -21.04
N GLY A 261 -22.55 14.89 -21.01
CA GLY A 261 -21.21 14.89 -20.44
C GLY A 261 -20.21 15.61 -21.32
N LEU A 262 -20.22 15.32 -22.63
CA LEU A 262 -19.28 15.94 -23.55
C LEU A 262 -19.53 17.43 -23.75
N ALA A 263 -20.60 17.98 -23.17
CA ALA A 263 -20.88 19.41 -23.27
C ALA A 263 -20.45 20.18 -22.03
N LEU A 264 -19.75 19.52 -21.10
CA LEU A 264 -19.27 20.16 -19.88
C LEU A 264 -17.77 20.38 -19.96
N GLY A 265 -17.30 21.35 -19.21
CA GLY A 265 -15.88 21.62 -19.08
C GLY A 265 -15.50 22.98 -19.63
N THR A 266 -14.19 23.23 -19.66
CA THR A 266 -13.67 24.50 -20.17
C THR A 266 -13.68 24.54 -21.69
N HIS A 267 -13.21 23.47 -22.34
CA HIS A 267 -13.20 23.35 -23.80
C HIS A 267 -14.01 22.12 -24.20
N PRO A 268 -15.34 22.20 -24.11
CA PRO A 268 -16.17 21.01 -24.34
C PRO A 268 -16.19 20.60 -25.81
N ARG A 269 -16.31 19.28 -26.03
CA ARG A 269 -16.44 18.77 -27.39
C ARG A 269 -17.81 19.09 -27.99
N ILE A 270 -18.84 19.12 -27.16
CA ILE A 270 -20.20 19.42 -27.59
C ILE A 270 -20.56 20.80 -27.05
N GLU A 271 -21.39 21.52 -27.80
CA GLU A 271 -21.75 22.89 -27.47
C GLU A 271 -23.16 22.96 -26.92
N ASP A 272 -23.32 23.74 -25.85
CA ASP A 272 -24.63 23.95 -25.23
C ASP A 272 -24.53 25.19 -24.35
N GLU A 273 -25.33 26.21 -24.67
CA GLU A 273 -25.23 27.48 -23.94
C GLU A 273 -25.52 27.30 -22.45
N GLU A 274 -26.45 26.41 -22.11
CA GLU A 274 -26.84 26.23 -20.72
C GLU A 274 -25.97 25.23 -19.98
N VAL A 275 -25.44 24.24 -20.68
CA VAL A 275 -24.64 23.20 -20.02
C VAL A 275 -23.26 23.74 -19.65
N ASN A 276 -22.67 24.56 -20.54
CA ASN A 276 -21.33 25.08 -20.26
C ASN A 276 -21.32 26.03 -19.08
N THR A 277 -22.43 26.71 -18.80
CA THR A 277 -22.50 27.61 -17.67
C THR A 277 -22.42 26.87 -16.34
N LEU A 278 -22.56 25.55 -16.34
CA LEU A 278 -22.45 24.76 -15.11
C LEU A 278 -20.98 24.59 -14.74
N SER A 279 -20.65 24.94 -13.50
CA SER A 279 -19.30 24.69 -13.01
C SER A 279 -19.12 23.22 -12.72
N VAL A 280 -17.99 22.67 -13.14
CA VAL A 280 -17.70 21.24 -13.01
C VAL A 280 -16.52 21.07 -12.06
N ALA A 281 -16.65 20.11 -11.15
CA ALA A 281 -15.60 19.79 -10.20
C ALA A 281 -15.31 18.29 -10.25
N ILE A 282 -14.08 17.94 -10.59
CA ILE A 282 -13.65 16.55 -10.69
C ILE A 282 -12.86 16.22 -9.43
N LEU A 283 -13.32 15.21 -8.68
CA LEU A 283 -12.68 14.82 -7.43
C LEU A 283 -12.08 13.42 -7.57
N PRO A 284 -10.78 13.24 -7.37
CA PRO A 284 -10.22 11.88 -7.31
C PRO A 284 -10.70 11.18 -6.06
N LEU A 285 -11.16 9.94 -6.23
CA LEU A 285 -11.67 9.19 -5.10
C LEU A 285 -10.52 8.72 -4.22
N PRO A 286 -10.43 9.17 -2.96
CA PRO A 286 -9.29 8.79 -2.12
C PRO A 286 -9.29 7.29 -1.84
N GLY A 287 -8.17 6.64 -2.16
CA GLY A 287 -8.08 5.20 -2.05
C GLY A 287 -9.12 4.48 -2.87
N GLY A 288 -9.55 5.08 -3.99
CA GLY A 288 -10.66 4.53 -4.73
C GLY A 288 -10.30 3.29 -5.50
N GLU A 289 -11.27 2.39 -5.63
CA GLU A 289 -11.14 1.19 -6.44
C GLU A 289 -12.43 0.99 -7.22
N PHE A 290 -12.28 0.58 -8.48
CA PHE A 290 -13.39 0.49 -9.42
C PHE A 290 -13.43 -0.90 -10.05
N TYR A 291 -14.62 -1.52 -10.05
CA TYR A 291 -14.78 -2.83 -10.65
C TYR A 291 -16.06 -2.81 -11.47
N HIS A 292 -15.92 -2.86 -12.80
CA HIS A 292 -17.08 -2.85 -13.67
C HIS A 292 -17.79 -4.20 -13.63
N TYR A 293 -19.12 -4.14 -13.77
CA TYR A 293 -19.97 -5.33 -13.82
C TYR A 293 -21.00 -5.16 -14.93
N GLY A 294 -20.55 -4.79 -16.12
CA GLY A 294 -21.44 -4.49 -17.21
C GLY A 294 -21.41 -5.52 -18.32
N THR A 295 -20.35 -6.32 -18.38
CA THR A 295 -20.22 -7.36 -19.38
C THR A 295 -20.03 -8.71 -18.70
N SER A 296 -20.24 -9.78 -19.49
CA SER A 296 -20.10 -11.13 -18.97
C SER A 296 -18.67 -11.41 -18.52
N LYS A 297 -17.68 -10.96 -19.29
CA LYS A 297 -16.28 -11.11 -18.90
C LYS A 297 -15.98 -10.36 -17.62
N GLU A 298 -16.46 -9.12 -17.50
CA GLU A 298 -16.23 -8.35 -16.29
C GLU A 298 -16.87 -8.98 -15.07
N LEU A 299 -18.04 -9.62 -15.24
CA LEU A 299 -18.70 -10.31 -14.14
C LEU A 299 -17.75 -11.25 -13.41
N ILE A 300 -16.86 -11.91 -14.14
CA ILE A 300 -15.88 -12.81 -13.53
C ILE A 300 -14.60 -12.05 -13.16
N SER A 301 -14.13 -11.16 -14.03
CA SER A 301 -12.82 -10.55 -13.82
C SER A 301 -12.83 -9.60 -12.62
N SER A 302 -13.88 -8.80 -12.46
CA SER A 302 -13.95 -7.89 -11.33
C SER A 302 -14.04 -8.64 -10.01
N THR A 303 -14.82 -9.72 -9.98
CA THR A 303 -14.91 -10.54 -8.78
C THR A 303 -13.55 -11.17 -8.46
N LEU A 304 -12.85 -11.64 -9.50
CA LEU A 304 -11.51 -12.19 -9.29
C LEU A 304 -10.57 -11.13 -8.71
N SER A 305 -10.64 -9.90 -9.21
CA SER A 305 -9.80 -8.83 -8.68
C SER A 305 -10.10 -8.58 -7.20
N VAL A 306 -11.39 -8.43 -6.87
CA VAL A 306 -11.77 -8.19 -5.48
C VAL A 306 -11.27 -9.32 -4.59
N GLN A 307 -11.36 -10.56 -5.07
CA GLN A 307 -10.79 -11.68 -4.33
C GLN A 307 -9.29 -11.55 -4.21
N ASN A 308 -8.62 -11.09 -5.26
CA ASN A 308 -7.17 -10.94 -5.26
C ASN A 308 -6.73 -9.61 -4.70
N LYS A 309 -7.57 -8.97 -3.88
CA LYS A 309 -7.08 -7.80 -3.15
C LYS A 309 -6.21 -8.23 -1.98
N VAL A 310 -6.57 -9.33 -1.33
CA VAL A 310 -5.83 -9.87 -0.20
C VAL A 310 -5.38 -11.29 -0.52
N TYR A 311 -4.12 -11.60 -0.19
CA TYR A 311 -3.58 -12.95 -0.30
C TYR A 311 -3.13 -13.53 1.03
N ASP A 312 -2.95 -12.70 2.06
CA ASP A 312 -2.46 -13.19 3.34
C ASP A 312 -3.48 -14.15 3.94
N GLN A 313 -3.05 -15.39 4.14
CA GLN A 313 -3.94 -16.41 4.71
C GLN A 313 -4.34 -16.09 6.14
N ARG A 314 -3.52 -15.34 6.87
CA ARG A 314 -3.87 -14.93 8.22
C ARG A 314 -5.04 -13.96 8.24
N ARG A 315 -5.40 -13.37 7.10
CA ARG A 315 -6.49 -12.43 6.99
C ARG A 315 -7.62 -12.96 6.12
N ILE A 316 -7.57 -14.23 5.75
CA ILE A 316 -8.59 -14.88 4.94
C ILE A 316 -9.31 -15.87 5.84
N MET A 317 -10.59 -15.58 6.13
CA MET A 317 -11.39 -16.43 6.99
C MET A 317 -12.02 -17.59 6.24
N HIS A 318 -12.05 -17.52 4.91
CA HIS A 318 -12.60 -18.57 4.07
C HIS A 318 -11.47 -19.56 3.79
N ARG A 319 -11.45 -20.66 4.53
CA ARG A 319 -10.35 -21.62 4.44
C ARG A 319 -10.71 -22.74 3.48
N LYS A 320 -10.71 -22.38 2.19
CA LYS A 320 -10.99 -23.30 1.10
C LYS A 320 -9.92 -23.14 0.03
N VAL A 321 -9.35 -24.26 -0.40
CA VAL A 321 -8.40 -24.25 -1.50
C VAL A 321 -9.20 -24.46 -2.78
N LYS A 322 -9.32 -23.42 -3.58
CA LYS A 322 -10.05 -23.65 -4.82
C LYS A 322 -9.10 -24.19 -5.88
N PRO A 323 -9.61 -24.99 -6.83
CA PRO A 323 -8.75 -25.45 -7.93
C PRO A 323 -8.24 -24.29 -8.79
N ASN A 324 -8.96 -23.17 -8.80
CA ASN A 324 -8.62 -21.96 -9.52
C ASN A 324 -9.30 -20.81 -8.80
N PRO A 325 -8.64 -19.66 -8.66
CA PRO A 325 -9.29 -18.54 -7.96
C PRO A 325 -10.49 -17.96 -8.69
N ALA A 326 -10.60 -18.15 -10.00
CA ALA A 326 -11.70 -17.59 -10.78
C ALA A 326 -12.87 -18.56 -10.91
N MET A 327 -13.28 -19.15 -9.78
CA MET A 327 -14.42 -20.06 -9.74
C MET A 327 -15.38 -19.56 -8.66
N PHE A 328 -16.57 -19.10 -9.06
CA PHE A 328 -17.53 -18.51 -8.15
C PHE A 328 -18.86 -19.22 -8.27
N VAL A 329 -19.34 -19.78 -7.16
CA VAL A 329 -20.58 -20.54 -7.12
C VAL A 329 -21.47 -19.93 -6.03
N GLN A 330 -22.64 -19.44 -6.44
CA GLN A 330 -23.62 -18.89 -5.52
C GLN A 330 -24.98 -19.51 -5.80
N ASN A 331 -25.74 -19.76 -4.74
CA ASN A 331 -27.15 -20.19 -4.86
C ASN A 331 -27.29 -21.32 -5.87
N ALA A 332 -26.43 -22.33 -5.74
CA ALA A 332 -26.34 -23.33 -6.78
C ALA A 332 -26.02 -24.70 -6.17
N VAL A 333 -26.32 -25.74 -6.93
CA VAL A 333 -25.95 -27.11 -6.62
C VAL A 333 -25.08 -27.62 -7.77
N VAL A 334 -23.88 -28.09 -7.45
CA VAL A 334 -22.93 -28.56 -8.44
C VAL A 334 -22.70 -30.04 -8.18
N ARG A 335 -23.07 -30.89 -9.14
CA ARG A 335 -22.96 -32.33 -9.02
C ARG A 335 -21.75 -32.90 -9.77
N ILE A 336 -21.01 -32.06 -10.49
CA ILE A 336 -19.80 -32.51 -11.18
C ILE A 336 -18.58 -32.05 -10.39
N PRO A 337 -17.44 -32.73 -10.50
CA PRO A 337 -16.22 -32.23 -9.85
C PRO A 337 -15.60 -31.11 -10.66
N LEU A 338 -15.11 -30.11 -9.95
CA LEU A 338 -14.45 -28.96 -10.56
C LEU A 338 -12.94 -29.08 -10.39
N CYS A 339 -12.21 -28.88 -11.47
CA CYS A 339 -10.76 -29.05 -11.50
C CYS A 339 -10.09 -27.75 -11.91
N ALA A 340 -8.76 -27.79 -12.01
CA ALA A 340 -8.00 -26.59 -12.30
C ALA A 340 -8.27 -26.06 -13.70
N GLU A 341 -8.67 -26.92 -14.62
CA GLU A 341 -8.96 -26.51 -15.99
C GLU A 341 -10.30 -25.80 -16.12
N ASN A 342 -11.10 -25.75 -15.06
CA ASN A 342 -12.41 -25.09 -15.09
C ASN A 342 -12.32 -23.65 -14.59
N ALA A 343 -11.37 -22.89 -15.14
CA ALA A 343 -11.17 -21.51 -14.74
C ALA A 343 -12.23 -20.61 -15.37
N ASP A 344 -12.35 -19.40 -14.82
CA ASP A 344 -13.30 -18.38 -15.29
C ASP A 344 -14.73 -18.94 -15.30
N LEU A 345 -15.16 -19.40 -14.14
CA LEU A 345 -16.45 -20.08 -13.98
C LEU A 345 -17.34 -19.25 -13.05
N TRP A 346 -18.58 -19.02 -13.49
CA TRP A 346 -19.59 -18.31 -12.70
C TRP A 346 -20.88 -19.12 -12.76
N ILE A 347 -21.23 -19.73 -11.64
CA ILE A 347 -22.46 -20.53 -11.52
C ILE A 347 -23.33 -19.89 -10.46
N GLU A 348 -24.55 -19.53 -10.82
CA GLU A 348 -25.47 -18.88 -9.89
C GLU A 348 -26.90 -19.26 -10.23
N ASN A 349 -27.69 -19.60 -9.20
CA ASN A 349 -29.10 -19.95 -9.35
C ASN A 349 -29.28 -21.11 -10.33
N SER A 350 -28.36 -22.07 -10.27
CA SER A 350 -28.34 -23.15 -11.25
C SER A 350 -28.08 -24.48 -10.58
N HIS A 351 -28.54 -25.54 -11.24
CA HIS A 351 -28.25 -26.91 -10.85
C HIS A 351 -27.46 -27.56 -11.97
N ILE A 352 -26.24 -27.98 -11.66
CA ILE A 352 -25.35 -28.61 -12.62
C ILE A 352 -25.43 -30.11 -12.39
N GLY A 353 -26.12 -30.82 -13.27
CA GLY A 353 -26.29 -32.25 -13.12
C GLY A 353 -24.98 -33.00 -13.25
N PRO A 354 -24.94 -34.23 -12.73
CA PRO A 354 -23.68 -34.98 -12.73
C PRO A 354 -23.19 -35.35 -14.12
N LYS A 355 -24.06 -35.41 -15.11
CA LYS A 355 -23.68 -35.79 -16.46
C LYS A 355 -23.27 -34.58 -17.31
N TRP A 356 -23.11 -33.41 -16.70
CA TRP A 356 -22.63 -32.24 -17.41
C TRP A 356 -21.16 -32.38 -17.75
N LYS A 357 -20.74 -31.71 -18.83
CA LYS A 357 -19.36 -31.66 -19.26
C LYS A 357 -19.03 -30.21 -19.59
N ILE A 358 -18.16 -29.59 -18.80
CA ILE A 358 -17.83 -28.19 -18.95
C ILE A 358 -16.33 -28.05 -19.17
N ALA A 359 -15.94 -26.88 -19.66
CA ALA A 359 -14.54 -26.53 -19.87
C ALA A 359 -14.18 -25.31 -19.04
N SER A 360 -13.97 -24.17 -19.70
CA SER A 360 -13.65 -22.93 -19.02
C SER A 360 -14.43 -21.78 -19.66
N ARG A 361 -14.40 -20.64 -18.99
CA ARG A 361 -15.08 -19.41 -19.42
C ARG A 361 -16.59 -19.68 -19.61
N HIS A 362 -17.25 -19.90 -18.47
CA HIS A 362 -18.67 -20.21 -18.44
C HIS A 362 -19.40 -19.25 -17.51
N ILE A 363 -20.66 -18.98 -17.84
CA ILE A 363 -21.58 -18.26 -16.97
C ILE A 363 -22.90 -19.01 -17.00
N ILE A 364 -23.22 -19.72 -15.93
CA ILE A 364 -24.40 -20.57 -15.86
C ILE A 364 -25.36 -19.96 -14.85
N THR A 365 -26.53 -19.53 -15.33
CA THR A 365 -27.50 -18.83 -14.50
C THR A 365 -28.90 -19.38 -14.74
N GLY A 366 -29.67 -19.51 -13.67
CA GLY A 366 -31.09 -19.82 -13.75
C GLY A 366 -31.45 -21.23 -14.13
N VAL A 367 -30.48 -22.14 -14.21
CA VAL A 367 -30.74 -23.51 -14.67
C VAL A 367 -31.47 -24.30 -13.59
N PRO A 368 -32.65 -24.86 -13.89
CA PRO A 368 -33.37 -25.66 -12.89
C PRO A 368 -32.72 -27.02 -12.66
N GLU A 369 -33.26 -27.80 -11.73
CA GLU A 369 -32.71 -29.12 -11.45
C GLU A 369 -32.88 -30.02 -12.67
N ASN A 370 -31.85 -30.81 -12.96
CA ASN A 370 -31.84 -31.62 -14.17
C ASN A 370 -30.80 -32.71 -14.03
N ASP A 371 -30.86 -33.67 -14.95
CA ASP A 371 -29.86 -34.71 -15.13
C ASP A 371 -29.41 -34.75 -16.58
N TRP A 372 -29.20 -33.58 -17.17
CA TRP A 372 -28.85 -33.49 -18.58
C TRP A 372 -27.47 -34.07 -18.84
N SER A 373 -27.29 -34.61 -20.04
CA SER A 373 -25.97 -35.00 -20.53
C SER A 373 -25.46 -33.91 -21.47
N LEU A 374 -25.24 -32.74 -20.89
CA LEU A 374 -24.95 -31.52 -21.63
C LEU A 374 -23.45 -31.25 -21.62
N ALA A 375 -22.89 -31.04 -22.80
CA ALA A 375 -21.49 -30.64 -22.95
C ALA A 375 -21.45 -29.16 -23.31
N VAL A 376 -20.79 -28.37 -22.46
CA VAL A 376 -20.70 -26.92 -22.65
C VAL A 376 -19.29 -26.62 -23.17
N PRO A 377 -19.12 -26.24 -24.43
CA PRO A 377 -17.80 -25.89 -24.94
C PRO A 377 -17.24 -24.66 -24.24
N ALA A 378 -15.93 -24.52 -24.31
CA ALA A 378 -15.27 -23.39 -23.67
C ALA A 378 -15.73 -22.07 -24.30
N GLY A 379 -16.05 -21.09 -23.45
CA GLY A 379 -16.44 -19.77 -23.88
C GLY A 379 -17.93 -19.54 -24.06
N VAL A 380 -18.77 -20.57 -23.98
CA VAL A 380 -20.21 -20.40 -24.15
C VAL A 380 -20.87 -20.48 -22.79
N CYS A 381 -21.92 -19.69 -22.60
CA CYS A 381 -22.65 -19.59 -21.35
C CYS A 381 -24.09 -20.01 -21.58
N VAL A 382 -24.71 -20.53 -20.52
CA VAL A 382 -26.08 -21.01 -20.55
C VAL A 382 -26.89 -20.22 -19.54
N ASP A 383 -28.04 -19.69 -19.99
CA ASP A 383 -28.95 -18.98 -19.12
C ASP A 383 -30.35 -19.54 -19.31
N VAL A 384 -31.08 -19.70 -18.21
CA VAL A 384 -32.44 -20.20 -18.24
C VAL A 384 -33.32 -19.20 -17.51
N VAL A 385 -34.28 -18.63 -18.22
CA VAL A 385 -35.14 -17.59 -17.67
C VAL A 385 -36.54 -18.18 -17.49
N PRO A 386 -37.08 -18.20 -16.27
CA PRO A 386 -38.47 -18.65 -16.09
C PRO A 386 -39.44 -17.73 -16.82
N MET A 387 -40.31 -18.34 -17.64
CA MET A 387 -41.26 -17.60 -18.45
C MET A 387 -42.64 -18.23 -18.29
N GLY A 388 -43.67 -17.38 -18.22
CA GLY A 388 -45.00 -17.91 -18.01
C GLY A 388 -45.13 -18.49 -16.61
N ASP A 389 -46.10 -19.39 -16.47
CA ASP A 389 -46.34 -20.05 -15.20
C ASP A 389 -45.45 -21.26 -14.98
N LYS A 390 -45.09 -21.96 -16.05
CA LYS A 390 -44.29 -23.19 -15.92
C LYS A 390 -43.21 -23.32 -16.98
N GLY A 391 -43.00 -22.33 -17.85
CA GLY A 391 -42.10 -22.47 -18.96
C GLY A 391 -40.70 -21.94 -18.67
N PHE A 392 -39.77 -22.31 -19.55
CA PHE A 392 -38.38 -21.88 -19.48
C PHE A 392 -37.93 -21.41 -20.85
N VAL A 393 -37.30 -20.23 -20.88
CA VAL A 393 -36.64 -19.73 -22.07
C VAL A 393 -35.15 -20.05 -21.95
N ALA A 394 -34.61 -20.72 -22.97
CA ALA A 394 -33.21 -21.10 -23.01
C ALA A 394 -32.43 -20.08 -23.83
N ARG A 395 -31.50 -19.37 -23.17
CA ARG A 395 -30.60 -18.42 -23.84
C ARG A 395 -29.17 -18.93 -23.69
N PRO A 396 -28.68 -19.69 -24.66
CA PRO A 396 -27.23 -19.90 -24.74
C PRO A 396 -26.62 -18.73 -25.49
N TYR A 397 -25.46 -18.27 -25.01
CA TYR A 397 -24.79 -17.13 -25.61
C TYR A 397 -23.30 -17.32 -25.44
N GLY A 398 -22.53 -16.33 -25.86
CA GLY A 398 -21.08 -16.36 -25.78
C GLY A 398 -20.57 -15.38 -24.75
N LEU A 399 -19.44 -15.74 -24.12
CA LEU A 399 -18.83 -14.85 -23.14
C LEU A 399 -18.39 -13.53 -23.78
N ASP A 400 -18.16 -13.53 -25.10
CA ASP A 400 -17.74 -12.35 -25.83
C ASP A 400 -18.85 -11.75 -26.68
N ASP A 401 -20.04 -12.36 -26.69
CA ASP A 401 -21.14 -11.84 -27.49
C ASP A 401 -21.57 -10.48 -26.97
N VAL A 402 -21.78 -9.54 -27.90
CA VAL A 402 -22.19 -8.19 -27.56
C VAL A 402 -23.68 -7.97 -27.81
N PHE A 403 -24.31 -8.78 -28.67
CA PHE A 403 -25.72 -8.67 -29.02
C PHE A 403 -26.03 -7.27 -29.58
N LYS A 404 -25.49 -7.04 -30.77
CA LYS A 404 -25.66 -5.79 -31.50
C LYS A 404 -25.20 -6.01 -32.94
N GLY A 405 -25.87 -5.34 -33.86
CA GLY A 405 -25.53 -5.42 -35.27
C GLY A 405 -26.52 -6.26 -36.06
N ASP A 406 -26.35 -6.21 -37.38
CA ASP A 406 -27.21 -6.94 -38.30
C ASP A 406 -26.89 -8.43 -38.27
N LEU A 407 -27.93 -9.25 -38.49
CA LEU A 407 -27.76 -10.70 -38.42
C LEU A 407 -26.85 -11.24 -39.51
N ARG A 408 -26.84 -10.61 -40.69
CA ARG A 408 -26.10 -11.16 -41.82
C ARG A 408 -24.63 -10.75 -41.80
N ASP A 409 -24.23 -9.88 -40.88
CA ASP A 409 -22.84 -9.48 -40.77
C ASP A 409 -22.06 -10.59 -40.07
N SER A 410 -20.88 -10.94 -40.61
CA SER A 410 -20.08 -11.99 -40.02
C SER A 410 -19.64 -11.64 -38.60
N LYS A 411 -19.61 -10.35 -38.25
CA LYS A 411 -19.20 -9.95 -36.91
C LYS A 411 -20.27 -10.22 -35.86
N THR A 412 -21.54 -10.25 -36.25
CA THR A 412 -22.61 -10.58 -35.32
C THR A 412 -22.49 -12.05 -34.89
N THR A 413 -22.25 -12.27 -33.61
CA THR A 413 -21.88 -13.58 -33.09
C THR A 413 -22.92 -14.08 -32.11
N LEU A 414 -23.05 -15.41 -32.03
CA LEU A 414 -23.90 -16.07 -31.05
C LEU A 414 -23.18 -17.33 -30.58
N THR A 415 -22.92 -17.40 -29.28
CA THR A 415 -22.14 -18.49 -28.67
C THR A 415 -20.76 -18.61 -29.31
N GLY A 416 -20.15 -17.46 -29.61
CA GLY A 416 -18.85 -17.42 -30.24
C GLY A 416 -18.84 -17.69 -31.73
N ILE A 417 -19.95 -18.16 -32.28
CA ILE A 417 -20.06 -18.50 -33.70
C ILE A 417 -20.79 -17.37 -34.40
N PRO A 418 -20.39 -16.98 -35.61
CA PRO A 418 -21.18 -16.00 -36.38
C PRO A 418 -22.61 -16.51 -36.58
N PHE A 419 -23.57 -15.57 -36.51
CA PHE A 419 -24.98 -15.96 -36.50
C PHE A 419 -25.38 -16.66 -37.78
N GLY A 420 -24.83 -16.22 -38.92
CA GLY A 420 -25.08 -16.92 -40.17
C GLY A 420 -24.60 -18.36 -40.13
N GLU A 421 -23.43 -18.60 -39.55
CA GLU A 421 -22.94 -19.96 -39.40
C GLU A 421 -23.78 -20.76 -38.42
N TRP A 422 -24.25 -20.11 -37.34
CA TRP A 422 -25.14 -20.77 -36.40
C TRP A 422 -26.41 -21.23 -37.10
N MET A 423 -26.95 -20.40 -37.99
CA MET A 423 -28.14 -20.78 -38.75
C MET A 423 -27.84 -21.90 -39.74
N SER A 424 -26.72 -21.79 -40.46
CA SER A 424 -26.44 -22.76 -41.52
C SER A 424 -26.12 -24.14 -40.94
N LYS A 425 -25.42 -24.21 -39.82
CA LYS A 425 -25.04 -25.50 -39.26
C LYS A 425 -26.22 -26.26 -38.69
N ARG A 426 -27.32 -25.59 -38.38
CA ARG A 426 -28.52 -26.23 -37.84
C ARG A 426 -29.62 -26.38 -38.88
N GLY A 427 -29.31 -26.22 -40.15
CA GLY A 427 -30.30 -26.38 -41.20
C GLY A 427 -31.45 -25.39 -41.11
N LEU A 428 -31.17 -24.16 -40.70
CA LEU A 428 -32.19 -23.13 -40.57
C LEU A 428 -31.95 -22.02 -41.58
N SER A 429 -33.02 -21.31 -41.91
CA SER A 429 -32.97 -20.20 -42.85
C SER A 429 -33.60 -18.97 -42.21
N TYR A 430 -33.30 -17.81 -42.78
CA TYR A 430 -33.82 -16.55 -42.26
C TYR A 430 -35.33 -16.42 -42.45
N THR A 431 -35.97 -17.32 -43.19
CA THR A 431 -37.42 -17.35 -43.31
C THR A 431 -38.08 -17.91 -42.06
N ASP A 432 -37.31 -18.47 -41.13
CA ASP A 432 -37.84 -18.95 -39.86
C ASP A 432 -37.86 -17.88 -38.78
N LEU A 433 -37.27 -16.72 -39.04
CA LEU A 433 -37.23 -15.62 -38.09
C LEU A 433 -38.08 -14.48 -38.63
N LYS A 434 -39.36 -14.45 -38.24
CA LYS A 434 -40.25 -13.36 -38.60
C LYS A 434 -40.16 -12.27 -37.54
N GLY A 435 -39.90 -11.05 -37.99
CA GLY A 435 -39.72 -9.94 -37.06
C GLY A 435 -38.49 -9.11 -37.39
N ARG A 436 -37.75 -8.72 -36.36
CA ARG A 436 -36.58 -7.87 -36.55
C ARG A 436 -35.41 -8.68 -37.08
N THR A 437 -34.57 -8.02 -37.88
CA THR A 437 -33.39 -8.67 -38.45
C THR A 437 -32.14 -7.80 -38.45
N ASP A 438 -32.23 -6.52 -38.10
CA ASP A 438 -31.07 -5.63 -38.10
C ASP A 438 -30.37 -5.54 -36.74
N ASP A 439 -30.92 -6.16 -35.70
CA ASP A 439 -30.35 -6.09 -34.36
C ASP A 439 -30.51 -7.46 -33.71
N LEU A 440 -29.38 -8.06 -33.33
CA LEU A 440 -29.43 -9.38 -32.69
C LEU A 440 -30.17 -9.33 -31.36
N GLN A 441 -30.18 -8.17 -30.71
CA GLN A 441 -30.88 -8.03 -29.43
C GLN A 441 -32.39 -8.22 -29.62
N ALA A 442 -32.91 -7.95 -30.81
CA ALA A 442 -34.34 -7.99 -31.06
C ALA A 442 -34.75 -9.19 -31.92
N VAL A 443 -33.89 -10.19 -32.04
CA VAL A 443 -34.16 -11.38 -32.85
C VAL A 443 -34.76 -12.45 -31.95
N SER A 444 -36.00 -12.85 -32.25
CA SER A 444 -36.66 -13.92 -31.50
C SER A 444 -36.07 -15.25 -31.94
N VAL A 445 -35.06 -15.71 -31.19
CA VAL A 445 -34.34 -16.92 -31.56
C VAL A 445 -34.27 -17.87 -30.37
N PHE A 446 -34.61 -17.38 -29.18
CA PHE A 446 -34.49 -18.19 -27.97
C PHE A 446 -35.81 -18.89 -27.68
N PRO A 447 -35.84 -20.22 -27.65
CA PRO A 447 -37.11 -20.94 -27.54
C PRO A 447 -37.63 -20.99 -26.11
N MET A 448 -38.95 -20.97 -25.99
CA MET A 448 -39.62 -21.18 -24.71
C MET A 448 -40.16 -22.62 -24.69
N VAL A 449 -39.62 -23.43 -23.79
CA VAL A 449 -40.06 -24.80 -23.66
C VAL A 449 -40.93 -24.92 -22.42
N ASN A 450 -41.57 -26.09 -22.27
CA ASN A 450 -42.50 -26.33 -21.17
C ASN A 450 -42.06 -27.48 -20.28
N SER A 451 -40.84 -28.00 -20.47
CA SER A 451 -40.35 -29.12 -19.68
C SER A 451 -38.84 -29.03 -19.58
N VAL A 452 -38.31 -29.53 -18.45
CA VAL A 452 -36.86 -29.57 -18.27
C VAL A 452 -36.21 -30.49 -19.29
N GLU A 453 -36.91 -31.56 -19.69
CA GLU A 453 -36.37 -32.45 -20.71
C GLU A 453 -36.24 -31.73 -22.05
N GLU A 454 -37.29 -31.04 -22.48
CA GLU A 454 -37.22 -30.26 -23.71
C GLU A 454 -36.19 -29.14 -23.59
N LEU A 455 -36.08 -28.54 -22.40
CA LEU A 455 -35.07 -27.52 -22.17
C LEU A 455 -33.67 -28.07 -22.43
N GLY A 456 -33.35 -29.23 -21.84
CA GLY A 456 -32.06 -29.83 -22.05
C GLY A 456 -31.82 -30.24 -23.49
N LEU A 457 -32.85 -30.80 -24.14
CA LEU A 457 -32.70 -31.21 -25.54
C LEU A 457 -32.42 -30.01 -26.43
N VAL A 458 -33.17 -28.93 -26.26
CA VAL A 458 -32.98 -27.77 -27.13
C VAL A 458 -31.68 -27.05 -26.79
N LEU A 459 -31.21 -27.13 -25.53
CA LEU A 459 -29.93 -26.55 -25.20
C LEU A 459 -28.78 -27.35 -25.82
N ARG A 460 -28.88 -28.68 -25.79
CA ARG A 460 -27.90 -29.51 -26.50
C ARG A 460 -27.90 -29.20 -27.98
N TRP A 461 -29.09 -29.00 -28.57
CA TRP A 461 -29.16 -28.69 -29.99
C TRP A 461 -28.55 -27.34 -30.30
N MET A 462 -28.79 -26.34 -29.46
CA MET A 462 -28.28 -25.00 -29.69
C MET A 462 -26.79 -24.87 -29.38
N LEU A 463 -26.18 -25.86 -28.74
CA LEU A 463 -24.76 -25.78 -28.41
C LEU A 463 -23.93 -26.65 -29.36
N SER A 464 -23.37 -27.74 -28.85
CA SER A 464 -22.41 -28.55 -29.59
C SER A 464 -23.02 -29.81 -30.20
N GLU A 465 -24.34 -29.83 -30.38
CA GLU A 465 -25.01 -30.94 -31.05
C GLU A 465 -26.08 -30.40 -32.01
N PRO A 466 -25.64 -29.73 -33.08
CA PRO A 466 -26.61 -29.19 -34.05
C PRO A 466 -27.35 -30.26 -34.84
N GLU A 467 -26.88 -31.51 -34.80
CA GLU A 467 -27.51 -32.61 -35.51
C GLU A 467 -28.59 -33.31 -34.70
N LEU A 468 -28.91 -32.79 -33.51
CA LEU A 468 -29.91 -33.42 -32.66
C LEU A 468 -31.30 -33.19 -33.23
N GLU A 469 -31.96 -34.29 -33.63
CA GLU A 469 -33.26 -34.19 -34.30
C GLU A 469 -34.29 -33.53 -33.40
N GLU A 470 -34.44 -34.07 -32.18
CA GLU A 470 -35.50 -33.62 -31.30
C GLU A 470 -35.28 -32.18 -30.85
N GLY A 471 -34.02 -31.76 -30.72
CA GLY A 471 -33.77 -30.36 -30.40
C GLY A 471 -34.30 -29.41 -31.45
N LYS A 472 -34.00 -29.69 -32.72
CA LYS A 472 -34.53 -28.87 -33.80
C LYS A 472 -36.05 -28.92 -33.84
N ASN A 473 -36.63 -30.10 -33.61
CA ASN A 473 -38.09 -30.21 -33.57
C ASN A 473 -38.68 -29.33 -32.47
N ILE A 474 -38.11 -29.39 -31.26
CA ILE A 474 -38.58 -28.59 -30.15
C ILE A 474 -38.45 -27.10 -30.46
N TRP A 475 -37.33 -26.70 -31.07
CA TRP A 475 -37.14 -25.29 -31.41
C TRP A 475 -38.20 -24.85 -32.41
N LEU A 476 -38.56 -25.72 -33.35
CA LEU A 476 -39.60 -25.37 -34.32
C LEU A 476 -40.98 -25.31 -33.67
N ARG A 477 -41.24 -26.18 -32.67
CA ARG A 477 -42.55 -26.17 -32.02
C ARG A 477 -42.73 -24.98 -31.09
N SER A 478 -41.64 -24.45 -30.55
CA SER A 478 -41.71 -23.51 -29.44
C SER A 478 -41.79 -22.06 -29.91
N GLU A 479 -42.36 -21.22 -29.06
CA GLU A 479 -42.37 -19.79 -29.30
C GLU A 479 -40.95 -19.24 -29.14
N HIS A 480 -40.64 -18.21 -29.93
CA HIS A 480 -39.31 -17.64 -29.95
C HIS A 480 -39.32 -16.26 -29.30
N PHE A 481 -38.33 -16.01 -28.44
CA PHE A 481 -38.17 -14.75 -27.74
C PHE A 481 -36.82 -14.14 -28.10
N SER A 482 -36.81 -12.82 -28.20
CA SER A 482 -35.58 -12.05 -28.27
C SER A 482 -35.14 -11.65 -26.87
N ALA A 483 -33.89 -11.20 -26.76
CA ALA A 483 -33.38 -10.75 -25.46
C ALA A 483 -34.26 -9.64 -24.89
N ASP A 484 -34.73 -8.73 -25.75
CA ASP A 484 -35.67 -7.71 -25.31
C ASP A 484 -36.95 -8.33 -24.78
N GLU A 485 -37.50 -9.30 -25.52
CA GLU A 485 -38.74 -9.95 -25.08
C GLU A 485 -38.52 -10.75 -23.79
N ILE A 486 -37.35 -11.37 -23.65
CA ILE A 486 -37.02 -12.07 -22.41
C ILE A 486 -37.04 -11.10 -21.24
N SER A 487 -36.30 -9.99 -21.37
CA SER A 487 -36.26 -9.00 -20.29
C SER A 487 -37.61 -8.38 -20.04
N ALA A 488 -38.48 -8.35 -21.05
CA ALA A 488 -39.78 -7.69 -20.90
C ALA A 488 -40.83 -8.61 -20.27
N GLY A 489 -40.71 -9.92 -20.45
CA GLY A 489 -41.75 -10.81 -19.98
C GLY A 489 -41.32 -11.81 -18.91
N ALA A 490 -40.07 -11.72 -18.47
CA ALA A 490 -39.52 -12.69 -17.54
C ALA A 490 -40.34 -12.77 -16.26
N ASN A 491 -40.58 -14.00 -15.80
CA ASN A 491 -41.26 -14.24 -14.53
C ASN A 491 -40.20 -14.22 -13.44
N LEU A 492 -39.97 -13.03 -12.88
CA LEU A 492 -38.92 -12.87 -11.88
C LEU A 492 -39.29 -13.53 -10.55
N LYS A 493 -40.59 -13.71 -10.27
CA LYS A 493 -40.99 -14.41 -9.05
C LYS A 493 -40.42 -15.82 -9.03
N ARG A 494 -40.58 -16.57 -10.12
CA ARG A 494 -40.06 -17.93 -10.17
C ARG A 494 -38.54 -17.96 -10.10
N LEU A 495 -37.88 -17.00 -10.75
CA LEU A 495 -36.43 -16.93 -10.69
C LEU A 495 -35.95 -16.72 -9.25
N TYR A 496 -36.54 -15.75 -8.55
CA TYR A 496 -36.17 -15.50 -7.17
C TYR A 496 -36.53 -16.68 -6.26
N ALA A 497 -37.63 -17.38 -6.56
CA ALA A 497 -38.01 -18.53 -5.74
C ALA A 497 -37.01 -19.67 -5.91
N GLN A 498 -36.57 -19.92 -7.14
CA GLN A 498 -35.53 -20.92 -7.37
C GLN A 498 -34.24 -20.53 -6.66
N ARG A 499 -33.85 -19.27 -6.76
CA ARG A 499 -32.66 -18.80 -6.06
C ARG A 499 -32.80 -19.00 -4.55
N GLU A 500 -33.99 -18.75 -4.01
CA GLU A 500 -34.19 -18.86 -2.57
C GLU A 500 -34.17 -20.31 -2.11
N GLU A 501 -34.72 -21.22 -2.91
CA GLU A 501 -34.64 -22.64 -2.57
C GLU A 501 -33.19 -23.12 -2.59
N PHE A 502 -32.43 -22.70 -3.62
CA PHE A 502 -31.01 -23.01 -3.67
C PHE A 502 -30.28 -22.47 -2.45
N ARG A 503 -30.57 -21.23 -2.05
CA ARG A 503 -29.90 -20.64 -0.89
C ARG A 503 -30.32 -21.33 0.40
N LYS A 504 -31.56 -21.81 0.48
CA LYS A 504 -31.97 -22.58 1.66
C LYS A 504 -31.15 -23.85 1.78
N GLY A 505 -30.93 -24.55 0.66
CA GLY A 505 -30.01 -25.69 0.70
C GLY A 505 -28.59 -25.27 1.06
N ASN A 506 -28.15 -24.13 0.53
CA ASN A 506 -26.77 -23.68 0.74
C ASN A 506 -26.52 -23.28 2.19
N TRP A 507 -27.54 -22.80 2.91
CA TRP A 507 -27.36 -22.47 4.31
C TRP A 507 -26.93 -23.70 5.10
N LYS A 508 -27.65 -24.81 4.94
CA LYS A 508 -27.26 -26.05 5.59
C LYS A 508 -25.89 -26.52 5.10
N ALA A 509 -25.67 -26.45 3.78
CA ALA A 509 -24.37 -26.89 3.25
C ALA A 509 -23.22 -26.11 3.87
N LEU A 510 -23.38 -24.79 4.02
CA LEU A 510 -22.31 -23.95 4.56
C LEU A 510 -22.15 -24.18 6.06
N ALA A 511 -23.25 -24.34 6.78
CA ALA A 511 -23.16 -24.59 8.21
C ALA A 511 -22.46 -25.91 8.51
N VAL A 512 -22.76 -26.95 7.73
CA VAL A 512 -22.09 -28.23 7.91
C VAL A 512 -20.60 -28.10 7.60
N ASN A 513 -20.26 -27.42 6.50
CA ASN A 513 -18.88 -27.25 6.07
C ASN A 513 -18.23 -26.02 6.70
N HIS A 514 -18.52 -25.75 7.97
CA HIS A 514 -18.09 -24.50 8.60
C HIS A 514 -16.57 -24.40 8.69
N GLU A 515 -15.89 -25.53 8.84
CA GLU A 515 -14.43 -25.51 8.96
C GLU A 515 -13.76 -24.96 7.70
N LYS A 516 -14.42 -25.01 6.55
CA LYS A 516 -13.85 -24.55 5.31
C LYS A 516 -14.69 -23.50 4.59
N SER A 517 -15.93 -23.26 5.02
CA SER A 517 -16.82 -22.33 4.34
C SER A 517 -16.71 -20.92 4.91
N VAL A 518 -17.53 -20.02 4.38
CA VAL A 518 -17.57 -18.62 4.80
C VAL A 518 -18.59 -18.42 5.90
N PHE A 519 -19.16 -19.52 6.41
CA PHE A 519 -20.35 -19.44 7.26
C PHE A 519 -20.15 -18.48 8.44
N TYR A 520 -19.14 -18.75 9.26
CA TYR A 520 -18.96 -18.00 10.50
C TYR A 520 -18.19 -16.70 10.33
N GLN A 521 -17.98 -16.25 9.09
CA GLN A 521 -17.52 -14.89 8.84
C GLN A 521 -18.62 -14.02 8.22
N LEU A 522 -19.80 -14.60 7.96
CA LEU A 522 -20.93 -13.86 7.46
C LEU A 522 -21.57 -13.02 8.56
N ASP A 523 -22.41 -12.07 8.16
CA ASP A 523 -23.32 -11.42 9.09
C ASP A 523 -24.25 -12.48 9.66
N LEU A 524 -24.01 -12.89 10.90
CA LEU A 524 -24.80 -13.97 11.49
C LEU A 524 -26.15 -13.50 12.01
N ALA A 525 -26.35 -12.19 12.18
CA ALA A 525 -27.68 -11.69 12.48
C ALA A 525 -28.60 -11.83 11.27
N ASP A 526 -28.12 -11.41 10.09
CA ASP A 526 -28.85 -11.65 8.85
C ASP A 526 -29.05 -13.15 8.62
N ALA A 527 -28.02 -13.95 8.94
CA ALA A 527 -28.14 -15.40 8.79
C ALA A 527 -29.24 -15.96 9.70
N ALA A 528 -29.31 -15.47 10.94
CA ALA A 528 -30.35 -15.93 11.85
C ALA A 528 -31.73 -15.54 11.35
N GLU A 529 -31.87 -14.31 10.85
CA GLU A 529 -33.15 -13.88 10.29
C GLU A 529 -33.56 -14.79 9.13
N ASP A 530 -32.61 -15.12 8.25
CA ASP A 530 -32.93 -15.97 7.11
C ASP A 530 -33.25 -17.40 7.56
N PHE A 531 -32.55 -17.89 8.58
CA PHE A 531 -32.84 -19.21 9.12
C PHE A 531 -34.26 -19.28 9.67
N VAL A 532 -34.68 -18.26 10.43
CA VAL A 532 -36.02 -18.26 10.98
C VAL A 532 -37.06 -18.13 9.86
N ARG A 533 -36.78 -17.30 8.86
CA ARG A 533 -37.76 -17.08 7.81
C ARG A 533 -37.92 -18.31 6.92
N LEU A 534 -36.82 -18.98 6.58
CA LEU A 534 -36.87 -20.15 5.71
C LEU A 534 -37.25 -21.42 6.46
N GLY A 535 -37.43 -21.37 7.77
CA GLY A 535 -37.80 -22.55 8.52
C GLY A 535 -36.66 -23.54 8.70
N LEU A 536 -35.44 -23.05 8.89
CA LEU A 536 -34.28 -23.91 9.05
C LEU A 536 -33.96 -24.07 10.53
N ASP A 537 -33.41 -25.24 10.85
CA ASP A 537 -33.01 -25.54 12.21
C ASP A 537 -31.69 -24.85 12.54
N MET A 538 -31.48 -24.60 13.82
CA MET A 538 -30.22 -24.01 14.25
C MET A 538 -29.07 -24.95 13.90
N PRO A 539 -27.89 -24.41 13.60
CA PRO A 539 -26.74 -25.30 13.38
C PRO A 539 -26.45 -26.07 14.66
N GLU A 540 -25.92 -27.27 14.50
CA GLU A 540 -25.62 -28.06 15.68
C GLU A 540 -24.43 -27.46 16.42
N LEU A 541 -24.30 -27.85 17.70
CA LEU A 541 -23.23 -27.31 18.52
C LEU A 541 -21.89 -27.79 17.99
N LEU A 542 -20.97 -26.86 17.80
CA LEU A 542 -19.64 -27.24 17.34
C LEU A 542 -18.94 -28.04 18.43
N PRO A 543 -18.14 -29.03 18.06
CA PRO A 543 -17.39 -29.79 19.07
C PRO A 543 -16.36 -28.90 19.76
N GLU A 544 -15.92 -29.37 20.94
CA GLU A 544 -14.92 -28.62 21.70
C GLU A 544 -13.60 -28.50 20.94
N ASP A 545 -13.38 -29.34 19.94
CA ASP A 545 -12.15 -29.31 19.16
C ASP A 545 -12.16 -28.23 18.08
N ALA A 546 -13.29 -27.58 17.86
CA ALA A 546 -13.38 -26.55 16.84
C ALA A 546 -12.70 -25.27 17.31
N LEU A 547 -12.54 -24.32 16.38
CA LEU A 547 -11.96 -23.03 16.72
C LEU A 547 -12.80 -22.34 17.78
N GLN A 548 -12.12 -21.72 18.76
CA GLN A 548 -12.83 -21.02 19.82
C GLN A 548 -13.72 -19.93 19.25
N MET A 549 -13.19 -19.13 18.33
CA MET A 549 -13.98 -18.09 17.68
C MET A 549 -15.20 -18.68 16.99
N SER A 550 -15.02 -19.81 16.27
CA SER A 550 -16.14 -20.46 15.61
C SER A 550 -17.16 -20.95 16.62
N ARG A 551 -16.71 -21.46 17.78
CA ARG A 551 -17.65 -21.92 18.79
C ARG A 551 -18.46 -20.77 19.36
N ILE A 552 -17.81 -19.63 19.62
CA ILE A 552 -18.53 -18.47 20.13
C ILE A 552 -19.54 -17.99 19.09
N HIS A 553 -19.12 -17.91 17.82
CA HIS A 553 -20.04 -17.55 16.75
C HIS A 553 -21.23 -18.48 16.71
N ASN A 554 -20.99 -19.79 16.82
CA ASN A 554 -22.07 -20.77 16.74
C ASN A 554 -23.05 -20.59 17.89
N ARG A 555 -22.55 -20.43 19.12
CA ARG A 555 -23.44 -20.28 20.26
C ARG A 555 -24.25 -18.98 20.15
N MET A 556 -23.61 -17.89 19.72
CA MET A 556 -24.34 -16.63 19.61
C MET A 556 -25.37 -16.68 18.49
N LEU A 557 -25.07 -17.38 17.39
CA LEU A 557 -26.04 -17.54 16.31
C LEU A 557 -27.23 -18.37 16.76
N ARG A 558 -26.98 -19.46 17.49
CA ARG A 558 -28.08 -20.24 18.04
C ARG A 558 -28.92 -19.41 19.00
N ALA A 559 -28.26 -18.60 19.83
CA ALA A 559 -29.00 -17.73 20.75
C ALA A 559 -29.88 -16.75 20.00
N ARG A 560 -29.36 -16.16 18.92
CA ARG A 560 -30.15 -15.19 18.16
C ARG A 560 -31.31 -15.88 17.44
N ILE A 561 -31.09 -17.09 16.92
CA ILE A 561 -32.17 -17.84 16.29
C ILE A 561 -33.26 -18.16 17.30
N LEU A 562 -32.87 -18.61 18.50
CA LEU A 562 -33.85 -18.88 19.55
C LEU A 562 -34.62 -17.63 19.93
N LYS A 563 -33.92 -16.49 20.02
CA LYS A 563 -34.60 -15.25 20.37
C LYS A 563 -35.59 -14.84 19.29
N LEU A 564 -35.20 -14.95 18.02
CA LEU A 564 -36.12 -14.63 16.93
C LEU A 564 -37.29 -15.59 16.85
N ASP A 565 -37.08 -16.84 17.28
CA ASP A 565 -38.15 -17.83 17.25
C ASP A 565 -39.08 -17.73 18.45
N GLY A 566 -38.67 -17.02 19.50
CA GLY A 566 -39.48 -16.91 20.70
C GLY A 566 -39.18 -17.91 21.78
N LYS A 567 -37.99 -18.50 21.79
CA LYS A 567 -37.60 -19.50 22.77
C LYS A 567 -36.61 -18.90 23.77
N ASP A 568 -36.11 -19.75 24.66
CA ASP A 568 -35.17 -19.34 25.69
C ASP A 568 -33.77 -19.27 25.11
N TYR A 569 -33.15 -18.09 25.17
CA TYR A 569 -31.83 -17.86 24.60
C TYR A 569 -30.77 -17.48 25.62
N ARG A 570 -31.14 -17.21 26.87
CA ARG A 570 -30.16 -16.83 27.88
C ARG A 570 -29.05 -17.85 28.11
N PRO A 571 -29.31 -19.16 28.20
CA PRO A 571 -28.18 -20.10 28.38
C PRO A 571 -27.23 -20.10 27.20
N GLU A 572 -27.74 -20.05 25.97
CA GLU A 572 -26.89 -20.02 24.79
C GLU A 572 -26.00 -18.77 24.78
N GLU A 573 -26.60 -17.62 25.07
CA GLU A 573 -25.86 -16.36 25.15
C GLU A 573 -24.76 -16.44 26.20
N GLN A 574 -25.10 -16.92 27.41
CA GLN A 574 -24.10 -17.04 28.46
C GLN A 574 -22.99 -18.00 28.08
N ALA A 575 -23.33 -19.10 27.39
CA ALA A 575 -22.31 -20.04 26.94
C ALA A 575 -21.35 -19.38 25.96
N ALA A 576 -21.90 -18.55 25.05
CA ALA A 576 -21.03 -17.81 24.14
C ALA A 576 -20.10 -16.87 24.90
N PHE A 577 -20.63 -16.16 25.89
CA PHE A 577 -19.78 -15.25 26.68
C PHE A 577 -18.70 -16.03 27.43
N ASP A 578 -19.06 -17.20 27.96
CA ASP A 578 -18.08 -18.03 28.66
C ASP A 578 -16.98 -18.50 27.72
N LEU A 579 -17.36 -18.88 26.50
CA LEU A 579 -16.35 -19.27 25.52
C LEU A 579 -15.45 -18.09 25.19
N LEU A 580 -15.99 -16.87 25.16
CA LEU A 580 -15.15 -15.70 24.92
C LEU A 580 -14.13 -15.51 26.03
N ARG A 581 -14.58 -15.51 27.28
CA ARG A 581 -13.65 -15.31 28.40
C ARG A 581 -12.59 -16.40 28.44
N ASP A 582 -12.98 -17.64 28.16
CA ASP A 582 -11.99 -18.72 28.10
C ASP A 582 -11.01 -18.52 26.95
N GLY A 583 -11.50 -18.03 25.81
CA GLY A 583 -10.63 -17.77 24.68
C GLY A 583 -9.58 -16.72 24.95
N LEU A 584 -9.94 -15.65 25.66
CA LEU A 584 -8.98 -14.57 25.89
C LEU A 584 -7.82 -14.97 26.80
N LEU A 585 -7.95 -16.04 27.57
CA LEU A 585 -6.86 -16.50 28.42
C LEU A 585 -5.65 -16.90 27.59
N ASP A 586 -4.51 -16.23 27.80
CA ASP A 586 -3.30 -16.50 27.03
C ASP A 586 -2.28 -17.14 27.94
N GLY A 587 -1.46 -16.36 28.65
CA GLY A 587 -0.56 -16.89 29.65
C GLY A 587 -1.15 -16.60 31.00
N ILE A 588 -2.48 -16.44 31.01
CA ILE A 588 -3.23 -16.12 32.21
C ILE A 588 -3.22 -17.25 33.22
N SER A 589 -2.79 -18.45 32.83
CA SER A 589 -2.64 -19.54 33.79
C SER A 589 -1.18 -19.76 34.19
N ASN A 590 -0.26 -19.74 33.23
CA ASN A 590 1.14 -20.01 33.49
C ASN A 590 1.98 -18.76 33.22
N ARG A 591 1.87 -17.79 34.12
CA ARG A 591 2.72 -16.59 34.15
C ARG A 591 3.16 -16.45 35.59
N LYS A 592 4.32 -17.03 35.92
CA LYS A 592 4.75 -17.14 37.30
C LYS A 592 5.65 -15.98 37.72
N SER A 593 5.44 -15.51 38.94
CA SER A 593 6.20 -14.42 39.55
C SER A 593 6.81 -14.91 40.87
N THR A 594 7.82 -14.19 41.34
CA THR A 594 8.48 -14.47 42.61
C THR A 594 8.54 -13.20 43.42
N PRO A 595 7.45 -12.83 44.09
CA PRO A 595 7.44 -11.58 44.86
C PRO A 595 8.35 -11.68 46.09
N LYS A 596 9.16 -10.63 46.28
CA LYS A 596 10.07 -10.53 47.41
C LYS A 596 9.94 -9.15 48.02
N LEU A 597 9.93 -9.08 49.36
CA LEU A 597 9.81 -7.80 50.05
C LEU A 597 10.99 -6.91 49.72
N ASP A 598 10.76 -5.88 48.89
CA ASP A 598 11.83 -5.06 48.34
C ASP A 598 11.94 -3.71 49.03
N VAL A 599 11.19 -3.48 50.10
CA VAL A 599 11.24 -2.23 50.84
C VAL A 599 11.67 -2.53 52.27
N TYR A 600 12.10 -1.48 52.96
CA TYR A 600 12.46 -1.60 54.35
C TYR A 600 11.20 -1.74 55.21
N SER A 601 11.40 -2.15 56.47
CA SER A 601 10.28 -2.55 57.32
C SER A 601 9.34 -1.40 57.61
N ASP A 602 9.86 -0.17 57.70
CA ASP A 602 9.06 1.00 58.04
C ASP A 602 8.70 1.83 56.82
N GLN A 603 8.78 1.27 55.62
CA GLN A 603 8.55 2.00 54.40
C GLN A 603 7.15 1.74 53.86
N ILE A 604 6.59 2.77 53.22
CA ILE A 604 5.28 2.69 52.58
C ILE A 604 5.45 3.06 51.12
N VAL A 605 4.86 2.26 50.24
CA VAL A 605 4.89 2.48 48.80
C VAL A 605 3.62 3.22 48.40
N TRP A 606 3.77 4.34 47.69
CA TRP A 606 2.66 5.15 47.22
C TRP A 606 2.67 5.14 45.70
N GLY A 607 1.65 4.55 45.10
CA GLY A 607 1.44 4.61 43.66
C GLY A 607 0.23 5.48 43.36
N ARG A 608 0.29 6.19 42.24
CA ARG A 608 -0.81 7.07 41.88
C ARG A 608 -0.82 7.26 40.36
N SER A 609 -2.01 7.42 39.82
CA SER A 609 -2.24 7.52 38.39
C SER A 609 -3.35 8.52 38.10
N PRO A 610 -3.23 9.24 36.99
CA PRO A 610 -4.32 10.07 36.50
C PRO A 610 -5.34 9.23 35.74
N VAL A 611 -6.44 9.88 35.36
CA VAL A 611 -7.45 9.24 34.52
C VAL A 611 -7.08 9.51 33.07
N ARG A 612 -8.00 9.23 32.15
CA ARG A 612 -7.74 9.39 30.73
C ARG A 612 -8.99 9.88 30.03
N ILE A 613 -8.80 10.59 28.92
CA ILE A 613 -9.86 10.92 27.98
C ILE A 613 -9.49 10.33 26.64
N ASP A 614 -10.38 9.53 26.07
CA ASP A 614 -10.16 8.95 24.76
C ASP A 614 -10.63 9.95 23.70
N MET A 615 -9.71 10.34 22.83
CA MET A 615 -10.05 11.31 21.79
C MET A 615 -10.72 10.64 20.60
N ALA A 616 -10.27 9.44 20.24
CA ALA A 616 -10.86 8.79 19.08
C ALA A 616 -10.57 7.30 19.11
N GLY A 617 -11.42 6.55 18.41
CA GLY A 617 -11.23 5.13 18.25
C GLY A 617 -11.73 4.27 19.39
N GLY A 618 -12.37 4.86 20.40
CA GLY A 618 -12.97 4.06 21.44
C GLY A 618 -13.94 3.04 20.87
N TRP A 619 -14.05 1.90 21.58
CA TRP A 619 -14.82 0.72 21.20
C TRP A 619 -14.04 -0.21 20.27
N THR A 620 -13.15 0.33 19.44
CA THR A 620 -12.40 -0.54 18.54
C THR A 620 -11.40 -1.44 19.28
N ASP A 621 -11.14 -1.16 20.56
CA ASP A 621 -10.27 -2.01 21.38
C ASP A 621 -11.03 -3.11 22.10
N THR A 622 -12.35 -3.20 21.91
CA THR A 622 -13.21 -4.11 22.66
C THR A 622 -13.31 -5.46 21.95
N PRO A 623 -13.05 -6.57 22.64
CA PRO A 623 -13.23 -7.87 22.01
C PRO A 623 -14.70 -8.14 21.73
N PRO A 624 -15.02 -8.91 20.68
CA PRO A 624 -14.07 -9.59 19.79
C PRO A 624 -13.67 -8.79 18.54
N TYR A 625 -14.18 -7.57 18.38
CA TYR A 625 -13.84 -6.80 17.19
C TYR A 625 -12.34 -6.52 17.10
N SER A 626 -11.74 -6.15 18.23
CA SER A 626 -10.29 -5.98 18.27
C SER A 626 -9.57 -7.25 17.85
N LEU A 627 -10.15 -8.40 18.17
CA LEU A 627 -9.57 -9.66 17.69
C LEU A 627 -9.77 -9.84 16.20
N TYR A 628 -10.89 -9.33 15.65
CA TYR A 628 -11.11 -9.44 14.21
C TYR A 628 -10.09 -8.64 13.43
N SER A 629 -9.91 -7.36 13.77
CA SER A 629 -9.13 -6.47 12.92
C SER A 629 -8.13 -5.59 13.64
N GLY A 630 -8.07 -5.65 14.96
CA GLY A 630 -7.20 -4.75 15.70
C GLY A 630 -7.87 -3.41 15.95
N GLY A 631 -7.42 -2.73 17.01
CA GLY A 631 -8.02 -1.47 17.42
C GLY A 631 -7.04 -0.32 17.25
N ASN A 632 -7.60 0.87 17.05
CA ASN A 632 -6.86 2.14 17.06
C ASN A 632 -7.53 3.07 18.05
N VAL A 633 -6.77 3.58 19.01
CA VAL A 633 -7.32 4.51 19.99
C VAL A 633 -6.31 5.64 20.24
N VAL A 634 -6.78 6.87 20.11
CA VAL A 634 -6.02 8.04 20.53
C VAL A 634 -6.62 8.52 21.86
N ASN A 635 -5.78 8.60 22.88
CA ASN A 635 -6.21 9.05 24.20
C ASN A 635 -5.04 9.70 24.93
N LEU A 636 -5.34 10.34 26.06
CA LEU A 636 -4.30 10.98 26.84
C LEU A 636 -4.62 10.91 28.33
N ALA A 637 -3.56 10.97 29.14
CA ALA A 637 -3.68 10.98 30.59
C ALA A 637 -3.92 12.40 31.08
N ILE A 638 -4.84 12.55 32.04
CA ILE A 638 -5.18 13.85 32.59
C ILE A 638 -5.35 13.73 34.09
N GLU A 639 -4.78 14.67 34.82
CA GLU A 639 -5.12 14.88 36.22
C GLU A 639 -6.33 15.81 36.31
N LEU A 640 -7.13 15.58 37.36
CA LEU A 640 -8.35 16.32 37.60
C LEU A 640 -8.18 17.15 38.87
N ASN A 641 -8.41 18.46 38.76
CA ASN A 641 -8.22 19.39 39.87
C ASN A 641 -6.82 19.25 40.46
N GLY A 642 -5.84 19.03 39.59
CA GLY A 642 -4.44 18.97 40.01
C GLY A 642 -4.06 17.78 40.85
N GLN A 643 -4.76 16.65 40.72
CA GLN A 643 -4.46 15.48 41.52
C GLN A 643 -4.62 14.22 40.69
N PRO A 644 -3.85 13.18 40.99
CA PRO A 644 -4.10 11.87 40.39
C PRO A 644 -5.25 11.17 41.08
N PRO A 645 -6.34 10.91 40.36
CA PRO A 645 -7.54 10.35 41.03
C PRO A 645 -7.39 8.91 41.49
N LEU A 646 -6.42 8.15 40.98
CA LEU A 646 -6.24 6.76 41.42
C LEU A 646 -5.00 6.67 42.29
N GLN A 647 -5.17 6.18 43.53
CA GLN A 647 -4.04 6.12 44.46
C GLN A 647 -4.07 4.80 45.23
N VAL A 648 -2.88 4.28 45.54
CA VAL A 648 -2.73 3.02 46.26
C VAL A 648 -1.53 3.15 47.21
N TYR A 649 -1.72 2.68 48.44
CA TYR A 649 -0.65 2.58 49.42
C TYR A 649 -0.44 1.12 49.78
N VAL A 650 0.83 0.69 49.82
CA VAL A 650 1.20 -0.68 50.17
C VAL A 650 2.25 -0.63 51.26
N LYS A 651 2.01 -1.36 52.35
CA LYS A 651 2.99 -1.37 53.43
C LYS A 651 3.09 -2.75 54.05
N PRO A 652 4.22 -3.08 54.66
CA PRO A 652 4.34 -4.36 55.37
C PRO A 652 3.43 -4.42 56.58
N CYS A 653 3.03 -5.63 56.92
CA CYS A 653 2.10 -5.89 58.00
C CYS A 653 2.73 -6.82 59.03
N LYS A 654 2.54 -6.51 60.31
CA LYS A 654 3.09 -7.34 61.37
C LYS A 654 2.50 -8.75 61.33
N ASP A 655 1.21 -8.85 61.02
CA ASP A 655 0.54 -10.15 60.90
C ASP A 655 0.71 -10.68 59.49
N PHE A 656 0.77 -12.01 59.38
CA PHE A 656 1.04 -12.66 58.10
C PHE A 656 -0.26 -12.93 57.35
N HIS A 657 -0.97 -11.85 57.07
CA HIS A 657 -2.18 -11.88 56.26
C HIS A 657 -2.18 -10.64 55.37
N ILE A 658 -3.28 -10.43 54.64
CA ILE A 658 -3.43 -9.27 53.77
C ILE A 658 -4.61 -8.45 54.25
N VAL A 659 -4.38 -7.16 54.47
CA VAL A 659 -5.43 -6.23 54.84
C VAL A 659 -5.70 -5.33 53.64
N LEU A 660 -6.97 -5.18 53.30
CA LEU A 660 -7.39 -4.33 52.19
C LEU A 660 -8.33 -3.26 52.72
N ARG A 661 -8.02 -2.01 52.44
CA ARG A 661 -8.85 -0.89 52.85
C ARG A 661 -9.23 -0.07 51.63
N SER A 662 -10.46 0.42 51.62
CA SER A 662 -10.98 1.25 50.54
C SER A 662 -11.43 2.58 51.11
N ILE A 663 -10.80 3.66 50.62
CA ILE A 663 -11.16 5.00 51.06
C ILE A 663 -12.46 5.46 50.42
N ASP A 664 -12.61 5.23 49.12
CA ASP A 664 -13.81 5.71 48.43
C ASP A 664 -15.04 4.90 48.83
N MET A 665 -14.87 3.60 49.05
CA MET A 665 -15.97 2.77 49.53
C MET A 665 -16.06 2.73 51.05
N GLY A 666 -15.03 3.20 51.75
CA GLY A 666 -15.01 3.16 53.20
C GLY A 666 -15.20 1.76 53.74
N ALA A 667 -14.28 0.85 53.40
CA ALA A 667 -14.44 -0.54 53.77
C ALA A 667 -13.09 -1.15 54.10
N MET A 668 -13.12 -2.32 54.73
CA MET A 668 -11.90 -3.03 55.06
C MET A 668 -12.20 -4.53 55.07
N GLU A 669 -11.19 -5.32 54.70
CA GLU A 669 -11.35 -6.76 54.54
C GLU A 669 -10.02 -7.44 54.82
N ILE A 670 -10.08 -8.60 55.45
CA ILE A 670 -8.89 -9.37 55.79
C ILE A 670 -8.90 -10.66 54.97
N VAL A 671 -7.84 -10.85 54.18
CA VAL A 671 -7.63 -12.04 53.37
C VAL A 671 -6.53 -12.85 54.03
N SER A 672 -6.86 -14.08 54.43
CA SER A 672 -5.91 -14.93 55.14
C SER A 672 -5.49 -16.17 54.36
N THR A 673 -6.27 -16.60 53.36
CA THR A 673 -6.00 -17.84 52.64
C THR A 673 -6.01 -17.59 51.14
N PHE A 674 -5.41 -18.54 50.41
CA PHE A 674 -5.50 -18.53 48.95
C PHE A 674 -6.94 -18.54 48.49
N ASP A 675 -7.80 -19.32 49.16
CA ASP A 675 -9.20 -19.39 48.78
C ASP A 675 -9.86 -18.02 48.92
N GLU A 676 -9.55 -17.29 49.98
CA GLU A 676 -10.14 -15.97 50.18
C GLU A 676 -9.58 -14.97 49.18
N LEU A 677 -8.29 -15.07 48.86
CA LEU A 677 -7.67 -14.14 47.93
C LEU A 677 -8.26 -14.27 46.53
N GLN A 678 -8.64 -15.47 46.12
CA GLN A 678 -9.17 -15.71 44.79
C GLN A 678 -10.69 -15.68 44.72
N ASP A 679 -11.35 -15.31 45.83
CA ASP A 679 -12.80 -15.17 45.85
C ASP A 679 -13.18 -13.79 45.33
N TYR A 680 -13.03 -13.64 44.00
CA TYR A 680 -13.21 -12.32 43.38
C TYR A 680 -14.65 -11.85 43.44
N LYS A 681 -15.61 -12.77 43.34
CA LYS A 681 -17.03 -12.42 43.33
C LYS A 681 -17.65 -12.45 44.72
N LYS A 682 -16.85 -12.29 45.77
CA LYS A 682 -17.38 -12.27 47.13
C LYS A 682 -18.48 -11.23 47.29
N ILE A 683 -19.60 -11.65 47.87
CA ILE A 683 -20.77 -10.78 47.97
C ILE A 683 -20.43 -9.55 48.80
N GLY A 684 -20.71 -8.37 48.25
CA GLY A 684 -20.53 -7.13 48.96
C GLY A 684 -19.10 -6.64 49.06
N SER A 685 -18.14 -7.38 48.55
CA SER A 685 -16.74 -6.97 48.64
C SER A 685 -16.39 -6.03 47.50
N PRO A 686 -15.82 -4.86 47.78
CA PRO A 686 -15.37 -3.97 46.69
C PRO A 686 -13.91 -4.18 46.35
N PHE A 687 -13.35 -5.35 46.71
CA PHE A 687 -11.91 -5.57 46.64
C PHE A 687 -11.50 -6.58 45.59
N SER A 688 -12.34 -6.81 44.58
CA SER A 688 -11.99 -7.78 43.54
C SER A 688 -10.74 -7.38 42.79
N ILE A 689 -10.58 -6.08 42.51
CA ILE A 689 -9.40 -5.62 41.77
C ILE A 689 -8.10 -5.87 42.52
N PRO A 690 -7.94 -5.43 43.78
CA PRO A 690 -6.68 -5.73 44.47
C PRO A 690 -6.48 -7.21 44.72
N LYS A 691 -7.54 -7.99 44.90
CA LYS A 691 -7.38 -9.44 45.06
C LYS A 691 -6.80 -10.05 43.79
N ALA A 692 -7.37 -9.70 42.64
CA ALA A 692 -6.84 -10.20 41.38
C ALA A 692 -5.41 -9.72 41.15
N ALA A 693 -5.12 -8.48 41.55
CA ALA A 693 -3.78 -7.95 41.35
C ALA A 693 -2.75 -8.70 42.20
N LEU A 694 -3.08 -8.92 43.47
CA LEU A 694 -2.20 -9.69 44.35
C LEU A 694 -2.05 -11.13 43.86
N SER A 695 -3.12 -11.70 43.29
CA SER A 695 -3.03 -13.02 42.69
C SER A 695 -2.03 -13.04 41.55
N LEU A 696 -2.14 -12.07 40.63
CA LEU A 696 -1.24 -12.00 39.49
C LEU A 696 0.20 -11.75 39.92
N ALA A 697 0.40 -11.07 41.05
CA ALA A 697 1.76 -10.80 41.52
C ALA A 697 2.45 -12.02 42.08
N GLY A 698 1.74 -13.14 42.21
CA GLY A 698 2.34 -14.37 42.69
C GLY A 698 1.89 -14.83 44.05
N PHE A 699 0.84 -14.24 44.62
CA PHE A 699 0.31 -14.66 45.90
C PHE A 699 -0.86 -15.62 45.75
N ALA A 700 -1.22 -15.98 44.52
CA ALA A 700 -2.07 -17.10 44.23
C ALA A 700 -1.24 -18.22 43.62
N PRO A 701 -1.49 -19.48 43.99
CA PRO A 701 -0.62 -20.57 43.52
C PRO A 701 -0.44 -20.65 42.02
N ALA A 702 -1.50 -20.38 41.26
CA ALA A 702 -1.43 -20.49 39.79
C ALA A 702 -0.44 -19.52 39.18
N PHE A 703 -0.11 -18.43 39.88
CA PHE A 703 0.79 -17.41 39.36
C PHE A 703 2.10 -17.34 40.12
N SER A 704 2.34 -18.23 41.07
CA SER A 704 3.57 -18.23 41.85
C SER A 704 4.54 -19.25 41.28
N ALA A 705 5.80 -18.82 41.11
CA ALA A 705 6.83 -19.76 40.66
C ALA A 705 7.18 -20.73 41.77
N VAL A 706 7.22 -20.26 43.01
CA VAL A 706 7.48 -21.08 44.18
C VAL A 706 6.16 -21.59 44.72
N SER A 707 6.12 -22.88 45.08
CA SER A 707 4.93 -23.48 45.65
C SER A 707 4.93 -23.25 47.16
N TYR A 708 3.81 -22.75 47.67
CA TYR A 708 3.66 -22.48 49.09
C TYR A 708 2.47 -23.26 49.63
N ALA A 709 2.57 -23.64 50.91
CA ALA A 709 1.52 -24.44 51.53
C ALA A 709 0.25 -23.63 51.74
N SER A 710 0.40 -22.37 52.12
CA SER A 710 -0.75 -21.51 52.38
C SER A 710 -0.31 -20.07 52.20
N LEU A 711 -1.30 -19.17 52.15
CA LEU A 711 -0.98 -17.74 52.07
C LEU A 711 -0.19 -17.30 53.30
N GLU A 712 -0.53 -17.84 54.48
CA GLU A 712 0.18 -17.48 55.69
C GLU A 712 1.65 -17.90 55.62
N GLU A 713 1.92 -19.12 55.12
CA GLU A 713 3.30 -19.56 54.98
C GLU A 713 4.04 -18.77 53.91
N GLN A 714 3.37 -18.43 52.81
CA GLN A 714 4.01 -17.60 51.79
C GLN A 714 4.37 -16.23 52.34
N LEU A 715 3.50 -15.66 53.19
CA LEU A 715 3.79 -14.35 53.76
C LEU A 715 4.84 -14.43 54.85
N LYS A 716 4.91 -15.55 55.57
CA LYS A 716 5.98 -15.73 56.55
C LYS A 716 7.33 -15.84 55.85
N ASP A 717 7.40 -16.60 54.76
CA ASP A 717 8.61 -16.62 53.95
C ASP A 717 8.87 -15.25 53.31
N PHE A 718 7.80 -14.50 53.04
CA PHE A 718 7.92 -13.19 52.43
C PHE A 718 8.57 -12.18 53.38
N GLY A 719 8.34 -12.33 54.67
CA GLY A 719 8.89 -11.43 55.68
C GLY A 719 7.85 -10.67 56.46
N ALA A 720 6.64 -10.50 55.90
CA ALA A 720 5.57 -9.77 56.55
C ALA A 720 4.29 -10.00 55.76
N GLY A 721 3.18 -9.52 56.31
CA GLY A 721 1.95 -9.41 55.57
C GLY A 721 1.94 -8.15 54.73
N ILE A 722 0.81 -7.90 54.07
CA ILE A 722 0.67 -6.77 53.16
C ILE A 722 -0.60 -6.01 53.50
N GLU A 723 -0.49 -4.68 53.59
CA GLU A 723 -1.62 -3.80 53.80
C GLU A 723 -1.75 -2.90 52.58
N VAL A 724 -2.87 -3.00 51.89
CA VAL A 724 -3.13 -2.26 50.65
C VAL A 724 -4.35 -1.36 50.89
N THR A 725 -4.14 -0.05 50.76
CA THR A 725 -5.21 0.92 50.85
C THR A 725 -5.42 1.53 49.47
N LEU A 726 -6.67 1.58 49.02
CA LEU A 726 -7.00 2.00 47.67
C LEU A 726 -7.90 3.22 47.69
N LEU A 727 -7.75 4.07 46.68
CA LEU A 727 -8.60 5.23 46.50
C LEU A 727 -8.88 5.40 45.02
N ALA A 728 -10.15 5.30 44.65
CA ALA A 728 -10.65 5.72 43.34
C ALA A 728 -11.49 6.97 43.59
N ALA A 729 -10.85 8.14 43.43
CA ALA A 729 -11.56 9.39 43.69
C ALA A 729 -12.65 9.67 42.66
N ILE A 730 -12.73 8.92 41.58
CA ILE A 730 -13.75 9.06 40.56
C ILE A 730 -14.49 7.74 40.48
N PRO A 731 -15.81 7.70 40.69
CA PRO A 731 -16.51 6.40 40.73
C PRO A 731 -16.45 5.66 39.41
N ALA A 732 -16.45 4.33 39.51
CA ALA A 732 -16.49 3.50 38.30
C ALA A 732 -17.76 3.79 37.51
N GLY A 733 -17.66 3.61 36.20
CA GLY A 733 -18.76 3.97 35.32
C GLY A 733 -18.84 5.44 34.97
N SER A 734 -17.86 6.24 35.37
CA SER A 734 -17.82 7.65 35.02
C SER A 734 -17.33 7.86 33.59
N GLY A 735 -16.73 6.85 32.97
CA GLY A 735 -16.20 6.94 31.63
C GLY A 735 -14.78 7.44 31.53
N LEU A 736 -14.10 7.67 32.65
CA LEU A 736 -12.73 8.16 32.64
C LEU A 736 -11.70 7.06 32.83
N GLY A 737 -12.11 5.79 32.75
CA GLY A 737 -11.18 4.68 32.88
C GLY A 737 -10.84 4.27 34.29
N THR A 738 -11.72 4.55 35.25
CA THR A 738 -11.39 4.34 36.67
C THR A 738 -10.95 2.92 36.96
N SER A 739 -11.74 1.92 36.53
CA SER A 739 -11.50 0.55 36.97
C SER A 739 -10.17 0.01 36.44
N SER A 740 -9.94 0.15 35.13
CA SER A 740 -8.70 -0.36 34.55
C SER A 740 -7.48 0.37 35.10
N ILE A 741 -7.58 1.70 35.25
CA ILE A 741 -6.43 2.46 35.73
C ILE A 741 -6.17 2.16 37.19
N LEU A 742 -7.22 1.93 37.98
CA LEU A 742 -7.03 1.53 39.38
C LEU A 742 -6.36 0.17 39.46
N ALA A 743 -6.79 -0.78 38.63
CA ALA A 743 -6.12 -2.07 38.58
C ALA A 743 -4.64 -1.90 38.24
N SER A 744 -4.33 -1.05 37.26
CA SER A 744 -2.94 -0.81 36.89
C SER A 744 -2.16 -0.15 38.02
N THR A 745 -2.82 0.75 38.77
CA THR A 745 -2.14 1.43 39.87
C THR A 745 -1.81 0.46 40.99
N VAL A 746 -2.75 -0.42 41.33
CA VAL A 746 -2.47 -1.47 42.30
C VAL A 746 -1.34 -2.37 41.81
N LEU A 747 -1.38 -2.74 40.52
CA LEU A 747 -0.34 -3.60 39.97
C LEU A 747 1.03 -2.93 40.04
N GLY A 748 1.10 -1.63 39.74
CA GLY A 748 2.38 -0.95 39.79
C GLY A 748 2.90 -0.76 41.21
N ALA A 749 2.01 -0.45 42.15
CA ALA A 749 2.42 -0.36 43.54
C ALA A 749 2.93 -1.70 44.05
N ILE A 750 2.22 -2.79 43.75
CA ILE A 750 2.67 -4.12 44.14
C ILE A 750 3.96 -4.49 43.43
N ASN A 751 4.12 -4.06 42.18
CA ASN A 751 5.36 -4.30 41.44
C ASN A 751 6.54 -3.68 42.16
N ASP A 752 6.41 -2.42 42.56
CA ASP A 752 7.49 -1.76 43.30
C ASP A 752 7.69 -2.40 44.67
N PHE A 753 6.60 -2.77 45.35
CA PHE A 753 6.69 -3.31 46.70
C PHE A 753 7.32 -4.70 46.72
N CYS A 754 7.15 -5.46 45.63
CA CYS A 754 7.60 -6.85 45.57
C CYS A 754 8.80 -7.06 44.66
N GLY A 755 9.36 -5.99 44.09
CA GLY A 755 10.51 -6.11 43.22
C GLY A 755 10.32 -7.01 42.02
N LEU A 756 9.17 -6.90 41.35
CA LEU A 756 8.89 -7.73 40.18
C LEU A 756 9.49 -7.15 38.90
N ALA A 757 9.97 -5.91 38.92
CA ALA A 757 10.72 -5.31 37.82
C ALA A 757 9.89 -5.21 36.54
N TRP A 758 8.57 -5.07 36.68
CA TRP A 758 7.72 -4.82 35.52
C TRP A 758 7.90 -3.38 35.04
N ASP A 759 7.87 -3.19 33.72
CA ASP A 759 7.78 -1.85 33.16
C ASP A 759 6.32 -1.49 32.95
N LYS A 760 6.06 -0.26 32.51
CA LYS A 760 4.68 0.22 32.39
C LYS A 760 3.89 -0.59 31.37
N ASN A 761 4.53 -0.99 30.27
CA ASN A 761 3.84 -1.80 29.28
C ASN A 761 3.43 -3.15 29.87
N GLU A 762 4.34 -3.79 30.60
CA GLU A 762 3.99 -5.05 31.27
C GLU A 762 2.91 -4.83 32.33
N ILE A 763 2.91 -3.67 32.99
CA ILE A 763 1.85 -3.37 33.95
C ILE A 763 0.50 -3.31 33.24
N CYS A 764 0.45 -2.66 32.07
CA CYS A 764 -0.81 -2.59 31.33
C CYS A 764 -1.26 -3.96 30.84
N GLN A 765 -0.30 -4.79 30.41
CA GLN A 765 -0.66 -6.14 29.98
C GLN A 765 -1.17 -6.99 31.14
N ARG A 766 -0.50 -6.90 32.29
CA ARG A 766 -0.99 -7.58 33.48
C ARG A 766 -2.37 -7.05 33.87
N THR A 767 -2.64 -5.77 33.60
CA THR A 767 -3.98 -5.23 33.83
C THR A 767 -5.01 -5.90 32.92
N LEU A 768 -4.67 -6.08 31.65
CA LEU A 768 -5.54 -6.81 30.75
C LEU A 768 -5.83 -8.21 31.28
N VAL A 769 -4.78 -8.89 31.74
CA VAL A 769 -4.94 -10.23 32.33
C VAL A 769 -5.84 -10.16 33.57
N LEU A 770 -5.65 -9.14 34.41
CA LEU A 770 -6.46 -8.98 35.61
C LEU A 770 -7.93 -8.84 35.26
N GLU A 771 -8.24 -7.98 34.29
CA GLU A 771 -9.64 -7.77 33.94
C GLU A 771 -10.23 -9.01 33.27
N GLN A 772 -9.40 -9.82 32.61
CA GLN A 772 -9.89 -11.12 32.14
C GLN A 772 -10.15 -12.07 33.30
N LEU A 773 -9.37 -11.99 34.38
CA LEU A 773 -9.66 -12.81 35.57
C LEU A 773 -11.01 -12.44 36.17
N LEU A 774 -11.34 -11.15 36.17
CA LEU A 774 -12.59 -10.66 36.75
C LEU A 774 -13.75 -10.71 35.76
N THR A 775 -13.50 -11.17 34.53
CA THR A 775 -14.54 -11.28 33.49
C THR A 775 -15.24 -9.93 33.27
N THR A 776 -14.45 -8.86 33.20
CA THR A 776 -15.02 -7.55 32.87
C THR A 776 -15.39 -7.47 31.39
N GLY A 777 -14.57 -8.08 30.53
CA GLY A 777 -14.87 -8.11 29.11
C GLY A 777 -14.63 -6.82 28.38
N GLY A 778 -13.76 -5.96 28.90
CA GLY A 778 -13.49 -4.67 28.29
C GLY A 778 -12.28 -4.72 27.38
N GLY A 779 -11.91 -3.55 26.87
CA GLY A 779 -10.74 -3.40 26.03
C GLY A 779 -9.49 -3.08 26.84
N TRP A 780 -8.50 -2.51 26.15
CA TRP A 780 -7.22 -2.20 26.76
C TRP A 780 -6.89 -0.71 26.79
N GLN A 781 -7.75 0.16 26.27
CA GLN A 781 -7.35 1.54 26.05
C GLN A 781 -7.17 2.29 27.38
N ASP A 782 -8.01 2.00 28.38
CA ASP A 782 -8.03 2.81 29.59
C ASP A 782 -6.70 2.75 30.34
N GLN A 783 -6.17 1.53 30.53
CA GLN A 783 -4.95 1.41 31.32
C GLN A 783 -3.76 2.06 30.62
N TYR A 784 -3.67 1.92 29.30
CA TYR A 784 -2.59 2.59 28.58
C TYR A 784 -2.78 4.11 28.61
N GLY A 785 -4.02 4.58 28.51
CA GLY A 785 -4.27 6.00 28.56
C GLY A 785 -3.88 6.62 29.89
N GLY A 786 -4.08 5.88 30.98
CA GLY A 786 -3.78 6.40 32.30
C GLY A 786 -2.34 6.20 32.77
N VAL A 787 -1.78 5.01 32.51
CA VAL A 787 -0.46 4.68 33.03
C VAL A 787 0.64 5.41 32.26
N LEU A 788 0.50 5.50 30.94
CA LEU A 788 1.50 6.15 30.11
C LEU A 788 1.21 7.64 30.05
N GLN A 789 2.27 8.44 30.20
CA GLN A 789 2.12 9.87 30.20
C GLN A 789 1.75 10.39 28.80
N GLY A 790 1.19 11.59 28.77
CA GLY A 790 1.01 12.32 27.53
C GLY A 790 -0.17 11.83 26.70
N VAL A 791 -0.08 12.13 25.40
CA VAL A 791 -1.10 11.78 24.43
C VAL A 791 -0.54 10.71 23.51
N LYS A 792 -1.35 9.69 23.23
CA LYS A 792 -0.84 8.47 22.61
C LYS A 792 -1.84 7.94 21.58
N LEU A 793 -1.28 7.33 20.54
CA LEU A 793 -1.98 6.44 19.63
C LEU A 793 -1.62 5.01 19.98
N LEU A 794 -2.64 4.17 20.17
CA LEU A 794 -2.48 2.77 20.52
C LEU A 794 -3.06 1.92 19.41
N GLN A 795 -2.31 0.93 18.96
CA GLN A 795 -2.74 0.09 17.85
C GLN A 795 -2.47 -1.37 18.15
N THR A 796 -3.44 -2.23 17.86
CA THR A 796 -3.23 -3.66 17.89
C THR A 796 -3.50 -4.25 16.51
N GLU A 797 -3.02 -5.47 16.31
CA GLU A 797 -3.30 -6.25 15.13
C GLU A 797 -4.43 -7.23 15.43
N ALA A 798 -4.84 -7.98 14.41
CA ALA A 798 -5.83 -9.02 14.62
C ALA A 798 -5.24 -10.15 15.45
N GLY A 799 -6.12 -10.85 16.17
CA GLY A 799 -5.69 -12.00 16.95
C GLY A 799 -6.05 -11.92 18.42
N PHE A 800 -6.05 -13.07 19.10
CA PHE A 800 -6.34 -13.10 20.53
C PHE A 800 -5.26 -12.35 21.32
N ALA A 801 -4.01 -12.43 20.88
CA ALA A 801 -2.91 -11.73 21.53
C ALA A 801 -3.04 -10.24 21.24
N GLN A 802 -3.52 -9.50 22.23
CA GLN A 802 -3.78 -8.07 22.11
C GLN A 802 -2.74 -7.33 22.93
N SER A 803 -1.68 -6.88 22.27
CA SER A 803 -0.61 -6.11 22.92
C SER A 803 -0.44 -4.79 22.16
N PRO A 804 -0.95 -3.69 22.70
CA PRO A 804 -0.94 -2.43 21.94
C PRO A 804 0.47 -1.90 21.71
N LEU A 805 0.75 -1.54 20.46
CA LEU A 805 1.88 -0.72 20.12
C LEU A 805 1.53 0.74 20.42
N VAL A 806 2.45 1.43 21.10
CA VAL A 806 2.22 2.77 21.63
C VAL A 806 3.08 3.75 20.84
N ARG A 807 2.45 4.81 20.33
CA ARG A 807 3.14 5.89 19.64
C ARG A 807 2.74 7.20 20.28
N TRP A 808 3.70 7.89 20.91
CA TRP A 808 3.39 9.14 21.55
C TRP A 808 3.25 10.27 20.52
N LEU A 809 2.36 11.19 20.81
CA LEU A 809 2.09 12.36 20.00
C LEU A 809 2.62 13.61 20.69
N PRO A 810 2.90 14.68 19.94
CA PRO A 810 3.24 15.95 20.57
C PRO A 810 2.06 16.47 21.40
N ASP A 811 2.37 17.03 22.56
CA ASP A 811 1.36 17.56 23.46
C ASP A 811 1.10 19.05 23.25
N HIS A 812 1.51 19.59 22.09
CA HIS A 812 1.42 21.03 21.85
C HIS A 812 -0.01 21.53 21.99
N LEU A 813 -0.98 20.82 21.39
CA LEU A 813 -2.36 21.27 21.40
C LEU A 813 -3.00 21.20 22.78
N PHE A 814 -2.33 20.61 23.77
CA PHE A 814 -2.88 20.51 25.12
C PHE A 814 -2.11 21.31 26.16
N THR A 815 -0.87 21.70 25.86
CA THR A 815 -0.02 22.38 26.83
C THR A 815 0.33 23.82 26.45
N HIS A 816 0.21 24.21 25.18
CA HIS A 816 0.58 25.56 24.79
C HIS A 816 -0.42 26.57 25.33
N PRO A 817 0.04 27.76 25.76
CA PRO A 817 -0.88 28.70 26.42
C PRO A 817 -2.08 29.11 25.58
N GLU A 818 -1.97 29.15 24.25
CA GLU A 818 -3.12 29.53 23.45
C GLU A 818 -4.12 28.38 23.26
N TYR A 819 -3.85 27.21 23.82
CA TYR A 819 -4.74 26.07 23.62
C TYR A 819 -5.15 25.43 24.95
N LYS A 820 -4.28 25.51 25.96
CA LYS A 820 -4.47 24.72 27.17
C LYS A 820 -5.78 25.05 27.87
N ASP A 821 -6.18 26.31 27.86
CA ASP A 821 -7.41 26.72 28.55
C ASP A 821 -8.66 26.50 27.71
N CYS A 822 -8.54 25.92 26.51
CA CYS A 822 -9.69 25.63 25.68
C CYS A 822 -10.26 24.24 25.91
N HIS A 823 -9.56 23.39 26.65
CA HIS A 823 -10.05 22.06 26.98
C HIS A 823 -10.82 22.16 28.29
N LEU A 824 -12.14 21.95 28.22
CA LEU A 824 -13.01 22.08 29.39
C LEU A 824 -13.64 20.73 29.70
N LEU A 825 -13.67 20.38 30.99
CA LEU A 825 -14.31 19.16 31.46
C LEU A 825 -15.40 19.56 32.44
N TYR A 826 -16.62 19.11 32.17
CA TYR A 826 -17.80 19.53 32.93
C TYR A 826 -18.52 18.29 33.44
N TYR A 827 -18.48 18.08 34.76
CA TYR A 827 -19.30 17.05 35.38
C TYR A 827 -20.76 17.50 35.33
N THR A 828 -21.59 16.76 34.59
CA THR A 828 -22.97 17.15 34.39
C THR A 828 -23.87 16.78 35.55
N GLY A 829 -23.44 15.87 36.42
CA GLY A 829 -24.33 15.39 37.47
C GLY A 829 -25.38 14.43 36.95
N ILE A 830 -25.19 13.89 35.75
CA ILE A 830 -26.18 13.04 35.09
C ILE A 830 -25.56 11.66 34.88
N THR A 831 -26.31 10.62 35.23
CA THR A 831 -25.94 9.24 34.98
C THR A 831 -26.92 8.62 33.99
N ARG A 832 -26.48 7.51 33.38
CA ARG A 832 -27.24 6.92 32.28
C ARG A 832 -28.64 6.49 32.73
N THR A 833 -29.64 6.93 31.96
CA THR A 833 -31.02 6.49 32.18
C THR A 833 -31.29 5.13 31.55
N ALA A 834 -30.56 4.80 30.48
CA ALA A 834 -30.81 3.59 29.72
C ALA A 834 -30.11 2.38 30.36
N LYS A 835 -30.34 1.21 29.79
CA LYS A 835 -29.77 -0.03 30.29
C LYS A 835 -28.36 -0.25 29.75
N GLY A 836 -27.73 -1.34 30.20
CA GLY A 836 -26.43 -1.75 29.70
C GLY A 836 -26.45 -2.25 28.27
N ILE A 837 -26.43 -1.33 27.32
CA ILE A 837 -26.38 -1.66 25.90
C ILE A 837 -25.08 -2.36 25.52
N LEU A 838 -24.04 -2.24 26.36
CA LEU A 838 -22.76 -2.89 26.09
C LEU A 838 -22.92 -4.36 25.74
N ALA A 839 -23.80 -5.07 26.45
CA ALA A 839 -24.04 -6.48 26.13
C ALA A 839 -24.57 -6.63 24.72
N GLU A 840 -25.52 -5.77 24.33
CA GLU A 840 -26.05 -5.79 22.97
C GLU A 840 -24.96 -5.55 21.95
N ILE A 841 -24.05 -4.62 22.24
CA ILE A 841 -22.99 -4.27 21.31
C ILE A 841 -22.02 -5.44 21.15
N VAL A 842 -21.68 -6.10 22.27
CA VAL A 842 -20.75 -7.23 22.19
C VAL A 842 -21.40 -8.41 21.47
N SER A 843 -22.69 -8.65 21.71
CA SER A 843 -23.37 -9.72 21.01
C SER A 843 -23.49 -9.43 19.52
N SER A 844 -23.70 -8.16 19.17
CA SER A 844 -23.70 -7.78 17.76
C SER A 844 -22.33 -8.01 17.14
N MET A 845 -21.26 -7.75 17.89
CA MET A 845 -19.93 -8.06 17.40
C MET A 845 -19.78 -9.56 17.15
N PHE A 846 -20.31 -10.39 18.06
CA PHE A 846 -20.23 -11.83 17.90
C PHE A 846 -20.99 -12.30 16.65
N LEU A 847 -22.01 -11.55 16.24
CA LEU A 847 -22.82 -11.93 15.08
C LEU A 847 -22.32 -11.31 13.79
N ASN A 848 -21.17 -10.65 13.82
CA ASN A 848 -20.61 -9.96 12.64
C ASN A 848 -21.63 -9.02 12.02
N SER A 849 -22.37 -8.33 12.88
CA SER A 849 -23.39 -7.40 12.42
C SER A 849 -22.79 -6.36 11.49
N SER A 850 -23.27 -6.33 10.25
CA SER A 850 -22.63 -5.50 9.21
C SER A 850 -22.62 -4.03 9.60
N LEU A 851 -23.74 -3.53 10.12
CA LEU A 851 -23.81 -2.12 10.53
C LEU A 851 -22.76 -1.83 11.61
N HIS A 852 -22.69 -2.69 12.63
CA HIS A 852 -21.75 -2.46 13.72
C HIS A 852 -20.31 -2.57 13.24
N LEU A 853 -20.01 -3.57 12.41
CA LEU A 853 -18.64 -3.73 11.92
C LEU A 853 -18.23 -2.54 11.06
N ASN A 854 -19.14 -2.05 10.21
CA ASN A 854 -18.84 -0.88 9.40
C ASN A 854 -18.57 0.35 10.28
N LEU A 855 -19.41 0.56 11.30
CA LEU A 855 -19.21 1.71 12.17
C LEU A 855 -17.89 1.62 12.93
N LEU A 856 -17.54 0.41 13.38
CA LEU A 856 -16.27 0.24 14.10
C LEU A 856 -15.07 0.44 13.19
N SER A 857 -15.17 0.00 11.93
CA SER A 857 -14.12 0.26 10.97
C SER A 857 -13.96 1.76 10.74
N GLU A 858 -15.08 2.48 10.60
CA GLU A 858 -15.01 3.93 10.48
C GLU A 858 -14.41 4.57 11.72
N MET A 859 -14.63 3.98 12.90
CA MET A 859 -14.03 4.50 14.11
C MET A 859 -12.52 4.29 14.11
N LYS A 860 -12.05 3.15 13.62
CA LYS A 860 -10.61 2.93 13.46
C LYS A 860 -10.00 3.99 12.54
N ALA A 861 -10.58 4.15 11.35
CA ALA A 861 -10.07 5.15 10.41
C ALA A 861 -10.11 6.55 11.00
N HIS A 862 -11.15 6.86 11.77
CA HIS A 862 -11.25 8.17 12.40
C HIS A 862 -10.18 8.36 13.47
N ALA A 863 -9.82 7.29 14.19
CA ALA A 863 -8.70 7.37 15.12
C ALA A 863 -7.42 7.72 14.39
N LEU A 864 -7.21 7.12 13.22
CA LEU A 864 -6.04 7.48 12.42
C LEU A 864 -6.09 8.95 11.98
N ASP A 865 -7.28 9.42 11.59
CA ASP A 865 -7.41 10.82 11.20
C ASP A 865 -7.14 11.76 12.38
N MET A 866 -7.60 11.39 13.58
CA MET A 866 -7.32 12.17 14.77
C MET A 866 -5.82 12.22 15.05
N ASN A 867 -5.15 11.08 14.93
CA ASN A 867 -3.70 11.05 15.07
C ASN A 867 -3.04 12.01 14.08
N GLU A 868 -3.49 11.99 12.83
CA GLU A 868 -2.92 12.89 11.82
C GLU A 868 -3.13 14.35 12.21
N ALA A 869 -4.36 14.69 12.62
CA ALA A 869 -4.66 16.07 12.99
C ALA A 869 -3.78 16.54 14.14
N ILE A 870 -3.56 15.68 15.14
CA ILE A 870 -2.69 16.06 16.25
C ILE A 870 -1.25 16.20 15.79
N GLN A 871 -0.79 15.32 14.90
CA GLN A 871 0.58 15.42 14.40
C GLN A 871 0.79 16.74 13.67
N ARG A 872 -0.18 17.16 12.85
CA ARG A 872 -0.01 18.37 12.07
C ARG A 872 -0.19 19.64 12.90
N GLY A 873 -0.63 19.52 14.15
CA GLY A 873 -0.82 20.69 14.99
C GLY A 873 -2.02 21.53 14.62
N SER A 874 -3.04 20.92 14.03
CA SER A 874 -4.25 21.63 13.62
C SER A 874 -5.28 21.54 14.74
N PHE A 875 -5.48 22.66 15.44
CA PHE A 875 -6.40 22.68 16.57
C PHE A 875 -7.85 22.58 16.11
N VAL A 876 -8.19 23.31 15.05
CA VAL A 876 -9.58 23.31 14.56
C VAL A 876 -9.97 21.92 14.08
N GLU A 877 -9.10 21.28 13.31
CA GLU A 877 -9.39 19.92 12.85
C GLU A 877 -9.47 18.95 14.02
N PHE A 878 -8.62 19.15 15.04
CA PHE A 878 -8.70 18.31 16.23
C PHE A 878 -10.07 18.40 16.89
N GLY A 879 -10.54 19.63 17.12
CA GLY A 879 -11.86 19.80 17.73
C GLY A 879 -12.97 19.21 16.88
N ARG A 880 -12.92 19.44 15.56
CA ARG A 880 -13.95 18.88 14.69
C ARG A 880 -13.95 17.36 14.75
N LEU A 881 -12.77 16.75 14.78
CA LEU A 881 -12.72 15.29 14.83
C LEU A 881 -13.18 14.76 16.18
N VAL A 882 -12.97 15.52 17.26
CA VAL A 882 -13.57 15.15 18.55
C VAL A 882 -15.09 15.12 18.44
N GLY A 883 -15.66 16.14 17.81
CA GLY A 883 -17.10 16.14 17.56
C GLY A 883 -17.54 14.94 16.73
N LYS A 884 -16.73 14.58 15.73
CA LYS A 884 -17.07 13.41 14.91
C LYS A 884 -17.02 12.13 15.73
N THR A 885 -16.07 12.02 16.67
CA THR A 885 -16.04 10.88 17.57
C THR A 885 -17.31 10.81 18.41
N TRP A 886 -17.78 11.96 18.88
CA TRP A 886 -19.06 12.01 19.59
C TRP A 886 -20.19 11.49 18.71
N GLU A 887 -20.21 11.92 17.44
CA GLU A 887 -21.25 11.45 16.52
C GLU A 887 -21.19 9.94 16.33
N GLN A 888 -19.98 9.40 16.16
CA GLN A 888 -19.83 7.95 16.01
C GLN A 888 -20.31 7.20 17.25
N ASN A 889 -19.97 7.70 18.43
CA ASN A 889 -20.41 7.06 19.67
C ASN A 889 -21.93 7.10 19.80
N LYS A 890 -22.55 8.23 19.44
CA LYS A 890 -24.01 8.30 19.46
C LYS A 890 -24.60 7.31 18.46
N ALA A 891 -23.96 7.14 17.31
CA ALA A 891 -24.47 6.17 16.33
C ALA A 891 -24.33 4.74 16.83
N LEU A 892 -23.31 4.46 17.64
CA LEU A 892 -23.13 3.12 18.17
C LEU A 892 -24.05 2.85 19.36
N ASP A 893 -24.33 3.87 20.16
CA ASP A 893 -25.14 3.71 21.37
C ASP A 893 -26.12 4.88 21.45
N SER A 894 -27.41 4.60 21.31
CA SER A 894 -28.42 5.64 21.42
C SER A 894 -28.59 6.13 22.85
N GLY A 895 -28.27 5.29 23.83
CA GLY A 895 -28.39 5.67 25.23
C GLY A 895 -27.25 6.50 25.78
N THR A 896 -26.22 6.78 24.97
CA THR A 896 -25.09 7.56 25.45
C THR A 896 -25.46 9.04 25.61
N ASN A 897 -26.49 9.52 24.91
CA ASN A 897 -26.88 10.92 24.89
C ASN A 897 -28.31 11.06 25.38
N PRO A 898 -28.53 11.10 26.69
CA PRO A 898 -29.87 11.39 27.21
C PRO A 898 -30.25 12.83 26.96
N PRO A 899 -31.54 13.15 27.00
CA PRO A 899 -31.97 14.52 26.62
C PRO A 899 -31.40 15.61 27.50
N ALA A 900 -31.08 15.33 28.76
CA ALA A 900 -30.49 16.35 29.62
C ALA A 900 -29.09 16.71 29.17
N VAL A 901 -28.28 15.70 28.83
CA VAL A 901 -26.96 15.94 28.27
C VAL A 901 -27.07 16.73 26.98
N GLU A 902 -28.07 16.40 26.15
CA GLU A 902 -28.26 17.14 24.90
C GLU A 902 -28.62 18.59 25.16
N ALA A 903 -29.42 18.86 26.20
CA ALA A 903 -29.74 20.24 26.54
C ALA A 903 -28.51 21.00 27.01
N ILE A 904 -27.70 20.36 27.87
CA ILE A 904 -26.43 20.97 28.27
C ILE A 904 -25.59 21.28 27.04
N ILE A 905 -25.52 20.34 26.10
CA ILE A 905 -24.73 20.56 24.89
C ILE A 905 -25.26 21.76 24.13
N ASP A 906 -26.56 21.77 23.83
CA ASP A 906 -27.17 22.87 23.08
C ASP A 906 -26.97 24.22 23.77
N LEU A 907 -26.73 24.22 25.08
CA LEU A 907 -26.48 25.49 25.76
C LEU A 907 -25.18 26.15 25.28
N ILE A 908 -24.20 25.37 24.83
CA ILE A 908 -22.86 25.91 24.60
C ILE A 908 -22.25 25.45 23.28
N LYS A 909 -23.02 24.72 22.47
CA LYS A 909 -22.46 24.09 21.27
C LYS A 909 -21.91 25.12 20.29
N ASP A 910 -22.41 26.36 20.32
CA ASP A 910 -21.96 27.37 19.38
C ASP A 910 -20.58 27.93 19.71
N TYR A 911 -20.03 27.62 20.88
CA TYR A 911 -18.75 28.14 21.31
C TYR A 911 -17.65 27.08 21.28
N THR A 912 -17.90 25.92 20.68
CA THR A 912 -16.96 24.82 20.70
C THR A 912 -16.59 24.43 19.28
N LEU A 913 -15.38 23.89 19.13
CA LEU A 913 -15.01 23.18 17.92
C LEU A 913 -15.56 21.76 17.93
N GLY A 914 -15.76 21.20 19.12
CA GLY A 914 -16.24 19.84 19.25
C GLY A 914 -16.39 19.49 20.72
N TYR A 915 -16.97 18.33 20.95
CA TYR A 915 -17.24 17.85 22.30
C TYR A 915 -17.56 16.37 22.23
N LYS A 916 -17.44 15.70 23.38
CA LYS A 916 -17.77 14.29 23.47
C LYS A 916 -17.84 13.89 24.94
N LEU A 917 -18.46 12.74 25.18
CA LEU A 917 -18.32 12.17 26.52
C LEU A 917 -17.15 11.20 26.55
N PRO A 918 -16.34 11.20 27.61
CA PRO A 918 -15.26 10.21 27.70
C PRO A 918 -15.81 8.79 27.86
N GLY A 919 -15.13 7.83 27.26
CA GLY A 919 -15.48 6.44 27.43
C GLY A 919 -16.84 6.11 26.86
N ALA A 920 -17.51 5.14 27.51
CA ALA A 920 -18.81 4.68 27.04
C ALA A 920 -19.88 5.77 27.14
N GLY A 921 -19.66 6.78 27.99
CA GLY A 921 -20.57 7.90 28.03
C GLY A 921 -21.82 7.66 28.87
N GLY A 922 -22.99 7.86 28.26
CA GLY A 922 -24.26 7.79 28.96
C GLY A 922 -24.51 8.91 29.95
N GLY A 923 -23.61 9.87 30.06
CA GLY A 923 -23.68 10.92 31.04
C GLY A 923 -22.39 10.98 31.81
N GLY A 924 -22.38 11.81 32.86
CA GLY A 924 -21.19 11.95 33.67
C GLY A 924 -20.42 13.20 33.34
N TYR A 925 -19.37 13.05 32.53
CA TYR A 925 -18.47 14.15 32.19
C TYR A 925 -18.62 14.52 30.73
N LEU A 926 -18.51 15.82 30.44
CA LEU A 926 -18.58 16.35 29.09
C LEU A 926 -17.27 17.04 28.79
N TYR A 927 -16.56 16.56 27.77
CA TYR A 927 -15.33 17.18 27.30
C TYR A 927 -15.65 18.10 26.15
N MET A 928 -15.20 19.36 26.25
CA MET A 928 -15.47 20.38 25.26
C MET A 928 -14.17 21.01 24.81
N VAL A 929 -14.04 21.24 23.51
CA VAL A 929 -12.90 21.94 22.93
C VAL A 929 -13.42 23.31 22.50
N ALA A 930 -13.14 24.34 23.31
CA ALA A 930 -13.57 25.68 22.99
C ALA A 930 -12.80 26.22 21.78
N LYS A 931 -13.45 27.12 21.04
CA LYS A 931 -12.82 27.69 19.85
C LYS A 931 -11.59 28.52 20.22
N ASP A 932 -11.64 29.21 21.35
CA ASP A 932 -10.56 30.08 21.79
C ASP A 932 -10.74 30.34 23.27
N PRO A 933 -9.71 30.88 23.95
CA PRO A 933 -9.86 31.16 25.39
C PRO A 933 -11.08 32.00 25.75
N GLN A 934 -11.40 33.01 24.94
CA GLN A 934 -12.61 33.80 25.19
C GLN A 934 -13.85 32.93 25.13
N ALA A 935 -13.90 32.01 24.14
CA ALA A 935 -15.02 31.09 24.06
C ALA A 935 -15.08 30.18 25.28
N ALA A 936 -13.92 29.79 25.81
CA ALA A 936 -13.91 28.95 27.02
C ALA A 936 -14.45 29.72 28.22
N VAL A 937 -14.08 30.99 28.36
CA VAL A 937 -14.63 31.82 29.42
C VAL A 937 -16.13 31.95 29.27
N ARG A 938 -16.59 32.12 28.03
CA ARG A 938 -18.03 32.22 27.77
C ARG A 938 -18.74 30.93 28.14
N ILE A 939 -18.14 29.78 27.82
CA ILE A 939 -18.75 28.49 28.15
C ILE A 939 -18.85 28.33 29.66
N ARG A 940 -17.76 28.66 30.38
CA ARG A 940 -17.79 28.58 31.83
C ARG A 940 -18.89 29.46 32.41
N LYS A 941 -18.98 30.70 31.93
CA LYS A 941 -20.00 31.61 32.43
C LYS A 941 -21.40 31.08 32.17
N ILE A 942 -21.64 30.57 30.95
CA ILE A 942 -22.96 30.08 30.58
C ILE A 942 -23.36 28.90 31.46
N LEU A 943 -22.46 27.91 31.58
CA LEU A 943 -22.80 26.72 32.35
C LEU A 943 -22.86 27.01 33.86
N THR A 944 -22.17 28.05 34.34
CA THR A 944 -22.27 28.41 35.74
C THR A 944 -23.58 29.12 36.03
N GLU A 945 -23.99 30.04 35.16
CA GLU A 945 -25.23 30.78 35.36
C GLU A 945 -26.47 29.97 35.00
N ASN A 946 -26.31 28.81 34.37
CA ASN A 946 -27.43 27.97 33.97
C ASN A 946 -27.11 26.50 34.28
N ALA A 947 -26.89 26.22 35.55
CA ALA A 947 -26.58 24.86 35.97
C ALA A 947 -27.79 23.96 35.79
N PRO A 948 -27.66 22.80 35.15
CA PRO A 948 -28.82 21.92 34.97
C PRO A 948 -29.28 21.26 36.25
N ASN A 949 -28.45 21.22 37.28
CA ASN A 949 -28.79 20.59 38.55
C ASN A 949 -27.79 21.06 39.59
N PRO A 950 -28.10 20.91 40.88
CA PRO A 950 -27.19 21.41 41.92
C PRO A 950 -25.83 20.74 41.94
N ARG A 951 -25.65 19.59 41.28
CA ARG A 951 -24.41 18.83 41.39
C ARG A 951 -23.44 19.10 40.23
N ALA A 952 -23.87 19.76 39.16
CA ALA A 952 -23.00 19.97 38.01
C ALA A 952 -21.90 20.97 38.35
N ARG A 953 -20.71 20.75 37.79
CA ARG A 953 -19.57 21.58 38.14
C ARG A 953 -18.45 21.34 37.14
N PHE A 954 -17.62 22.37 36.94
CA PHE A 954 -16.43 22.21 36.12
C PHE A 954 -15.34 21.50 36.91
N VAL A 955 -14.55 20.68 36.21
CA VAL A 955 -13.41 20.00 36.78
C VAL A 955 -12.20 20.37 35.95
N GLU A 956 -11.19 20.94 36.60
CA GLU A 956 -9.98 21.36 35.89
C GLU A 956 -9.16 20.14 35.50
N MET A 957 -8.90 20.00 34.21
CA MET A 957 -8.09 18.90 33.69
C MET A 957 -6.76 19.42 33.18
N THR A 958 -5.70 18.68 33.44
CA THR A 958 -4.39 19.01 32.90
C THR A 958 -3.72 17.74 32.39
N LEU A 959 -3.08 17.85 31.23
CA LEU A 959 -2.36 16.72 30.68
C LEU A 959 -1.28 16.27 31.65
N SER A 960 -1.21 14.96 31.89
CA SER A 960 -0.23 14.40 32.81
C SER A 960 1.03 14.01 32.04
N ASP A 961 2.15 14.62 32.40
CA ASP A 961 3.45 14.27 31.86
C ASP A 961 4.14 13.18 32.67
N LYS A 962 3.46 12.61 33.66
CA LYS A 962 4.03 11.57 34.50
C LYS A 962 3.37 10.21 34.29
N GLY A 963 2.06 10.17 34.05
CA GLY A 963 1.38 8.89 34.04
C GLY A 963 1.38 8.29 35.44
N PHE A 964 1.51 6.97 35.50
CA PHE A 964 1.62 6.31 36.80
C PHE A 964 2.96 6.63 37.44
N GLN A 965 2.91 7.05 38.70
CA GLN A 965 4.10 7.32 39.50
C GLN A 965 4.05 6.43 40.74
N VAL A 966 5.24 6.08 41.24
CA VAL A 966 5.37 5.31 42.47
C VAL A 966 6.59 5.83 43.22
N SER A 967 6.46 5.92 44.53
CA SER A 967 7.57 6.36 45.37
C SER A 967 7.50 5.66 46.72
N ARG A 968 8.57 5.80 47.49
CA ARG A 968 8.72 5.17 48.79
C ARG A 968 8.94 6.23 49.85
N SER A 969 8.47 5.94 51.07
CA SER A 969 8.59 6.88 52.17
C SER A 969 10.04 7.04 52.62
N HIS B 20 31.28 -3.38 -0.25
CA HIS B 20 31.13 -4.27 -1.39
C HIS B 20 30.95 -5.72 -0.96
N MET B 21 29.68 -6.11 -0.89
CA MET B 21 29.31 -7.48 -0.58
C MET B 21 29.74 -8.42 -1.70
N GLN B 22 30.30 -9.56 -1.34
CA GLN B 22 30.83 -10.49 -2.35
C GLN B 22 29.73 -11.36 -2.93
N LYS B 23 29.74 -11.45 -4.26
CA LYS B 23 28.81 -12.30 -5.00
C LYS B 23 29.55 -13.54 -5.49
N LEU B 24 28.95 -14.70 -5.26
CA LEU B 24 29.45 -15.98 -5.73
C LEU B 24 28.39 -16.55 -6.67
N LEU B 25 28.82 -16.98 -7.86
CA LEU B 25 27.91 -17.45 -8.88
C LEU B 25 28.32 -18.85 -9.34
N SER B 26 27.34 -19.76 -9.42
CA SER B 26 27.54 -21.06 -10.05
C SER B 26 26.97 -20.93 -11.45
N LEU B 27 27.84 -20.80 -12.44
CA LEU B 27 27.52 -20.49 -13.83
C LEU B 27 27.79 -21.68 -14.73
N PRO B 28 27.30 -21.65 -15.98
CA PRO B 28 27.74 -22.65 -16.96
C PRO B 28 29.25 -22.58 -17.15
N SER B 29 29.83 -23.75 -17.46
CA SER B 29 31.29 -23.86 -17.53
C SER B 29 31.88 -22.89 -18.55
N ASN B 30 31.22 -22.73 -19.70
CA ASN B 30 31.74 -21.83 -20.72
C ASN B 30 31.72 -20.37 -20.27
N LEU B 31 30.73 -19.99 -19.46
CA LEU B 31 30.59 -18.60 -19.04
C LEU B 31 31.56 -18.23 -17.92
N VAL B 32 32.01 -19.21 -17.14
CA VAL B 32 32.88 -18.95 -16.01
C VAL B 32 34.17 -18.26 -16.47
N GLN B 33 34.69 -18.68 -17.63
CA GLN B 33 35.98 -18.18 -18.10
C GLN B 33 35.90 -16.75 -18.63
N SER B 34 34.72 -16.29 -19.03
CA SER B 34 34.57 -14.97 -19.64
C SER B 34 33.68 -14.03 -18.86
N PHE B 35 33.14 -14.44 -17.71
CA PHE B 35 32.14 -13.64 -17.01
C PHE B 35 32.67 -12.26 -16.65
N HIS B 36 33.83 -12.20 -15.99
CA HIS B 36 34.35 -10.92 -15.52
C HIS B 36 34.66 -9.97 -16.66
N GLU B 37 35.04 -10.48 -17.82
CA GLU B 37 35.33 -9.60 -18.95
C GLU B 37 34.07 -9.11 -19.64
N LEU B 38 33.08 -10.00 -19.82
CA LEU B 38 31.86 -9.62 -20.52
C LEU B 38 31.04 -8.63 -19.70
N GLU B 39 30.99 -8.80 -18.38
CA GLU B 39 30.18 -7.95 -17.52
C GLU B 39 30.97 -6.80 -16.91
N ARG B 40 32.28 -6.72 -17.17
CA ARG B 40 33.12 -5.63 -16.70
C ARG B 40 33.03 -5.48 -15.18
N VAL B 41 33.40 -6.54 -14.48
CA VAL B 41 33.39 -6.56 -13.01
C VAL B 41 34.72 -7.09 -12.52
N ASN B 42 35.16 -6.57 -11.38
CA ASN B 42 36.44 -6.95 -10.82
C ASN B 42 36.35 -8.33 -10.17
N ARG B 43 37.49 -9.02 -10.12
CA ARG B 43 37.54 -10.37 -9.57
C ARG B 43 37.50 -10.39 -8.05
N THR B 44 37.60 -9.23 -7.40
CA THR B 44 37.58 -9.19 -5.94
C THR B 44 36.15 -9.31 -5.42
N ASP B 45 35.21 -8.59 -6.01
CA ASP B 45 33.82 -8.60 -5.57
C ASP B 45 32.97 -9.64 -6.28
N TRP B 46 33.53 -10.37 -7.23
CA TRP B 46 32.79 -11.35 -8.01
C TRP B 46 33.61 -12.62 -8.14
N PHE B 47 33.07 -13.73 -7.67
CA PHE B 47 33.67 -15.04 -7.85
C PHE B 47 32.66 -15.95 -8.54
N CYS B 48 33.12 -16.72 -9.52
CA CYS B 48 32.24 -17.64 -10.21
C CYS B 48 32.96 -18.94 -10.51
N THR B 49 32.18 -20.01 -10.56
CA THR B 49 32.66 -21.34 -10.92
C THR B 49 31.48 -22.13 -11.46
N SER B 50 31.70 -23.40 -11.73
CA SER B 50 30.64 -24.28 -12.21
C SER B 50 30.67 -25.58 -11.43
N ASP B 51 29.58 -26.32 -11.50
CA ASP B 51 29.62 -27.71 -11.06
C ASP B 51 30.66 -28.44 -11.88
N PRO B 52 31.39 -29.39 -11.30
CA PRO B 52 32.34 -30.18 -12.09
C PRO B 52 31.64 -30.80 -13.29
N VAL B 53 32.23 -30.58 -14.47
CA VAL B 53 31.62 -31.03 -15.72
C VAL B 53 31.44 -32.54 -15.69
N GLY B 54 30.24 -32.98 -16.04
CA GLY B 54 29.89 -34.39 -16.04
C GLY B 54 29.15 -34.87 -14.80
N LYS B 55 28.92 -34.01 -13.82
CA LYS B 55 28.20 -34.41 -12.62
C LYS B 55 27.39 -33.23 -12.10
N LYS B 56 26.08 -33.40 -12.01
CA LYS B 56 25.23 -32.40 -11.39
C LYS B 56 25.25 -32.56 -9.88
N LEU B 57 25.21 -31.45 -9.17
CA LEU B 57 25.27 -31.46 -7.71
C LEU B 57 23.99 -30.97 -7.06
N GLY B 58 23.04 -30.44 -7.83
CA GLY B 58 21.82 -29.92 -7.24
C GLY B 58 22.06 -28.60 -6.54
N SER B 59 21.01 -28.11 -5.88
CA SER B 59 21.09 -26.82 -5.20
C SER B 59 22.08 -26.87 -4.04
N GLY B 60 21.91 -27.84 -3.13
CA GLY B 60 22.79 -27.90 -1.98
C GLY B 60 24.21 -28.28 -2.34
N GLY B 61 24.38 -29.29 -3.21
CA GLY B 61 25.72 -29.66 -3.63
C GLY B 61 26.42 -28.53 -4.37
N GLY B 62 25.70 -27.82 -5.23
CA GLY B 62 26.28 -26.69 -5.92
C GLY B 62 26.63 -25.56 -4.97
N THR B 63 25.82 -25.36 -3.93
CA THR B 63 26.17 -24.36 -2.91
C THR B 63 27.45 -24.74 -2.20
N SER B 64 27.59 -26.00 -1.81
CA SER B 64 28.80 -26.44 -1.12
C SER B 64 30.01 -26.33 -2.03
N TRP B 65 29.86 -26.67 -3.31
CA TRP B 65 30.96 -26.55 -4.25
C TRP B 65 31.35 -25.10 -4.48
N LEU B 66 30.37 -24.21 -4.58
CA LEU B 66 30.65 -22.78 -4.75
C LEU B 66 31.42 -22.24 -3.55
N LEU B 67 30.96 -22.59 -2.35
CA LEU B 67 31.65 -22.16 -1.13
C LEU B 67 33.07 -22.72 -1.07
N GLU B 68 33.23 -24.00 -1.41
CA GLU B 68 34.55 -24.62 -1.37
C GLU B 68 35.50 -23.96 -2.36
N GLU B 69 35.03 -23.69 -3.58
CA GLU B 69 35.87 -23.04 -4.58
C GLU B 69 36.27 -21.64 -4.14
N CYS B 70 35.30 -20.85 -3.67
CA CYS B 70 35.61 -19.50 -3.22
C CYS B 70 36.59 -19.52 -2.05
N TYR B 71 36.44 -20.49 -1.14
CA TYR B 71 37.37 -20.60 -0.03
C TYR B 71 38.78 -20.94 -0.51
N ASN B 72 38.89 -21.92 -1.42
CA ASN B 72 40.20 -22.26 -1.94
C ASN B 72 40.83 -21.10 -2.70
N GLU B 73 40.01 -20.19 -3.24
CA GLU B 73 40.56 -19.05 -3.96
C GLU B 73 41.04 -17.95 -3.01
N TYR B 74 40.27 -17.67 -1.95
CA TYR B 74 40.55 -16.57 -1.03
C TYR B 74 40.89 -17.06 0.38
N SER B 75 41.50 -18.24 0.50
CA SER B 75 41.79 -18.81 1.82
C SER B 75 42.74 -17.92 2.60
N ASP B 76 43.86 -17.55 2.01
CA ASP B 76 44.86 -16.67 2.62
C ASP B 76 45.43 -17.25 3.92
N GLY B 77 45.23 -18.55 4.16
CA GLY B 77 45.77 -19.20 5.33
C GLY B 77 44.78 -19.49 6.43
N ALA B 78 43.52 -19.08 6.28
CA ALA B 78 42.51 -19.30 7.30
C ALA B 78 41.81 -20.63 7.10
N THR B 79 41.16 -21.10 8.16
CA THR B 79 40.32 -22.28 8.05
C THR B 79 38.99 -21.90 7.39
N PHE B 80 38.20 -22.91 7.04
CA PHE B 80 36.94 -22.63 6.37
C PHE B 80 35.99 -21.86 7.27
N GLY B 81 36.01 -22.14 8.58
CA GLY B 81 35.11 -21.46 9.48
C GLY B 81 35.44 -19.99 9.65
N GLU B 82 36.72 -19.68 9.91
CA GLU B 82 37.10 -18.28 10.07
C GLU B 82 37.12 -17.51 8.75
N TRP B 83 37.16 -18.21 7.61
CA TRP B 83 36.95 -17.54 6.34
C TRP B 83 35.48 -17.25 6.10
N LEU B 84 34.61 -18.20 6.46
CA LEU B 84 33.17 -18.00 6.32
C LEU B 84 32.69 -16.83 7.16
N GLU B 85 33.32 -16.60 8.31
CA GLU B 85 32.92 -15.52 9.19
C GLU B 85 33.27 -14.14 8.65
N LYS B 86 34.25 -14.03 7.75
CA LYS B 86 34.84 -12.73 7.47
C LYS B 86 33.85 -11.75 6.84
N GLU B 87 32.92 -12.24 6.01
CA GLU B 87 32.02 -11.32 5.33
C GLU B 87 30.76 -12.04 4.89
N LYS B 88 29.73 -11.25 4.59
CA LYS B 88 28.48 -11.77 4.05
C LYS B 88 28.62 -11.99 2.56
N ARG B 89 27.98 -13.04 2.06
CA ARG B 89 28.12 -13.41 0.65
C ARG B 89 26.75 -13.76 0.08
N ILE B 90 26.55 -13.40 -1.19
CA ILE B 90 25.34 -13.69 -1.93
C ILE B 90 25.67 -14.72 -3.00
N LEU B 91 25.05 -15.90 -2.91
CA LEU B 91 25.32 -17.00 -3.81
C LEU B 91 24.12 -17.18 -4.74
N LEU B 92 24.39 -17.18 -6.04
CA LEU B 92 23.38 -17.33 -7.07
C LEU B 92 23.69 -18.56 -7.91
N HIS B 93 22.68 -19.42 -8.09
CA HIS B 93 22.82 -20.61 -8.91
C HIS B 93 22.16 -20.34 -10.27
N ALA B 94 22.98 -20.19 -11.31
CA ALA B 94 22.52 -19.99 -12.68
C ALA B 94 23.27 -20.92 -13.62
N GLY B 95 23.56 -22.14 -13.14
CA GLY B 95 24.39 -23.07 -13.90
C GLY B 95 23.71 -24.33 -14.38
N GLY B 96 22.43 -24.25 -14.72
CA GLY B 96 21.73 -25.40 -15.29
C GLY B 96 21.98 -25.54 -16.77
N GLN B 97 21.14 -26.37 -17.40
CA GLN B 97 21.20 -26.57 -18.84
C GLN B 97 20.33 -25.60 -19.61
N SER B 98 19.31 -25.03 -18.97
CA SER B 98 18.38 -24.09 -19.59
C SER B 98 17.72 -24.71 -20.82
N ARG B 99 17.18 -25.92 -20.65
CA ARG B 99 16.50 -26.59 -21.75
C ARG B 99 15.36 -25.75 -22.29
N ARG B 100 14.59 -25.13 -21.41
CA ARG B 100 13.37 -24.42 -21.77
C ARG B 100 13.61 -22.97 -22.16
N LEU B 101 14.82 -22.46 -22.02
CA LEU B 101 15.18 -21.10 -22.43
C LEU B 101 16.44 -21.17 -23.29
N PRO B 102 16.33 -21.69 -24.51
CA PRO B 102 17.54 -21.87 -25.34
C PRO B 102 18.17 -20.56 -25.78
N GLY B 103 17.38 -19.50 -25.94
CA GLY B 103 17.92 -18.23 -26.41
C GLY B 103 18.97 -17.62 -25.51
N TYR B 104 18.99 -18.00 -24.23
CA TYR B 104 19.98 -17.48 -23.29
C TYR B 104 20.57 -18.59 -22.44
N ALA B 105 20.56 -19.83 -22.96
CA ALA B 105 21.20 -20.93 -22.25
C ALA B 105 22.70 -20.75 -22.09
N PRO B 106 23.47 -20.37 -23.12
CA PRO B 106 24.91 -20.13 -22.89
C PRO B 106 25.19 -18.96 -21.97
N SER B 107 24.23 -18.06 -21.76
CA SER B 107 24.37 -16.99 -20.79
C SER B 107 23.88 -17.38 -19.40
N GLY B 108 23.26 -18.54 -19.25
CA GLY B 108 22.82 -18.99 -17.94
C GLY B 108 21.60 -18.26 -17.42
N LYS B 109 20.73 -17.76 -18.30
CA LYS B 109 19.51 -17.04 -17.96
C LYS B 109 19.82 -15.74 -17.21
N ILE B 110 20.70 -15.81 -16.21
CA ILE B 110 20.93 -14.67 -15.32
C ILE B 110 21.48 -13.45 -16.06
N LEU B 111 22.09 -13.65 -17.22
CA LEU B 111 22.63 -12.55 -18.02
C LEU B 111 21.72 -12.18 -19.18
N THR B 112 20.42 -12.44 -19.05
CA THR B 112 19.47 -12.11 -20.10
C THR B 112 19.17 -10.61 -20.08
N PRO B 113 19.34 -9.91 -21.19
CA PRO B 113 18.97 -8.49 -21.22
C PRO B 113 17.48 -8.33 -20.95
N VAL B 114 17.15 -7.38 -20.07
CA VAL B 114 15.78 -7.13 -19.64
C VAL B 114 15.42 -5.71 -20.05
N PRO B 115 14.29 -5.49 -20.71
CA PRO B 115 13.95 -4.14 -21.15
C PRO B 115 13.79 -3.19 -19.97
N VAL B 116 14.09 -1.92 -20.22
CA VAL B 116 13.92 -0.88 -19.21
C VAL B 116 12.44 -0.74 -18.89
N PHE B 117 12.11 -0.72 -17.60
CA PHE B 117 10.72 -0.54 -17.21
C PHE B 117 10.27 0.85 -17.62
N ARG B 118 9.15 0.93 -18.35
CA ARG B 118 8.68 2.21 -18.85
C ARG B 118 8.27 3.16 -17.73
N TRP B 119 8.15 2.68 -16.49
CA TRP B 119 7.74 3.49 -15.37
C TRP B 119 8.86 3.73 -14.36
N GLU B 120 10.08 3.29 -14.65
CA GLU B 120 11.20 3.35 -13.72
C GLU B 120 12.23 4.38 -14.19
N ARG B 121 12.87 5.03 -13.22
CA ARG B 121 13.91 6.01 -13.48
C ARG B 121 15.25 5.50 -12.96
N GLY B 122 16.30 5.71 -13.74
CA GLY B 122 17.65 5.39 -13.31
C GLY B 122 18.15 4.01 -13.68
N GLN B 123 17.44 3.29 -14.54
CA GLN B 123 17.91 1.98 -14.95
C GLN B 123 18.95 2.10 -16.07
N HIS B 124 19.84 1.12 -16.16
CA HIS B 124 20.84 1.08 -17.20
C HIS B 124 20.27 0.42 -18.44
N LEU B 125 20.58 0.98 -19.61
CA LEU B 125 20.06 0.45 -20.86
C LEU B 125 20.48 -1.00 -21.06
N GLY B 126 21.71 -1.33 -20.67
CA GLY B 126 22.22 -2.68 -20.84
C GLY B 126 21.97 -3.57 -19.65
N GLN B 127 20.96 -3.25 -18.85
CA GLN B 127 20.67 -4.03 -17.66
C GLN B 127 20.25 -5.44 -18.03
N ASN B 128 20.58 -6.40 -17.16
CA ASN B 128 20.20 -7.79 -17.33
C ASN B 128 19.52 -8.26 -16.05
N LEU B 129 19.14 -9.55 -16.04
CA LEU B 129 18.43 -10.10 -14.89
C LEU B 129 19.27 -10.04 -13.62
N LEU B 130 20.57 -10.30 -13.74
CA LEU B 130 21.45 -10.27 -12.58
C LEU B 130 21.48 -8.88 -11.94
N SER B 131 21.64 -7.85 -12.76
CA SER B 131 21.74 -6.49 -12.22
C SER B 131 20.40 -6.02 -11.65
N LEU B 132 19.29 -6.53 -12.17
CA LEU B 132 17.99 -6.19 -11.61
C LEU B 132 17.72 -6.91 -10.29
N GLN B 133 18.21 -8.14 -10.15
CA GLN B 133 17.88 -8.96 -8.98
C GLN B 133 18.86 -8.76 -7.83
N LEU B 134 20.08 -8.33 -8.09
CA LEU B 134 21.07 -8.19 -7.02
C LEU B 134 20.68 -7.21 -5.91
N PRO B 135 20.13 -6.01 -6.20
CA PRO B 135 19.91 -5.05 -5.09
C PRO B 135 19.02 -5.56 -3.98
N LEU B 136 17.96 -6.31 -4.30
CA LEU B 136 17.11 -6.84 -3.24
C LEU B 136 17.88 -7.80 -2.33
N TYR B 137 18.70 -8.67 -2.92
CA TYR B 137 19.50 -9.59 -2.13
C TYR B 137 20.51 -8.83 -1.26
N GLU B 138 21.13 -7.79 -1.82
CA GLU B 138 22.08 -7.02 -1.04
C GLU B 138 21.40 -6.30 0.12
N LYS B 139 20.19 -5.78 -0.11
CA LYS B 139 19.44 -5.13 0.95
C LYS B 139 19.08 -6.12 2.06
N ILE B 140 18.54 -7.28 1.67
CA ILE B 140 18.19 -8.29 2.66
C ILE B 140 19.41 -8.73 3.45
N MET B 141 20.55 -8.90 2.77
CA MET B 141 21.76 -9.36 3.45
C MET B 141 22.30 -8.30 4.40
N SER B 142 22.27 -7.03 4.00
CA SER B 142 22.72 -5.96 4.89
C SER B 142 21.80 -5.81 6.10
N LEU B 143 20.52 -6.13 5.94
CA LEU B 143 19.60 -6.09 7.07
C LEU B 143 19.75 -7.30 7.99
N ALA B 144 20.40 -8.36 7.52
CA ALA B 144 20.45 -9.62 8.27
C ALA B 144 21.40 -9.53 9.46
N PRO B 145 21.19 -10.35 10.48
CA PRO B 145 22.14 -10.43 11.59
C PRO B 145 23.52 -10.86 11.12
N ASP B 146 24.51 -10.59 11.97
CA ASP B 146 25.91 -10.80 11.59
C ASP B 146 26.29 -12.27 11.56
N LYS B 147 25.52 -13.16 12.19
CA LYS B 147 25.84 -14.58 12.16
C LYS B 147 25.40 -15.27 10.88
N LEU B 148 24.56 -14.62 10.06
CA LEU B 148 24.15 -15.16 8.77
C LEU B 148 25.07 -14.60 7.69
N HIS B 149 26.08 -15.38 7.31
CA HIS B 149 27.07 -14.95 6.32
C HIS B 149 26.77 -15.45 4.91
N THR B 150 25.69 -16.21 4.71
CA THR B 150 25.44 -16.87 3.43
C THR B 150 23.99 -16.66 3.03
N LEU B 151 23.76 -16.02 1.89
CA LEU B 151 22.46 -15.96 1.25
C LEU B 151 22.50 -16.84 0.01
N ILE B 152 21.43 -17.61 -0.22
CA ILE B 152 21.34 -18.53 -1.35
C ILE B 152 20.13 -18.17 -2.19
N ALA B 153 20.31 -18.09 -3.52
CA ALA B 153 19.21 -17.74 -4.41
C ALA B 153 19.43 -18.38 -5.78
N SER B 154 18.33 -18.50 -6.51
CA SER B 154 18.33 -18.98 -7.89
C SER B 154 18.33 -17.81 -8.86
N GLY B 155 19.07 -17.96 -9.95
CA GLY B 155 19.22 -16.89 -10.91
C GLY B 155 18.15 -16.80 -11.98
N ASP B 156 17.19 -17.72 -11.99
CA ASP B 156 16.16 -17.74 -13.03
C ASP B 156 14.85 -17.11 -12.58
N VAL B 157 14.87 -16.26 -11.56
CA VAL B 157 13.67 -15.59 -11.06
C VAL B 157 13.97 -14.13 -10.86
N TYR B 158 12.92 -13.30 -10.95
CA TYR B 158 13.01 -11.89 -10.60
C TYR B 158 12.04 -11.61 -9.46
N ILE B 159 12.57 -11.14 -8.34
CA ILE B 159 11.78 -10.92 -7.13
C ILE B 159 11.86 -9.44 -6.75
N ARG B 160 10.71 -8.88 -6.40
CA ARG B 160 10.60 -7.48 -6.01
C ARG B 160 9.99 -7.38 -4.62
N SER B 161 10.36 -6.32 -3.90
CA SER B 161 9.80 -6.03 -2.58
C SER B 161 9.48 -4.54 -2.53
N GLU B 162 8.19 -4.20 -2.58
CA GLU B 162 7.75 -2.81 -2.61
C GLU B 162 7.24 -2.32 -1.27
N LYS B 163 7.45 -3.08 -0.21
CA LYS B 163 7.11 -2.67 1.16
C LYS B 163 8.32 -2.88 2.05
N PRO B 164 8.45 -2.10 3.13
CA PRO B 164 9.65 -2.19 3.96
C PRO B 164 9.85 -3.59 4.51
N LEU B 165 11.10 -4.06 4.45
CA LEU B 165 11.45 -5.36 4.99
C LEU B 165 11.33 -5.36 6.51
N GLN B 166 10.93 -6.50 7.06
CA GLN B 166 10.83 -6.65 8.51
C GLN B 166 12.17 -7.08 9.09
N SER B 167 12.24 -7.09 10.42
CA SER B 167 13.45 -7.53 11.09
C SER B 167 13.72 -9.00 10.80
N ILE B 168 14.99 -9.33 10.59
CA ILE B 168 15.41 -10.68 10.26
C ILE B 168 15.86 -11.36 11.56
N PRO B 169 15.16 -12.39 12.03
CA PRO B 169 15.56 -13.06 13.27
C PRO B 169 16.88 -13.79 13.10
N GLU B 170 17.40 -14.26 14.24
CA GLU B 170 18.73 -14.86 14.30
C GLU B 170 18.62 -16.38 14.38
N ALA B 171 18.14 -16.97 13.29
CA ALA B 171 17.96 -18.41 13.19
C ALA B 171 19.02 -19.03 12.29
N ASP B 172 19.12 -20.36 12.35
CA ASP B 172 20.08 -21.07 11.50
C ASP B 172 19.69 -21.00 10.04
N VAL B 173 18.38 -21.08 9.75
CA VAL B 173 17.86 -21.00 8.39
C VAL B 173 16.74 -19.97 8.40
N VAL B 174 16.83 -18.98 7.52
CA VAL B 174 15.81 -17.95 7.35
C VAL B 174 15.35 -17.99 5.91
N CYS B 175 14.07 -18.31 5.70
CA CYS B 175 13.53 -18.49 4.36
C CYS B 175 12.46 -17.45 4.09
N TYR B 176 12.55 -16.80 2.93
CA TYR B 176 11.52 -15.85 2.51
C TYR B 176 10.41 -16.56 1.75
N GLY B 177 9.17 -16.12 1.99
CA GLY B 177 8.00 -16.73 1.39
C GLY B 177 7.07 -15.68 0.81
N LEU B 178 6.03 -16.17 0.14
CA LEU B 178 5.08 -15.31 -0.55
C LEU B 178 3.71 -15.99 -0.57
N TRP B 179 2.66 -15.22 -0.26
CA TRP B 179 1.31 -15.77 -0.30
C TRP B 179 0.86 -15.84 -1.75
N VAL B 180 0.65 -17.06 -2.24
CA VAL B 180 0.34 -17.32 -3.64
C VAL B 180 -0.93 -18.17 -3.72
N ASP B 181 -1.57 -18.13 -4.88
CA ASP B 181 -2.69 -19.02 -5.13
C ASP B 181 -2.22 -20.47 -5.00
N PRO B 182 -3.05 -21.36 -4.46
CA PRO B 182 -2.64 -22.78 -4.35
C PRO B 182 -2.26 -23.42 -5.67
N SER B 183 -2.93 -23.04 -6.77
CA SER B 183 -2.61 -23.63 -8.07
C SER B 183 -1.16 -23.38 -8.47
N LEU B 184 -0.65 -22.19 -8.19
CA LEU B 184 0.77 -21.92 -8.47
C LEU B 184 1.68 -22.54 -7.40
N ALA B 185 1.23 -22.57 -6.15
CA ALA B 185 2.02 -23.20 -5.09
C ALA B 185 2.23 -24.69 -5.36
N THR B 186 1.36 -25.31 -6.15
CA THR B 186 1.52 -26.71 -6.51
C THR B 186 2.80 -26.96 -7.29
N HIS B 187 3.41 -25.92 -7.86
CA HIS B 187 4.58 -26.07 -8.72
C HIS B 187 5.88 -25.65 -8.04
N HIS B 188 5.86 -25.38 -6.73
CA HIS B 188 7.04 -24.90 -6.03
C HIS B 188 7.15 -25.57 -4.67
N GLY B 189 8.22 -25.21 -3.96
CA GLY B 189 8.32 -25.57 -2.56
C GLY B 189 7.38 -24.73 -1.71
N VAL B 190 6.97 -25.29 -0.59
CA VAL B 190 5.96 -24.69 0.26
C VAL B 190 6.35 -24.86 1.71
N PHE B 191 6.33 -23.76 2.46
CA PHE B 191 6.53 -23.79 3.91
C PHE B 191 5.16 -23.88 4.56
N ALA B 192 4.98 -24.85 5.45
CA ALA B 192 3.71 -25.05 6.14
C ALA B 192 3.94 -24.83 7.62
N SER B 193 3.18 -23.90 8.18
CA SER B 193 3.26 -23.52 9.58
C SER B 193 1.90 -23.74 10.21
N ASP B 194 1.88 -24.27 11.44
CA ASP B 194 0.60 -24.43 12.13
C ASP B 194 -0.04 -23.07 12.32
N ARG B 195 -1.36 -23.01 12.13
CA ARG B 195 -2.08 -21.74 12.24
C ARG B 195 -1.92 -21.11 13.62
N LYS B 196 -1.73 -21.94 14.65
CA LYS B 196 -1.53 -21.42 16.00
C LYS B 196 -0.12 -20.91 16.24
N HIS B 197 0.83 -21.29 15.39
CA HIS B 197 2.22 -20.84 15.50
C HIS B 197 2.76 -20.53 14.12
N PRO B 198 2.40 -19.37 13.56
CA PRO B 198 3.02 -18.95 12.29
C PRO B 198 4.46 -18.51 12.44
N GLU B 199 4.96 -18.36 13.66
CA GLU B 199 6.35 -17.97 13.86
C GLU B 199 7.31 -19.11 13.54
N GLN B 200 6.90 -20.35 13.78
CA GLN B 200 7.74 -21.51 13.50
C GLN B 200 7.51 -22.00 12.08
N LEU B 201 8.29 -23.00 11.68
CA LEU B 201 8.06 -23.78 10.47
C LEU B 201 7.66 -25.17 10.91
N ASP B 202 6.49 -25.63 10.47
CA ASP B 202 6.10 -26.99 10.82
C ASP B 202 6.76 -28.01 9.90
N PHE B 203 6.62 -27.83 8.58
CA PHE B 203 7.33 -28.69 7.65
C PHE B 203 7.29 -28.09 6.25
N MET B 204 8.18 -28.57 5.40
CA MET B 204 8.19 -28.16 4.00
C MET B 204 7.56 -29.25 3.13
N LEU B 205 7.06 -28.82 1.98
CA LEU B 205 6.48 -29.72 0.98
C LEU B 205 6.98 -29.30 -0.38
N GLN B 206 7.54 -30.24 -1.14
CA GLN B 206 8.05 -29.94 -2.47
C GLN B 206 6.98 -30.30 -3.49
N LYS B 207 6.43 -29.27 -4.15
CA LYS B 207 5.35 -29.40 -5.12
C LYS B 207 4.20 -30.22 -4.57
N PRO B 208 3.48 -29.74 -3.56
CA PRO B 208 2.35 -30.50 -3.04
C PRO B 208 1.16 -30.42 -3.99
N SER B 209 0.33 -31.45 -3.94
CA SER B 209 -0.87 -31.49 -4.77
C SER B 209 -1.98 -30.66 -4.13
N LEU B 210 -3.04 -30.42 -4.91
CA LEU B 210 -4.19 -29.69 -4.41
C LEU B 210 -4.84 -30.42 -3.24
N ALA B 211 -4.84 -31.75 -3.25
CA ALA B 211 -5.42 -32.51 -2.15
C ALA B 211 -4.63 -32.30 -0.86
N GLU B 212 -3.30 -32.22 -0.96
CA GLU B 212 -2.49 -31.96 0.23
C GLU B 212 -2.77 -30.57 0.79
N LEU B 213 -2.90 -29.57 -0.10
CA LEU B 213 -3.22 -28.23 0.35
C LEU B 213 -4.62 -28.17 0.95
N GLU B 214 -5.55 -28.99 0.44
CA GLU B 214 -6.87 -29.08 1.06
C GLU B 214 -6.78 -29.66 2.46
N SER B 215 -6.01 -30.75 2.61
CA SER B 215 -5.88 -31.39 3.91
C SER B 215 -5.18 -30.49 4.92
N LEU B 216 -4.31 -29.60 4.46
CA LEU B 216 -3.58 -28.72 5.36
C LEU B 216 -4.18 -27.33 5.48
N SER B 217 -5.20 -27.00 4.69
CA SER B 217 -5.74 -25.64 4.71
C SER B 217 -6.51 -25.35 5.97
N LYS B 218 -7.11 -26.37 6.59
CA LYS B 218 -7.90 -26.14 7.80
C LYS B 218 -7.02 -25.93 9.03
N THR B 219 -5.80 -26.46 9.04
CA THR B 219 -4.94 -26.41 10.21
C THR B 219 -3.62 -25.69 10.00
N HIS B 220 -3.24 -25.38 8.76
CA HIS B 220 -1.93 -24.81 8.50
C HIS B 220 -2.02 -23.68 7.49
N LEU B 221 -1.00 -22.82 7.54
CA LEU B 221 -0.78 -21.79 6.54
C LEU B 221 0.38 -22.23 5.65
N PHE B 222 0.25 -21.97 4.35
CA PHE B 222 1.29 -22.34 3.40
C PHE B 222 1.80 -21.10 2.68
N LEU B 223 3.12 -20.97 2.61
CA LEU B 223 3.82 -19.89 1.91
C LEU B 223 4.71 -20.47 0.83
N MET B 224 4.58 -19.97 -0.38
CA MET B 224 5.43 -20.46 -1.47
C MET B 224 6.87 -20.08 -1.24
N ASP B 225 7.77 -21.05 -1.45
CA ASP B 225 9.20 -20.79 -1.35
C ASP B 225 9.64 -19.97 -2.56
N ILE B 226 10.16 -18.76 -2.32
CA ILE B 226 10.63 -17.93 -3.42
C ILE B 226 12.12 -18.08 -3.66
N GLY B 227 12.80 -18.94 -2.91
CA GLY B 227 14.20 -19.19 -3.16
C GLY B 227 15.14 -18.14 -2.63
N ILE B 228 14.87 -17.61 -1.44
CA ILE B 228 15.76 -16.68 -0.76
C ILE B 228 16.00 -17.25 0.64
N TRP B 229 17.10 -17.98 0.81
CA TRP B 229 17.46 -18.59 2.08
C TRP B 229 18.72 -17.94 2.62
N LEU B 230 18.79 -17.84 3.94
CA LEU B 230 19.93 -17.34 4.67
C LEU B 230 20.35 -18.43 5.66
N LEU B 231 21.64 -18.76 5.67
CA LEU B 231 22.14 -19.87 6.46
C LEU B 231 23.22 -19.39 7.43
N SER B 232 23.20 -19.96 8.63
CA SER B 232 24.27 -19.75 9.58
C SER B 232 25.45 -20.66 9.26
N ASP B 233 26.57 -20.44 9.95
CA ASP B 233 27.77 -21.25 9.71
C ASP B 233 27.54 -22.71 10.07
N ARG B 234 26.74 -22.99 11.09
CA ARG B 234 26.43 -24.37 11.42
C ARG B 234 25.60 -25.03 10.33
N ALA B 235 24.57 -24.31 9.84
CA ALA B 235 23.77 -24.83 8.75
C ALA B 235 24.61 -25.05 7.50
N VAL B 236 25.58 -24.16 7.26
CA VAL B 236 26.48 -24.34 6.12
C VAL B 236 27.33 -25.59 6.31
N GLU B 237 27.86 -25.79 7.52
CA GLU B 237 28.63 -26.99 7.81
C GLU B 237 27.82 -28.26 7.56
N ILE B 238 26.57 -28.27 8.03
CA ILE B 238 25.72 -29.45 7.87
C ILE B 238 25.38 -29.67 6.40
N LEU B 239 25.08 -28.59 5.67
CA LEU B 239 24.79 -28.71 4.24
C LEU B 239 25.99 -29.25 3.48
N MET B 240 27.20 -28.80 3.84
CA MET B 240 28.38 -29.26 3.14
C MET B 240 28.75 -30.69 3.51
N LYS B 241 28.46 -31.11 4.75
CA LYS B 241 28.64 -32.51 5.10
C LYS B 241 27.66 -33.39 4.34
N ARG B 242 26.43 -32.89 4.13
CA ARG B 242 25.45 -33.65 3.36
C ARG B 242 25.74 -33.62 1.87
N SER B 243 26.50 -32.64 1.39
CA SER B 243 26.82 -32.54 -0.03
C SER B 243 28.01 -33.40 -0.44
N HIS B 244 28.73 -33.99 0.51
CA HIS B 244 29.81 -34.92 0.21
C HIS B 244 29.33 -36.33 0.54
N LYS B 245 30.16 -37.32 0.20
CA LYS B 245 29.79 -38.69 0.50
C LYS B 245 30.08 -38.99 1.97
N GLU B 246 30.11 -40.28 2.33
CA GLU B 246 30.27 -40.62 3.74
C GLU B 246 31.73 -40.88 4.12
N SER B 247 32.50 -41.48 3.22
CA SER B 247 33.88 -41.88 3.51
C SER B 247 34.91 -40.87 3.02
N SER B 248 34.74 -40.34 1.82
CA SER B 248 35.75 -39.55 1.14
C SER B 248 35.22 -38.16 0.79
N GLU B 249 36.04 -37.41 0.07
CA GLU B 249 35.76 -36.03 -0.30
C GLU B 249 34.98 -35.93 -1.61
N GLU B 250 34.62 -37.06 -2.21
CA GLU B 250 33.89 -37.05 -3.47
C GLU B 250 32.52 -36.41 -3.31
N LEU B 251 32.26 -35.36 -4.07
CA LEU B 251 31.01 -34.65 -3.99
C LEU B 251 29.87 -35.54 -4.48
N LYS B 252 28.65 -35.17 -4.09
CA LYS B 252 27.46 -35.92 -4.48
C LYS B 252 26.31 -34.95 -4.71
N TYR B 253 25.27 -35.46 -5.37
CA TYR B 253 24.07 -34.67 -5.57
C TYR B 253 23.33 -34.50 -4.25
N TYR B 254 22.82 -33.29 -4.03
CA TYR B 254 22.08 -32.99 -2.81
C TYR B 254 21.19 -31.78 -3.08
N ASP B 255 19.90 -31.93 -2.86
CA ASP B 255 18.93 -30.86 -3.10
C ASP B 255 18.75 -30.04 -1.84
N LEU B 256 18.95 -28.72 -1.95
CA LEU B 256 18.77 -27.84 -0.81
C LEU B 256 17.31 -27.77 -0.39
N TYR B 257 16.39 -27.89 -1.34
CA TYR B 257 14.96 -27.72 -1.08
C TYR B 257 14.22 -29.03 -0.90
N SER B 258 14.64 -30.10 -1.57
CA SER B 258 13.96 -31.38 -1.51
C SER B 258 14.59 -32.35 -0.52
N ASP B 259 15.90 -32.24 -0.27
CA ASP B 259 16.58 -33.08 0.71
C ASP B 259 16.82 -32.33 2.01
N PHE B 260 17.51 -31.19 1.93
CA PHE B 260 17.79 -30.39 3.11
C PHE B 260 16.53 -29.71 3.63
N GLY B 261 15.65 -29.29 2.72
CA GLY B 261 14.46 -28.55 3.13
C GLY B 261 13.43 -29.42 3.82
N LEU B 262 13.16 -30.60 3.25
CA LEU B 262 12.14 -31.48 3.82
C LEU B 262 12.57 -32.08 5.16
N ALA B 263 13.81 -31.85 5.60
CA ALA B 263 14.29 -32.32 6.89
C ALA B 263 14.26 -31.22 7.95
N LEU B 264 13.69 -30.06 7.65
CA LEU B 264 13.61 -28.95 8.57
C LEU B 264 12.19 -28.79 9.11
N GLY B 265 12.09 -28.17 10.28
CA GLY B 265 10.82 -27.82 10.88
C GLY B 265 10.58 -28.57 12.17
N THR B 266 9.38 -28.38 12.71
CA THR B 266 8.99 -29.05 13.95
C THR B 266 8.60 -30.50 13.70
N HIS B 267 7.80 -30.75 12.66
CA HIS B 267 7.39 -32.09 12.25
C HIS B 267 7.84 -32.33 10.82
N PRO B 268 9.13 -32.55 10.60
CA PRO B 268 9.64 -32.64 9.22
C PRO B 268 9.19 -33.92 8.53
N ARG B 269 9.07 -33.83 7.21
CA ARG B 269 8.68 -34.99 6.42
C ARG B 269 9.80 -36.01 6.34
N ILE B 270 11.05 -35.55 6.32
CA ILE B 270 12.22 -36.41 6.26
C ILE B 270 12.94 -36.33 7.59
N GLU B 271 13.61 -37.41 7.98
CA GLU B 271 14.30 -37.49 9.25
C GLU B 271 15.79 -37.31 9.04
N ASP B 272 16.41 -36.51 9.90
CA ASP B 272 17.84 -36.24 9.84
C ASP B 272 18.26 -35.70 11.21
N GLU B 273 19.13 -36.44 11.89
CA GLU B 273 19.45 -36.13 13.28
C GLU B 273 20.06 -34.73 13.42
N GLU B 274 20.90 -34.35 12.47
CA GLU B 274 21.62 -33.08 12.57
C GLU B 274 20.87 -31.90 11.96
N VAL B 275 20.06 -32.14 10.93
CA VAL B 275 19.40 -31.04 10.25
C VAL B 275 18.24 -30.49 11.07
N ASN B 276 17.52 -31.35 11.79
CA ASN B 276 16.34 -30.89 12.53
C ASN B 276 16.71 -29.92 13.64
N THR B 277 17.92 -30.02 14.18
CA THR B 277 18.36 -29.11 15.25
C THR B 277 18.49 -27.67 14.79
N LEU B 278 18.47 -27.40 13.50
CA LEU B 278 18.58 -26.04 12.99
C LEU B 278 17.26 -25.31 13.16
N SER B 279 17.31 -24.13 13.78
CA SER B 279 16.12 -23.30 13.92
C SER B 279 15.75 -22.66 12.58
N VAL B 280 14.47 -22.69 12.25
CA VAL B 280 13.97 -22.19 10.98
C VAL B 280 13.03 -21.02 11.24
N ALA B 281 13.19 -19.96 10.45
CA ALA B 281 12.36 -18.77 10.55
C ALA B 281 11.82 -18.44 9.16
N ILE B 282 10.50 -18.42 9.01
CA ILE B 282 9.85 -18.15 7.74
C ILE B 282 9.34 -16.72 7.76
N LEU B 283 9.81 -15.91 6.81
CA LEU B 283 9.43 -14.50 6.74
C LEU B 283 8.63 -14.25 5.46
N PRO B 284 7.39 -13.78 5.55
CA PRO B 284 6.69 -13.36 4.32
C PRO B 284 7.32 -12.08 3.77
N LEU B 285 7.55 -12.06 2.47
CA LEU B 285 8.17 -10.91 1.84
C LEU B 285 7.17 -9.76 1.75
N PRO B 286 7.41 -8.63 2.42
CA PRO B 286 6.44 -7.53 2.40
C PRO B 286 6.32 -6.94 1.00
N GLY B 287 5.08 -6.88 0.50
CA GLY B 287 4.85 -6.42 -0.86
C GLY B 287 5.58 -7.22 -1.91
N GLY B 288 5.80 -8.50 -1.67
CA GLY B 288 6.64 -9.29 -2.55
C GLY B 288 5.97 -9.59 -3.88
N GLU B 289 6.79 -9.67 -4.92
CA GLU B 289 6.36 -10.05 -6.26
C GLU B 289 7.37 -11.02 -6.85
N PHE B 290 6.87 -12.02 -7.55
CA PHE B 290 7.67 -13.13 -8.06
C PHE B 290 7.42 -13.25 -9.55
N TYR B 291 8.49 -13.36 -10.34
CA TYR B 291 8.40 -13.45 -11.79
C TYR B 291 9.31 -14.54 -12.30
N HIS B 292 8.72 -15.57 -12.90
CA HIS B 292 9.49 -16.68 -13.44
C HIS B 292 10.29 -16.24 -14.66
N TYR B 293 11.50 -16.77 -14.79
CA TYR B 293 12.33 -16.54 -15.96
C TYR B 293 13.06 -17.83 -16.34
N GLY B 294 12.28 -18.92 -16.44
CA GLY B 294 12.87 -20.21 -16.72
C GLY B 294 12.55 -20.79 -18.08
N THR B 295 11.48 -20.33 -18.71
CA THR B 295 11.06 -20.81 -20.01
C THR B 295 10.98 -19.66 -21.01
N SER B 296 10.92 -20.02 -22.29
CA SER B 296 10.86 -19.02 -23.35
C SER B 296 9.59 -18.17 -23.27
N LYS B 297 8.44 -18.81 -23.04
CA LYS B 297 7.20 -18.04 -22.94
C LYS B 297 7.21 -17.14 -21.70
N GLU B 298 7.73 -17.64 -20.59
CA GLU B 298 7.82 -16.83 -19.37
C GLU B 298 8.67 -15.59 -19.60
N LEU B 299 9.72 -15.70 -20.42
CA LEU B 299 10.54 -14.55 -20.79
C LEU B 299 9.69 -13.38 -21.26
N ILE B 300 8.61 -13.67 -21.98
CA ILE B 300 7.71 -12.63 -22.46
C ILE B 300 6.65 -12.27 -21.44
N SER B 301 6.06 -13.28 -20.78
CA SER B 301 4.92 -13.03 -19.90
C SER B 301 5.33 -12.24 -18.66
N SER B 302 6.43 -12.63 -18.01
CA SER B 302 6.88 -11.91 -16.83
C SER B 302 7.29 -10.49 -17.17
N THR B 303 7.97 -10.30 -18.30
CA THR B 303 8.34 -8.96 -18.73
C THR B 303 7.10 -8.11 -18.98
N LEU B 304 6.07 -8.69 -19.60
CA LEU B 304 4.83 -7.96 -19.84
C LEU B 304 4.18 -7.54 -18.51
N SER B 305 4.16 -8.44 -17.54
CA SER B 305 3.58 -8.11 -16.23
C SER B 305 4.35 -6.99 -15.56
N VAL B 306 5.68 -7.11 -15.52
CA VAL B 306 6.50 -6.07 -14.88
C VAL B 306 6.29 -4.73 -15.57
N GLN B 307 6.20 -4.73 -16.90
CA GLN B 307 5.94 -3.47 -17.61
C GLN B 307 4.58 -2.90 -17.23
N ASN B 308 3.55 -3.74 -17.14
CA ASN B 308 2.21 -3.29 -16.79
C ASN B 308 1.96 -3.30 -15.28
N LYS B 309 3.02 -3.17 -14.48
CA LYS B 309 2.87 -3.11 -13.03
C LYS B 309 2.47 -1.74 -12.48
N VAL B 310 2.86 -0.63 -13.09
CA VAL B 310 2.66 0.70 -12.52
C VAL B 310 1.62 1.47 -13.32
N TYR B 311 0.78 2.22 -12.60
CA TYR B 311 -0.33 2.95 -13.19
C TYR B 311 -0.29 4.48 -13.01
N ASP B 312 0.49 4.99 -12.05
CA ASP B 312 0.48 6.41 -11.74
C ASP B 312 1.02 7.24 -12.90
N GLN B 313 0.21 8.19 -13.39
CA GLN B 313 0.66 9.07 -14.48
C GLN B 313 1.83 9.94 -14.04
N ARG B 314 1.87 10.30 -12.75
CA ARG B 314 2.96 11.12 -12.23
C ARG B 314 4.28 10.34 -12.15
N ARG B 315 4.24 9.02 -12.25
CA ARG B 315 5.45 8.20 -12.12
C ARG B 315 5.78 7.41 -13.39
N ILE B 316 5.10 7.65 -14.50
CA ILE B 316 5.37 6.97 -15.76
C ILE B 316 5.95 7.98 -16.73
N MET B 317 7.25 7.88 -16.99
CA MET B 317 7.92 8.79 -17.90
C MET B 317 7.95 8.32 -19.34
N HIS B 318 7.86 7.00 -19.58
CA HIS B 318 7.81 6.46 -20.94
C HIS B 318 6.36 6.32 -21.37
N ARG B 319 5.85 7.35 -22.04
CA ARG B 319 4.45 7.38 -22.46
C ARG B 319 4.36 7.10 -23.96
N LYS B 320 4.60 5.83 -24.31
CA LYS B 320 4.49 5.38 -25.69
C LYS B 320 3.71 4.09 -25.74
N VAL B 321 2.64 4.06 -26.54
CA VAL B 321 1.83 2.87 -26.76
C VAL B 321 2.28 2.21 -28.05
N LYS B 322 2.87 1.03 -27.94
CA LYS B 322 3.23 0.24 -29.11
C LYS B 322 2.01 -0.54 -29.61
N PRO B 323 2.02 -0.99 -30.88
CA PRO B 323 0.87 -1.73 -31.42
C PRO B 323 0.44 -2.92 -30.58
N ASN B 324 1.34 -3.44 -29.74
CA ASN B 324 0.97 -4.51 -28.82
C ASN B 324 1.87 -4.39 -27.61
N PRO B 325 1.33 -4.54 -26.39
CA PRO B 325 2.18 -4.42 -25.19
C PRO B 325 3.19 -5.54 -25.05
N ALA B 326 2.94 -6.70 -25.64
CA ALA B 326 3.85 -7.84 -25.53
C ALA B 326 4.84 -7.89 -26.68
N MET B 327 5.45 -6.75 -26.99
CA MET B 327 6.50 -6.65 -27.99
C MET B 327 7.69 -5.93 -27.37
N PHE B 328 8.81 -6.64 -27.23
CA PHE B 328 9.98 -6.13 -26.55
C PHE B 328 11.17 -6.22 -27.50
N VAL B 329 11.79 -5.08 -27.78
CA VAL B 329 12.90 -4.98 -28.72
C VAL B 329 14.07 -4.35 -27.97
N GLN B 330 15.16 -5.09 -27.86
CA GLN B 330 16.38 -4.60 -27.24
C GLN B 330 17.56 -4.90 -28.14
N ASN B 331 18.52 -3.98 -28.18
CA ASN B 331 19.79 -4.19 -28.86
C ASN B 331 19.58 -4.75 -30.26
N ALA B 332 18.65 -4.14 -31.00
CA ALA B 332 18.21 -4.73 -32.26
C ALA B 332 17.88 -3.65 -33.26
N VAL B 333 17.88 -4.05 -34.54
CA VAL B 333 17.43 -3.22 -35.65
C VAL B 333 16.30 -3.96 -36.35
N VAL B 334 15.15 -3.30 -36.47
CA VAL B 334 13.97 -3.88 -37.08
C VAL B 334 13.65 -3.08 -38.33
N ARG B 335 13.74 -3.73 -39.49
CA ARG B 335 13.51 -3.08 -40.78
C ARG B 335 12.11 -3.32 -41.33
N ILE B 336 11.31 -4.17 -40.69
CA ILE B 336 9.92 -4.38 -41.08
C ILE B 336 9.02 -3.66 -40.09
N PRO B 337 7.80 -3.28 -40.47
CA PRO B 337 6.89 -2.66 -39.50
C PRO B 337 6.23 -3.70 -38.61
N LEU B 338 6.07 -3.34 -37.33
CA LEU B 338 5.44 -4.20 -36.35
C LEU B 338 4.02 -3.71 -36.10
N CYS B 339 3.06 -4.62 -36.13
CA CYS B 339 1.64 -4.30 -36.00
C CYS B 339 1.06 -5.02 -34.78
N ALA B 340 -0.25 -4.85 -34.60
CA ALA B 340 -0.92 -5.42 -33.42
C ALA B 340 -0.92 -6.95 -33.46
N GLU B 341 -0.87 -7.55 -34.65
CA GLU B 341 -0.90 -8.99 -34.75
C GLU B 341 0.42 -9.64 -34.38
N ASN B 342 1.47 -8.85 -34.14
CA ASN B 342 2.78 -9.37 -33.79
C ASN B 342 2.97 -9.43 -32.27
N ALA B 343 2.00 -10.01 -31.59
CA ALA B 343 2.05 -10.10 -30.13
C ALA B 343 3.02 -11.20 -29.70
N ASP B 344 3.41 -11.14 -28.43
CA ASP B 344 4.36 -12.08 -27.83
C ASP B 344 5.64 -12.13 -28.64
N LEU B 345 6.26 -10.96 -28.79
CA LEU B 345 7.44 -10.80 -29.63
C LEU B 345 8.61 -10.38 -28.76
N TRP B 346 9.74 -11.07 -28.91
CA TRP B 346 10.98 -10.76 -28.21
C TRP B 346 12.12 -10.75 -29.22
N ILE B 347 12.62 -9.56 -29.52
CA ILE B 347 13.74 -9.38 -30.44
C ILE B 347 14.89 -8.77 -29.67
N GLU B 348 16.04 -9.44 -29.66
CA GLU B 348 17.20 -8.96 -28.93
C GLU B 348 18.46 -9.39 -29.66
N ASN B 349 19.41 -8.45 -29.79
CA ASN B 349 20.70 -8.72 -30.43
C ASN B 349 20.52 -9.28 -31.84
N SER B 350 19.53 -8.75 -32.57
CA SER B 350 19.16 -9.30 -33.86
C SER B 350 18.93 -8.18 -34.86
N HIS B 351 19.09 -8.52 -36.15
CA HIS B 351 18.77 -7.63 -37.25
C HIS B 351 17.67 -8.30 -38.07
N ILE B 352 16.53 -7.63 -38.17
CA ILE B 352 15.38 -8.13 -38.91
C ILE B 352 15.35 -7.40 -40.25
N GLY B 353 15.74 -8.09 -41.31
CA GLY B 353 15.79 -7.51 -42.64
C GLY B 353 14.42 -7.14 -43.16
N PRO B 354 14.37 -6.26 -44.16
CA PRO B 354 13.07 -5.78 -44.67
C PRO B 354 12.25 -6.87 -45.35
N LYS B 355 12.88 -7.94 -45.84
CA LYS B 355 12.18 -9.01 -46.52
C LYS B 355 11.71 -10.11 -45.57
N TRP B 356 11.81 -9.89 -44.27
CA TRP B 356 11.32 -10.87 -43.31
C TRP B 356 9.79 -10.88 -43.29
N LYS B 357 9.24 -12.05 -42.94
CA LYS B 357 7.79 -12.22 -42.79
C LYS B 357 7.55 -12.97 -41.49
N ILE B 358 6.96 -12.29 -40.52
CA ILE B 358 6.77 -12.84 -39.18
C ILE B 358 5.28 -12.80 -38.84
N ALA B 359 4.92 -13.58 -37.81
CA ALA B 359 3.57 -13.59 -37.28
C ALA B 359 3.57 -13.17 -35.82
N SER B 360 3.32 -14.12 -34.91
CA SER B 360 3.32 -13.85 -33.48
C SER B 360 4.03 -14.98 -32.75
N ARG B 361 4.27 -14.76 -31.46
CA ARG B 361 4.96 -15.71 -30.58
C ARG B 361 6.35 -16.05 -31.13
N HIS B 362 7.22 -15.05 -31.07
CA HIS B 362 8.58 -15.17 -31.59
C HIS B 362 9.59 -14.75 -30.53
N ILE B 363 10.76 -15.38 -30.58
CA ILE B 363 11.91 -14.98 -29.78
C ILE B 363 13.12 -15.01 -30.71
N ILE B 364 13.59 -13.83 -31.11
CA ILE B 364 14.66 -13.70 -32.08
C ILE B 364 15.89 -13.15 -31.37
N THR B 365 16.96 -13.95 -31.32
CA THR B 365 18.17 -13.60 -30.61
C THR B 365 19.40 -13.88 -31.45
N GLY B 366 20.38 -12.98 -31.38
CA GLY B 366 21.69 -13.21 -31.96
C GLY B 366 21.79 -13.13 -33.47
N VAL B 367 20.74 -12.68 -34.15
CA VAL B 367 20.75 -12.66 -35.63
C VAL B 367 21.64 -11.53 -36.13
N PRO B 368 22.66 -11.83 -36.94
CA PRO B 368 23.52 -10.77 -37.47
C PRO B 368 22.85 -9.98 -38.57
N GLU B 369 23.52 -8.95 -39.08
CA GLU B 369 22.96 -8.14 -40.16
C GLU B 369 22.79 -8.99 -41.42
N ASN B 370 21.66 -8.81 -42.10
CA ASN B 370 21.33 -9.66 -43.23
C ASN B 370 20.26 -8.98 -44.08
N ASP B 371 20.03 -9.55 -45.26
CA ASP B 371 18.95 -9.18 -46.15
C ASP B 371 18.16 -10.42 -46.56
N TRP B 372 17.92 -11.29 -45.59
CA TRP B 372 17.26 -12.57 -45.85
C TRP B 372 15.79 -12.36 -46.23
N SER B 373 15.29 -13.28 -47.06
CA SER B 373 13.85 -13.38 -47.33
C SER B 373 13.28 -14.54 -46.52
N LEU B 374 13.31 -14.37 -45.21
CA LEU B 374 13.00 -15.43 -44.27
C LEU B 374 11.58 -15.27 -43.75
N ALA B 375 10.80 -16.35 -43.83
CA ALA B 375 9.45 -16.39 -43.27
C ALA B 375 9.49 -17.21 -41.99
N VAL B 376 9.13 -16.57 -40.88
CA VAL B 376 9.14 -17.21 -39.57
C VAL B 376 7.70 -17.54 -39.19
N PRO B 377 7.31 -18.81 -39.15
CA PRO B 377 5.95 -19.18 -38.77
C PRO B 377 5.64 -18.83 -37.33
N ALA B 378 4.36 -18.67 -37.03
CA ALA B 378 3.96 -18.31 -35.68
C ALA B 378 4.36 -19.42 -34.69
N GLY B 379 4.92 -19.01 -33.56
CA GLY B 379 5.33 -19.92 -32.51
C GLY B 379 6.76 -20.44 -32.59
N VAL B 380 7.49 -20.16 -33.67
CA VAL B 380 8.86 -20.64 -33.83
C VAL B 380 9.81 -19.49 -33.55
N CYS B 381 10.93 -19.80 -32.92
CA CYS B 381 11.93 -18.81 -32.54
C CYS B 381 13.25 -19.15 -33.23
N VAL B 382 14.03 -18.10 -33.50
CA VAL B 382 15.31 -18.22 -34.20
C VAL B 382 16.41 -17.70 -33.28
N ASP B 383 17.48 -18.48 -33.12
CA ASP B 383 18.64 -18.08 -32.35
C ASP B 383 19.89 -18.31 -33.18
N VAL B 384 20.81 -17.36 -33.14
CA VAL B 384 22.09 -17.48 -33.84
C VAL B 384 23.19 -17.25 -32.81
N VAL B 385 24.01 -18.28 -32.60
CA VAL B 385 25.07 -18.25 -31.60
C VAL B 385 26.41 -18.16 -32.32
N PRO B 386 27.21 -17.14 -32.07
CA PRO B 386 28.56 -17.10 -32.66
C PRO B 386 29.40 -18.26 -32.13
N MET B 387 30.02 -18.99 -33.06
CA MET B 387 30.81 -20.17 -32.76
C MET B 387 32.13 -20.08 -33.51
N GLY B 388 33.21 -20.52 -32.85
CA GLY B 388 34.50 -20.43 -33.48
C GLY B 388 34.94 -18.98 -33.63
N ASP B 389 35.81 -18.76 -34.61
CA ASP B 389 36.33 -17.42 -34.85
C ASP B 389 35.41 -16.60 -35.75
N LYS B 390 34.72 -17.24 -36.70
CA LYS B 390 33.88 -16.52 -37.63
C LYS B 390 32.56 -17.22 -37.93
N GLY B 391 32.26 -18.34 -37.26
CA GLY B 391 31.10 -19.13 -37.63
C GLY B 391 29.85 -18.79 -36.83
N PHE B 392 28.72 -19.28 -37.32
CA PHE B 392 27.43 -19.08 -36.68
C PHE B 392 26.70 -20.42 -36.59
N VAL B 393 26.19 -20.74 -35.40
CA VAL B 393 25.32 -21.89 -35.20
C VAL B 393 23.87 -21.41 -35.22
N ALA B 394 23.06 -22.04 -36.06
CA ALA B 394 21.65 -21.70 -36.19
C ALA B 394 20.82 -22.67 -35.36
N ARG B 395 20.14 -22.14 -34.35
CA ARG B 395 19.23 -22.92 -33.49
C ARG B 395 17.82 -22.38 -33.69
N PRO B 396 17.05 -22.94 -34.62
CA PRO B 396 15.61 -22.71 -34.61
C PRO B 396 14.93 -23.68 -33.65
N TYR B 397 13.95 -23.17 -32.91
CA TYR B 397 13.24 -23.99 -31.94
C TYR B 397 11.80 -23.50 -31.83
N GLY B 398 11.05 -24.09 -30.92
CA GLY B 398 9.66 -23.73 -30.70
C GLY B 398 9.48 -23.06 -29.36
N LEU B 399 8.49 -22.16 -29.29
CA LEU B 399 8.21 -21.46 -28.04
C LEU B 399 7.76 -22.42 -26.95
N ASP B 400 7.22 -23.59 -27.31
CA ASP B 400 6.76 -24.58 -26.36
C ASP B 400 7.67 -25.79 -26.26
N ASP B 401 8.74 -25.84 -27.05
CA ASP B 401 9.66 -26.98 -27.03
C ASP B 401 10.36 -27.05 -25.68
N VAL B 402 10.41 -28.25 -25.11
CA VAL B 402 11.06 -28.47 -23.82
C VAL B 402 12.45 -29.08 -23.95
N PHE B 403 12.78 -29.69 -25.08
CA PHE B 403 14.07 -30.34 -25.31
C PHE B 403 14.34 -31.41 -24.26
N LYS B 404 13.54 -32.47 -24.36
CA LYS B 404 13.62 -33.62 -23.46
C LYS B 404 12.85 -34.78 -24.09
N GLY B 405 13.34 -35.99 -23.85
CA GLY B 405 12.70 -37.19 -24.33
C GLY B 405 13.44 -37.80 -25.51
N ASP B 406 13.02 -39.02 -25.85
CA ASP B 406 13.63 -39.75 -26.94
C ASP B 406 13.15 -39.18 -28.27
N LEU B 407 14.03 -39.27 -29.29
CA LEU B 407 13.72 -38.66 -30.58
C LEU B 407 12.52 -39.33 -31.26
N ARG B 408 12.33 -40.62 -31.02
CA ARG B 408 11.28 -41.37 -31.72
C ARG B 408 9.90 -41.18 -31.09
N ASP B 409 9.80 -40.45 -30.00
CA ASP B 409 8.52 -40.15 -29.38
C ASP B 409 7.86 -38.97 -30.10
N SER B 410 6.56 -39.08 -30.34
CA SER B 410 5.82 -38.00 -30.99
C SER B 410 5.82 -36.71 -30.17
N LYS B 411 6.01 -36.81 -28.85
CA LYS B 411 6.03 -35.63 -27.99
C LYS B 411 7.34 -34.85 -28.10
N THR B 412 8.43 -35.49 -28.50
CA THR B 412 9.69 -34.79 -28.70
C THR B 412 9.53 -33.80 -29.85
N THR B 413 9.65 -32.52 -29.55
CA THR B 413 9.27 -31.46 -30.48
C THR B 413 10.47 -30.63 -30.89
N LEU B 414 10.43 -30.13 -32.13
CA LEU B 414 11.43 -29.20 -32.64
C LEU B 414 10.71 -28.21 -33.56
N THR B 415 10.75 -26.93 -33.20
CA THR B 415 10.05 -25.88 -33.93
C THR B 415 8.56 -26.19 -34.07
N GLY B 416 7.97 -26.73 -33.01
CA GLY B 416 6.57 -27.09 -33.01
C GLY B 416 6.24 -28.39 -33.71
N ILE B 417 7.17 -28.96 -34.46
CA ILE B 417 6.95 -30.19 -35.22
C ILE B 417 7.55 -31.36 -34.46
N PRO B 418 6.91 -32.53 -34.43
CA PRO B 418 7.56 -33.72 -33.87
C PRO B 418 8.86 -34.01 -34.62
N PHE B 419 9.88 -34.45 -33.88
CA PHE B 419 11.21 -34.56 -34.45
C PHE B 419 11.26 -35.57 -35.58
N GLY B 420 10.51 -36.67 -35.45
CA GLY B 420 10.45 -37.64 -36.54
C GLY B 420 9.86 -37.04 -37.80
N GLU B 421 8.79 -36.25 -37.67
CA GLU B 421 8.20 -35.60 -38.83
C GLU B 421 9.14 -34.53 -39.41
N TRP B 422 9.82 -33.79 -38.53
CA TRP B 422 10.80 -32.81 -38.99
C TRP B 422 11.91 -33.49 -39.79
N MET B 423 12.36 -34.65 -39.35
CA MET B 423 13.37 -35.39 -40.09
C MET B 423 12.82 -35.91 -41.42
N SER B 424 11.60 -36.44 -41.41
CA SER B 424 11.04 -37.06 -42.61
C SER B 424 10.75 -36.03 -43.70
N LYS B 425 10.30 -34.82 -43.30
CA LYS B 425 9.92 -33.83 -44.30
C LYS B 425 11.11 -33.29 -45.08
N ARG B 426 12.33 -33.41 -44.55
CA ARG B 426 13.52 -32.92 -45.23
C ARG B 426 14.33 -34.03 -45.88
N GLY B 427 13.74 -35.22 -46.03
CA GLY B 427 14.44 -36.33 -46.66
C GLY B 427 15.67 -36.78 -45.89
N LEU B 428 15.61 -36.73 -44.56
CA LEU B 428 16.72 -37.11 -43.71
C LEU B 428 16.39 -38.37 -42.93
N SER B 429 17.43 -39.10 -42.55
CA SER B 429 17.30 -40.32 -41.76
C SER B 429 18.19 -40.23 -40.54
N TYR B 430 17.94 -41.11 -39.58
CA TYR B 430 18.69 -41.09 -38.32
C TYR B 430 20.15 -41.49 -38.50
N THR B 431 20.55 -41.92 -39.70
CA THR B 431 21.96 -42.18 -39.97
C THR B 431 22.76 -40.89 -40.14
N ASP B 432 22.10 -39.74 -40.23
CA ASP B 432 22.78 -38.46 -40.32
C ASP B 432 23.00 -37.81 -38.97
N LEU B 433 22.49 -38.39 -37.90
CA LEU B 433 22.62 -37.87 -36.55
C LEU B 433 23.56 -38.80 -35.77
N LYS B 434 24.84 -38.45 -35.76
CA LYS B 434 25.84 -39.22 -35.03
C LYS B 434 25.92 -38.76 -33.58
N GLY B 435 25.77 -39.69 -32.65
CA GLY B 435 25.83 -39.38 -31.24
C GLY B 435 24.68 -39.96 -30.44
N ARG B 436 24.21 -39.23 -29.44
CA ARG B 436 23.14 -39.70 -28.58
C ARG B 436 21.78 -39.45 -29.23
N THR B 437 20.80 -40.27 -28.86
CA THR B 437 19.47 -40.16 -29.44
C THR B 437 18.33 -40.23 -28.42
N ASP B 438 18.62 -40.42 -27.14
CA ASP B 438 17.56 -40.52 -26.14
C ASP B 438 17.21 -39.19 -25.51
N ASP B 439 17.95 -38.12 -25.83
CA ASP B 439 17.69 -36.79 -25.28
C ASP B 439 17.93 -35.76 -26.39
N LEU B 440 16.89 -34.99 -26.70
CA LEU B 440 16.99 -33.98 -27.76
C LEU B 440 18.03 -32.91 -27.43
N GLN B 441 18.27 -32.67 -26.13
CA GLN B 441 19.25 -31.66 -25.75
C GLN B 441 20.66 -32.03 -26.19
N ALA B 442 20.94 -33.33 -26.36
CA ALA B 442 22.27 -33.81 -26.69
C ALA B 442 22.39 -34.28 -28.14
N VAL B 443 21.42 -33.94 -28.99
CA VAL B 443 21.45 -34.34 -30.39
C VAL B 443 22.09 -33.22 -31.21
N SER B 444 23.20 -33.54 -31.88
CA SER B 444 23.90 -32.58 -32.72
C SER B 444 23.10 -32.40 -34.00
N VAL B 445 22.26 -31.37 -34.05
CA VAL B 445 21.37 -31.16 -35.19
C VAL B 445 21.50 -29.73 -35.69
N PHE B 446 22.14 -28.86 -34.92
CA PHE B 446 22.21 -27.45 -35.28
C PHE B 446 23.48 -27.18 -36.07
N PRO B 447 23.39 -26.72 -37.32
CA PRO B 447 24.60 -26.58 -38.14
C PRO B 447 25.36 -25.30 -37.83
N MET B 448 26.69 -25.41 -37.94
CA MET B 448 27.58 -24.27 -37.82
C MET B 448 28.07 -23.89 -39.22
N VAL B 449 27.68 -22.70 -39.67
CA VAL B 449 28.05 -22.22 -40.99
C VAL B 449 29.13 -21.16 -40.84
N ASN B 450 29.71 -20.73 -41.97
CA ASN B 450 30.80 -19.77 -41.97
C ASN B 450 30.46 -18.47 -42.67
N SER B 451 29.19 -18.26 -43.03
CA SER B 451 28.79 -17.04 -43.72
C SER B 451 27.34 -16.74 -43.41
N VAL B 452 26.99 -15.45 -43.42
CA VAL B 452 25.61 -15.04 -43.20
C VAL B 452 24.70 -15.56 -44.30
N GLU B 453 25.23 -15.70 -45.52
CA GLU B 453 24.44 -16.24 -46.62
C GLU B 453 24.07 -17.70 -46.37
N GLU B 454 25.07 -18.53 -46.01
CA GLU B 454 24.79 -19.91 -45.67
C GLU B 454 23.90 -20.01 -44.44
N LEU B 455 24.07 -19.08 -43.49
CA LEU B 455 23.21 -19.05 -42.32
C LEU B 455 21.75 -18.85 -42.72
N GLY B 456 21.48 -17.86 -43.58
CA GLY B 456 20.13 -17.62 -44.02
C GLY B 456 19.56 -18.78 -44.82
N LEU B 457 20.37 -19.36 -45.70
CA LEU B 457 19.90 -20.49 -46.50
C LEU B 457 19.53 -21.68 -45.61
N VAL B 458 20.40 -22.02 -44.65
CA VAL B 458 20.12 -23.18 -43.81
C VAL B 458 19.00 -22.89 -42.83
N LEU B 459 18.82 -21.62 -42.44
CA LEU B 459 17.69 -21.29 -41.57
C LEU B 459 16.37 -21.39 -42.33
N ARG B 460 16.35 -20.92 -43.59
CA ARG B 460 15.17 -21.13 -44.42
C ARG B 460 14.89 -22.62 -44.60
N TRP B 461 15.94 -23.42 -44.78
CA TRP B 461 15.75 -24.86 -44.95
C TRP B 461 15.20 -25.51 -43.68
N MET B 462 15.69 -25.11 -42.51
CA MET B 462 15.25 -25.71 -41.26
C MET B 462 13.88 -25.21 -40.81
N LEU B 463 13.35 -24.16 -41.42
CA LEU B 463 12.05 -23.63 -41.03
C LEU B 463 10.96 -24.02 -42.01
N SER B 464 10.46 -23.05 -42.78
CA SER B 464 9.29 -23.24 -43.64
C SER B 464 9.66 -23.48 -45.09
N GLU B 465 10.88 -23.91 -45.38
CA GLU B 465 11.31 -24.27 -46.73
C GLU B 465 12.12 -25.57 -46.67
N PRO B 466 11.47 -26.68 -46.30
CA PRO B 466 12.21 -27.94 -46.22
C PRO B 466 12.66 -28.49 -47.57
N GLU B 467 12.13 -27.97 -48.67
CA GLU B 467 12.48 -28.43 -50.00
C GLU B 467 13.67 -27.69 -50.60
N LEU B 468 14.27 -26.76 -49.87
CA LEU B 468 15.41 -26.00 -50.39
C LEU B 468 16.64 -26.91 -50.34
N GLU B 469 17.13 -27.30 -51.52
CA GLU B 469 18.27 -28.23 -51.59
C GLU B 469 19.53 -27.62 -50.99
N GLU B 470 19.83 -26.36 -51.33
CA GLU B 470 21.09 -25.76 -50.90
C GLU B 470 21.20 -25.71 -49.38
N GLY B 471 20.08 -25.50 -48.69
CA GLY B 471 20.10 -25.56 -47.23
C GLY B 471 20.50 -26.93 -46.73
N LYS B 472 19.92 -27.98 -47.31
CA LYS B 472 20.28 -29.35 -46.94
C LYS B 472 21.75 -29.63 -47.23
N ASN B 473 22.26 -29.14 -48.36
CA ASN B 473 23.67 -29.32 -48.68
C ASN B 473 24.57 -28.65 -47.65
N ILE B 474 24.24 -27.41 -47.29
CA ILE B 474 25.02 -26.69 -46.28
C ILE B 474 24.97 -27.44 -44.94
N TRP B 475 23.79 -27.95 -44.57
CA TRP B 475 23.67 -28.70 -43.33
C TRP B 475 24.50 -29.97 -43.36
N LEU B 476 24.56 -30.65 -44.51
CA LEU B 476 25.33 -31.88 -44.60
C LEU B 476 26.83 -31.59 -44.55
N ARG B 477 27.27 -30.49 -45.16
CA ARG B 477 28.69 -30.14 -45.15
C ARG B 477 29.16 -29.56 -43.82
N SER B 478 28.26 -28.99 -43.03
CA SER B 478 28.64 -28.23 -41.85
C SER B 478 28.68 -29.13 -40.61
N GLU B 479 29.48 -28.70 -39.63
CA GLU B 479 29.54 -29.38 -38.36
C GLU B 479 28.23 -29.20 -37.59
N HIS B 480 27.86 -30.22 -36.82
CA HIS B 480 26.60 -30.23 -36.08
C HIS B 480 26.85 -30.10 -34.59
N PHE B 481 26.06 -29.24 -33.94
CA PHE B 481 26.14 -28.98 -32.52
C PHE B 481 24.80 -29.31 -31.87
N SER B 482 24.87 -29.86 -30.65
CA SER B 482 23.70 -30.00 -29.80
C SER B 482 23.57 -28.77 -28.92
N ALA B 483 22.40 -28.61 -28.30
CA ALA B 483 22.17 -27.49 -27.40
C ALA B 483 23.21 -27.46 -26.28
N ASP B 484 23.55 -28.63 -25.74
CA ASP B 484 24.62 -28.70 -24.74
C ASP B 484 25.94 -28.21 -25.31
N GLU B 485 26.28 -28.67 -26.51
CA GLU B 485 27.52 -28.23 -27.14
C GLU B 485 27.50 -26.74 -27.47
N ILE B 486 26.33 -26.22 -27.85
CA ILE B 486 26.21 -24.78 -28.06
C ILE B 486 26.52 -24.02 -26.77
N SER B 487 25.86 -24.41 -25.67
CA SER B 487 26.10 -23.74 -24.39
C SER B 487 27.53 -23.92 -23.92
N ALA B 488 28.19 -25.00 -24.32
CA ALA B 488 29.54 -25.30 -23.86
C ALA B 488 30.63 -24.62 -24.68
N GLY B 489 30.37 -24.35 -25.96
CA GLY B 489 31.42 -23.80 -26.81
C GLY B 489 31.13 -22.43 -27.39
N ALA B 490 30.00 -21.83 -26.99
CA ALA B 490 29.59 -20.56 -27.56
C ALA B 490 30.65 -19.49 -27.39
N ASN B 491 30.87 -18.71 -28.44
CA ASN B 491 31.79 -17.57 -28.40
C ASN B 491 31.01 -16.38 -27.89
N LEU B 492 30.99 -16.21 -26.56
CA LEU B 492 30.22 -15.14 -25.94
C LEU B 492 30.82 -13.77 -26.19
N LYS B 493 32.13 -13.69 -26.47
CA LYS B 493 32.75 -12.42 -26.81
C LYS B 493 32.11 -11.82 -28.05
N ARG B 494 31.96 -12.62 -29.11
CA ARG B 494 31.35 -12.13 -30.34
C ARG B 494 29.88 -11.77 -30.12
N LEU B 495 29.18 -12.56 -29.31
CA LEU B 495 27.79 -12.25 -28.99
C LEU B 495 27.67 -10.88 -28.33
N TYR B 496 28.49 -10.64 -27.32
CA TYR B 496 28.46 -9.34 -26.63
C TYR B 496 28.92 -8.21 -27.56
N ALA B 497 29.86 -8.48 -28.48
CA ALA B 497 30.28 -7.43 -29.39
C ALA B 497 29.18 -7.05 -30.37
N GLN B 498 28.47 -8.04 -30.90
CA GLN B 498 27.32 -7.75 -31.76
C GLN B 498 26.24 -7.00 -31.00
N ARG B 499 25.95 -7.43 -29.77
CA ARG B 499 25.00 -6.72 -28.93
C ARG B 499 25.44 -5.28 -28.70
N GLU B 500 26.75 -5.06 -28.53
CA GLU B 500 27.26 -3.73 -28.27
C GLU B 500 27.15 -2.82 -29.49
N GLU B 501 27.40 -3.36 -30.68
CA GLU B 501 27.19 -2.57 -31.89
C GLU B 501 25.72 -2.21 -32.08
N PHE B 502 24.84 -3.17 -31.86
CA PHE B 502 23.41 -2.89 -31.90
C PHE B 502 23.03 -1.80 -30.89
N ARG B 503 23.57 -1.90 -29.66
CA ARG B 503 23.26 -0.90 -28.65
C ARG B 503 23.86 0.46 -29.01
N LYS B 504 24.99 0.48 -29.70
CA LYS B 504 25.55 1.75 -30.18
C LYS B 504 24.58 2.42 -31.15
N GLY B 505 24.00 1.65 -32.06
CA GLY B 505 22.95 2.20 -32.91
C GLY B 505 21.74 2.66 -32.11
N ASN B 506 21.35 1.86 -31.11
CA ASN B 506 20.16 2.18 -30.34
C ASN B 506 20.33 3.42 -29.49
N TRP B 507 21.54 3.73 -29.06
CA TRP B 507 21.78 4.95 -28.30
C TRP B 507 21.39 6.17 -29.13
N LYS B 508 21.85 6.23 -30.37
CA LYS B 508 21.45 7.32 -31.27
C LYS B 508 19.95 7.31 -31.50
N ALA B 509 19.39 6.12 -31.76
CA ALA B 509 17.95 6.02 -32.01
C ALA B 509 17.13 6.56 -30.84
N LEU B 510 17.54 6.22 -29.62
CA LEU B 510 16.80 6.65 -28.43
C LEU B 510 17.00 8.13 -28.15
N ALA B 511 18.22 8.63 -28.35
CA ALA B 511 18.47 10.05 -28.12
C ALA B 511 17.68 10.92 -29.09
N VAL B 512 17.60 10.50 -30.35
CA VAL B 512 16.80 11.26 -31.31
C VAL B 512 15.32 11.22 -30.94
N ASN B 513 14.81 10.05 -30.58
CA ASN B 513 13.40 9.86 -30.23
C ASN B 513 13.12 10.12 -28.76
N HIS B 514 13.74 11.17 -28.19
CA HIS B 514 13.65 11.39 -26.75
C HIS B 514 12.23 11.67 -26.29
N GLU B 515 11.40 12.29 -27.14
CA GLU B 515 10.04 12.61 -26.75
C GLU B 515 9.20 11.37 -26.48
N LYS B 516 9.58 10.22 -27.05
CA LYS B 516 8.82 8.99 -26.89
C LYS B 516 9.63 7.83 -26.32
N SER B 517 10.95 7.95 -26.23
CA SER B 517 11.79 6.86 -25.75
C SER B 517 12.00 6.97 -24.24
N VAL B 518 12.78 6.03 -23.70
CA VAL B 518 13.08 5.98 -22.28
C VAL B 518 14.37 6.74 -22.01
N PHE B 519 14.88 7.44 -23.02
CA PHE B 519 16.24 7.97 -22.97
C PHE B 519 16.50 8.80 -21.73
N TYR B 520 15.71 9.85 -21.51
CA TYR B 520 15.99 10.79 -20.43
C TYR B 520 15.44 10.35 -19.09
N GLN B 521 14.99 9.10 -18.96
CA GLN B 521 14.73 8.50 -17.65
C GLN B 521 15.75 7.42 -17.32
N LEU B 522 16.69 7.13 -18.22
CA LEU B 522 17.74 6.17 -17.96
C LEU B 522 18.78 6.76 -17.01
N ASP B 523 19.63 5.88 -16.49
CA ASP B 523 20.84 6.31 -15.82
C ASP B 523 21.71 7.03 -16.84
N LEU B 524 21.75 8.36 -16.78
CA LEU B 524 22.47 9.14 -17.78
C LEU B 524 23.97 9.19 -17.53
N ALA B 525 24.42 8.82 -16.32
CA ALA B 525 25.86 8.66 -16.11
C ALA B 525 26.39 7.45 -16.86
N ASP B 526 25.68 6.31 -16.74
CA ASP B 526 26.01 5.14 -17.54
C ASP B 526 25.89 5.43 -19.03
N ALA B 527 24.86 6.19 -19.41
CA ALA B 527 24.68 6.55 -20.81
C ALA B 527 25.84 7.41 -21.32
N ALA B 528 26.30 8.36 -20.50
CA ALA B 528 27.42 9.20 -20.90
C ALA B 528 28.70 8.38 -21.02
N GLU B 529 28.94 7.47 -20.07
CA GLU B 529 30.10 6.59 -20.19
C GLU B 529 30.05 5.77 -21.47
N ASP B 530 28.88 5.22 -21.81
CA ASP B 530 28.76 4.42 -23.02
C ASP B 530 28.93 5.28 -24.27
N PHE B 531 28.42 6.51 -24.24
CA PHE B 531 28.60 7.42 -25.36
C PHE B 531 30.07 7.72 -25.61
N VAL B 532 30.81 8.01 -24.53
CA VAL B 532 32.23 8.30 -24.67
C VAL B 532 32.99 7.06 -25.14
N ARG B 533 32.62 5.89 -24.62
CA ARG B 533 33.34 4.67 -24.97
C ARG B 533 33.10 4.27 -26.41
N LEU B 534 31.86 4.37 -26.89
CA LEU B 534 31.52 3.97 -28.25
C LEU B 534 31.83 5.06 -29.27
N GLY B 535 32.30 6.22 -28.85
CA GLY B 535 32.63 7.29 -29.78
C GLY B 535 31.44 7.99 -30.39
N LEU B 536 30.36 8.16 -29.63
CA LEU B 536 29.16 8.83 -30.11
C LEU B 536 29.17 10.29 -29.69
N ASP B 537 28.61 11.13 -30.54
CA ASP B 537 28.50 12.55 -30.23
C ASP B 537 27.39 12.77 -29.20
N MET B 538 27.55 13.83 -28.40
CA MET B 538 26.51 14.15 -27.42
C MET B 538 25.20 14.47 -28.15
N PRO B 539 24.06 14.21 -27.51
CA PRO B 539 22.79 14.59 -28.13
C PRO B 539 22.70 16.09 -28.30
N GLU B 540 21.99 16.52 -29.35
CA GLU B 540 21.86 17.93 -29.63
C GLU B 540 20.92 18.58 -28.62
N LEU B 541 20.95 19.91 -28.58
CA LEU B 541 20.16 20.67 -27.63
C LEU B 541 18.67 20.48 -27.90
N LEU B 542 17.93 20.15 -26.85
CA LEU B 542 16.48 20.05 -26.99
C LEU B 542 15.88 21.44 -27.23
N PRO B 543 14.83 21.54 -28.03
CA PRO B 543 14.18 22.84 -28.23
C PRO B 543 13.55 23.35 -26.94
N GLU B 544 13.34 24.67 -26.90
CA GLU B 544 12.75 25.29 -25.71
C GLU B 544 11.33 24.79 -25.45
N ASP B 545 10.66 24.21 -26.43
CA ASP B 545 9.29 23.73 -26.24
C ASP B 545 9.24 22.36 -25.59
N ALA B 546 10.37 21.70 -25.38
CA ALA B 546 10.38 20.38 -24.76
C ALA B 546 10.14 20.50 -23.26
N LEU B 547 9.94 19.34 -22.62
CA LEU B 547 9.75 19.30 -21.18
C LEU B 547 10.95 19.89 -20.46
N GLN B 548 10.68 20.70 -19.43
CA GLN B 548 11.76 21.36 -18.70
C GLN B 548 12.72 20.34 -18.09
N MET B 549 12.17 19.32 -17.43
CA MET B 549 13.01 18.27 -16.86
C MET B 549 13.85 17.59 -17.92
N SER B 550 13.25 17.30 -19.08
CA SER B 550 14.00 16.70 -20.18
C SER B 550 15.13 17.61 -20.65
N ARG B 551 14.87 18.92 -20.69
CA ARG B 551 15.90 19.86 -21.11
C ARG B 551 17.07 19.88 -20.13
N ILE B 552 16.76 19.86 -18.82
CA ILE B 552 17.84 19.84 -17.83
C ILE B 552 18.63 18.54 -17.94
N HIS B 553 17.93 17.42 -18.11
CA HIS B 553 18.60 16.14 -18.33
C HIS B 553 19.54 16.22 -19.53
N ASN B 554 19.06 16.80 -20.62
CA ASN B 554 19.86 16.90 -21.84
C ASN B 554 21.11 17.73 -21.62
N ARG B 555 20.97 18.90 -20.99
CA ARG B 555 22.13 19.76 -20.77
C ARG B 555 23.13 19.09 -19.85
N MET B 556 22.67 18.45 -18.77
CA MET B 556 23.60 17.79 -17.87
C MET B 556 24.26 16.57 -18.51
N LEU B 557 23.54 15.85 -19.37
CA LEU B 557 24.16 14.72 -20.07
C LEU B 557 25.23 15.20 -21.03
N ARG B 558 24.95 16.29 -21.76
CA ARG B 558 25.97 16.87 -22.62
C ARG B 558 27.18 17.33 -21.80
N ALA B 559 26.92 17.92 -20.63
CA ALA B 559 28.01 18.36 -19.76
C ALA B 559 28.86 17.18 -19.31
N ARG B 560 28.21 16.07 -18.93
CA ARG B 560 28.96 14.91 -18.47
C ARG B 560 29.76 14.27 -19.60
N ILE B 561 29.18 14.23 -20.80
CA ILE B 561 29.92 13.68 -21.94
C ILE B 561 31.13 14.55 -22.26
N LEU B 562 30.95 15.87 -22.26
CA LEU B 562 32.08 16.77 -22.50
C LEU B 562 33.15 16.64 -21.43
N LYS B 563 32.73 16.50 -20.16
CA LYS B 563 33.70 16.34 -19.08
C LYS B 563 34.47 15.04 -19.20
N LEU B 564 33.78 13.95 -19.54
CA LEU B 564 34.46 12.67 -19.72
C LEU B 564 35.38 12.69 -20.93
N ASP B 565 35.06 13.50 -21.94
CA ASP B 565 35.90 13.57 -23.13
C ASP B 565 37.09 14.52 -22.95
N GLY B 566 37.07 15.37 -21.93
CA GLY B 566 38.15 16.30 -21.72
C GLY B 566 37.95 17.67 -22.34
N LYS B 567 36.71 18.05 -22.61
CA LYS B 567 36.40 19.32 -23.25
C LYS B 567 35.80 20.28 -22.22
N ASP B 568 35.39 21.46 -22.69
CA ASP B 568 34.82 22.47 -21.81
C ASP B 568 33.35 22.13 -21.54
N TYR B 569 33.02 21.91 -20.28
CA TYR B 569 31.68 21.52 -19.88
C TYR B 569 31.01 22.48 -18.90
N ARG B 570 31.74 23.46 -18.37
CA ARG B 570 31.16 24.36 -17.37
C ARG B 570 29.96 25.14 -17.91
N PRO B 571 29.96 25.70 -19.13
CA PRO B 571 28.75 26.39 -19.60
C PRO B 571 27.54 25.48 -19.71
N GLU B 572 27.72 24.24 -20.18
CA GLU B 572 26.61 23.30 -20.27
C GLU B 572 26.02 23.02 -18.88
N GLU B 573 26.90 22.78 -17.91
CA GLU B 573 26.47 22.55 -16.53
C GLU B 573 25.70 23.76 -15.99
N GLN B 574 26.25 24.96 -16.20
CA GLN B 574 25.58 26.17 -15.73
C GLN B 574 24.21 26.35 -16.40
N ALA B 575 24.12 26.01 -17.69
CA ALA B 575 22.83 26.10 -18.37
C ALA B 575 21.83 25.14 -17.77
N ALA B 576 22.27 23.93 -17.41
CA ALA B 576 21.39 22.99 -16.73
C ALA B 576 20.92 23.56 -15.39
N PHE B 577 21.84 24.13 -14.62
CA PHE B 577 21.47 24.72 -13.34
C PHE B 577 20.50 25.88 -13.53
N ASP B 578 20.70 26.68 -14.57
CA ASP B 578 19.80 27.79 -14.85
C ASP B 578 18.41 27.30 -15.24
N LEU B 579 18.34 26.22 -16.03
CA LEU B 579 17.04 25.65 -16.37
C LEU B 579 16.34 25.11 -15.12
N LEU B 580 17.11 24.54 -14.19
CA LEU B 580 16.51 24.09 -12.94
C LEU B 580 15.96 25.28 -12.14
N ARG B 581 16.77 26.33 -12.01
CA ARG B 581 16.35 27.51 -11.27
C ARG B 581 15.11 28.14 -11.88
N ASP B 582 15.06 28.23 -13.21
CA ASP B 582 13.89 28.78 -13.88
C ASP B 582 12.67 27.89 -13.68
N GLY B 583 12.86 26.57 -13.68
CA GLY B 583 11.76 25.67 -13.39
C GLY B 583 11.21 25.90 -12.00
N LEU B 584 12.09 26.15 -11.03
CA LEU B 584 11.66 26.41 -9.67
C LEU B 584 11.00 27.78 -9.51
N LEU B 585 11.27 28.73 -10.40
CA LEU B 585 10.61 30.02 -10.35
C LEU B 585 9.11 29.85 -10.58
N ASP B 586 8.32 30.16 -9.56
CA ASP B 586 6.88 29.90 -9.62
C ASP B 586 6.03 31.16 -9.45
N GLY B 587 5.91 31.63 -8.22
CA GLY B 587 5.05 32.76 -7.89
C GLY B 587 5.70 34.13 -7.85
N ILE B 588 6.68 34.36 -8.71
CA ILE B 588 7.34 35.67 -8.77
C ILE B 588 6.38 36.76 -9.24
N SER B 589 5.27 36.39 -9.87
CA SER B 589 4.28 37.34 -10.36
C SER B 589 3.04 37.43 -9.47
N ASN B 590 2.60 36.31 -8.89
CA ASN B 590 1.35 36.27 -8.13
C ASN B 590 1.58 36.28 -6.63
N ARG B 591 2.75 36.72 -6.17
CA ARG B 591 2.98 36.99 -4.74
C ARG B 591 3.68 38.33 -4.62
N LYS B 592 2.89 39.40 -4.63
CA LYS B 592 3.37 40.76 -4.52
C LYS B 592 3.10 41.26 -3.10
N SER B 593 4.01 42.08 -2.57
CA SER B 593 3.87 42.56 -1.21
C SER B 593 3.77 44.08 -1.18
N THR B 594 3.20 44.57 -0.10
CA THR B 594 3.04 46.01 0.15
C THR B 594 3.55 46.28 1.56
N PRO B 595 4.87 46.45 1.72
CA PRO B 595 5.42 46.67 3.06
C PRO B 595 4.98 48.02 3.63
N LYS B 596 4.56 48.00 4.89
CA LYS B 596 4.11 49.19 5.60
C LYS B 596 4.81 49.28 6.95
N LEU B 597 5.26 50.47 7.31
CA LEU B 597 5.97 50.67 8.57
C LEU B 597 5.05 50.36 9.75
N ASP B 598 5.26 49.22 10.40
CA ASP B 598 4.36 48.72 11.43
C ASP B 598 4.90 48.90 12.84
N VAL B 599 6.01 49.60 13.02
CA VAL B 599 6.57 49.81 14.35
C VAL B 599 6.61 51.30 14.65
N TYR B 600 6.76 51.61 15.94
CA TYR B 600 6.91 52.99 16.38
C TYR B 600 8.29 53.52 16.02
N SER B 601 8.45 54.84 16.13
CA SER B 601 9.66 55.48 15.64
C SER B 601 10.89 55.07 16.45
N ASP B 602 10.72 54.83 17.75
CA ASP B 602 11.83 54.46 18.63
C ASP B 602 11.86 52.96 18.93
N GLN B 603 11.21 52.16 18.11
CA GLN B 603 11.08 50.72 18.34
C GLN B 603 12.06 49.95 17.47
N ILE B 604 12.55 48.83 18.00
CA ILE B 604 13.46 47.94 17.29
C ILE B 604 12.85 46.55 17.27
N VAL B 605 12.87 45.91 16.10
CA VAL B 605 12.38 44.55 15.93
C VAL B 605 13.57 43.60 16.06
N TRP B 606 13.44 42.61 16.93
CA TRP B 606 14.48 41.61 17.15
C TRP B 606 13.91 40.24 16.78
N GLY B 607 14.47 39.64 15.73
CA GLY B 607 14.15 38.28 15.35
C GLY B 607 15.33 37.37 15.64
N ARG B 608 15.04 36.13 16.00
CA ARG B 608 16.11 35.20 16.33
C ARG B 608 15.61 33.78 16.13
N SER B 609 16.54 32.91 15.73
CA SER B 609 16.25 31.53 15.38
C SER B 609 17.37 30.63 15.87
N PRO B 610 17.04 29.42 16.30
CA PRO B 610 18.05 28.41 16.58
C PRO B 610 18.53 27.75 15.30
N VAL B 611 19.55 26.90 15.44
CA VAL B 611 20.02 26.10 14.32
C VAL B 611 19.26 24.79 14.31
N ARG B 612 19.71 23.82 13.51
CA ARG B 612 19.01 22.56 13.39
C ARG B 612 20.00 21.42 13.24
N ILE B 613 19.57 20.24 13.67
CA ILE B 613 20.26 18.99 13.41
C ILE B 613 19.29 18.08 12.66
N ASP B 614 19.71 17.60 11.49
CA ASP B 614 18.89 16.67 10.72
C ASP B 614 19.19 15.25 11.22
N MET B 615 18.16 14.57 11.70
CA MET B 615 18.36 13.23 12.21
C MET B 615 18.37 12.21 11.09
N ALA B 616 17.53 12.40 10.07
CA ALA B 616 17.48 11.40 9.00
C ALA B 616 16.84 12.01 7.76
N GLY B 617 17.16 11.41 6.62
CA GLY B 617 16.55 11.81 5.37
C GLY B 617 17.16 13.01 4.69
N GLY B 618 18.25 13.56 5.23
CA GLY B 618 18.94 14.63 4.54
C GLY B 618 19.34 14.22 3.13
N TRP B 619 19.40 15.22 2.25
CA TRP B 619 19.68 15.11 0.81
C TRP B 619 18.41 14.76 0.02
N THR B 620 17.47 14.03 0.63
CA THR B 620 16.25 13.69 -0.09
C THR B 620 15.36 14.90 -0.34
N ASP B 621 15.64 16.03 0.31
CA ASP B 621 14.92 17.27 0.07
C ASP B 621 15.56 18.13 -1.01
N THR B 622 16.67 17.70 -1.59
CA THR B 622 17.43 18.53 -2.51
C THR B 622 16.98 18.29 -3.95
N PRO B 623 16.65 19.34 -4.70
CA PRO B 623 16.30 19.15 -6.11
C PRO B 623 17.51 18.69 -6.90
N PRO B 624 17.31 17.92 -7.97
CA PRO B 624 16.00 17.53 -8.52
C PRO B 624 15.42 16.21 -7.99
N TYR B 625 16.11 15.52 -7.08
CA TYR B 625 15.58 14.26 -6.58
C TYR B 625 14.25 14.47 -5.86
N SER B 626 14.17 15.53 -5.04
CA SER B 626 12.92 15.87 -4.40
C SER B 626 11.81 16.09 -5.41
N LEU B 627 12.16 16.61 -6.60
CA LEU B 627 11.18 16.72 -7.67
C LEU B 627 10.82 15.36 -8.25
N TYR B 628 11.77 14.42 -8.27
CA TYR B 628 11.47 13.09 -8.77
C TYR B 628 10.46 12.38 -7.88
N SER B 629 10.73 12.33 -6.58
CA SER B 629 9.95 11.46 -5.71
C SER B 629 9.50 12.09 -4.40
N GLY B 630 9.89 13.31 -4.10
CA GLY B 630 9.58 13.89 -2.81
C GLY B 630 10.60 13.48 -1.75
N GLY B 631 10.70 14.31 -0.71
CA GLY B 631 11.68 14.10 0.35
C GLY B 631 11.02 13.78 1.67
N ASN B 632 11.75 13.05 2.50
CA ASN B 632 11.40 12.82 3.90
C ASN B 632 12.60 13.21 4.74
N VAL B 633 12.40 14.11 5.70
CA VAL B 633 13.49 14.55 6.57
C VAL B 633 12.97 14.68 8.00
N VAL B 634 13.65 14.03 8.94
CA VAL B 634 13.43 14.24 10.36
C VAL B 634 14.55 15.12 10.88
N ASN B 635 14.19 16.25 11.48
CA ASN B 635 15.16 17.19 12.03
C ASN B 635 14.54 17.94 13.21
N LEU B 636 15.37 18.66 13.95
CA LEU B 636 14.87 19.42 15.09
C LEU B 636 15.67 20.70 15.28
N ALA B 637 15.02 21.67 15.91
CA ALA B 637 15.64 22.95 16.23
C ALA B 637 16.40 22.85 17.55
N ILE B 638 17.59 23.45 17.59
CA ILE B 638 18.43 23.42 18.78
C ILE B 638 19.06 24.78 19.00
N GLU B 639 19.03 25.26 20.24
CA GLU B 639 19.84 26.37 20.69
C GLU B 639 21.20 25.86 21.12
N LEU B 640 22.22 26.70 20.93
CA LEU B 640 23.60 26.38 21.25
C LEU B 640 24.06 27.25 22.40
N ASN B 641 24.55 26.63 23.48
CA ASN B 641 24.97 27.35 24.68
C ASN B 641 23.88 28.27 25.19
N GLY B 642 22.63 27.79 25.10
CA GLY B 642 21.50 28.54 25.64
C GLY B 642 21.13 29.80 24.90
N GLN B 643 21.46 29.88 23.61
CA GLN B 643 21.16 31.08 22.84
C GLN B 643 20.72 30.69 21.44
N PRO B 644 19.85 31.48 20.82
CA PRO B 644 19.55 31.31 19.40
C PRO B 644 20.68 31.89 18.56
N PRO B 645 21.38 31.05 17.80
CA PRO B 645 22.59 31.53 17.10
C PRO B 645 22.32 32.49 15.96
N LEU B 646 21.11 32.55 15.41
CA LEU B 646 20.83 33.47 14.31
C LEU B 646 19.99 34.63 14.85
N GLN B 647 20.49 35.85 14.66
CA GLN B 647 19.80 37.02 15.19
C GLN B 647 19.81 38.15 14.18
N VAL B 648 18.72 38.91 14.14
CA VAL B 648 18.55 40.04 13.22
C VAL B 648 17.84 41.16 13.97
N TYR B 649 18.36 42.38 13.82
CA TYR B 649 17.73 43.58 14.35
C TYR B 649 17.32 44.48 13.20
N VAL B 650 16.11 45.00 13.25
CA VAL B 650 15.59 45.89 12.23
C VAL B 650 15.03 47.13 12.92
N LYS B 651 15.47 48.30 12.47
CA LYS B 651 14.97 49.53 13.07
C LYS B 651 14.78 50.60 12.01
N PRO B 652 13.85 51.52 12.24
CA PRO B 652 13.66 52.61 11.26
C PRO B 652 14.89 53.50 11.20
N CYS B 653 15.07 54.11 10.04
CA CYS B 653 16.23 54.93 9.74
C CYS B 653 15.78 56.34 9.37
N LYS B 654 16.47 57.34 9.91
CA LYS B 654 16.13 58.73 9.61
C LYS B 654 16.32 59.03 8.13
N ASP B 655 17.35 58.46 7.52
CA ASP B 655 17.61 58.64 6.10
C ASP B 655 16.83 57.61 5.29
N PHE B 656 16.43 58.01 4.08
CA PHE B 656 15.59 57.16 3.23
C PHE B 656 16.45 56.24 2.37
N HIS B 657 17.24 55.41 3.05
CA HIS B 657 18.04 54.38 2.40
C HIS B 657 18.02 53.15 3.30
N ILE B 658 18.80 52.14 2.94
CA ILE B 658 18.89 50.90 3.70
C ILE B 658 20.32 50.74 4.18
N VAL B 659 20.49 50.53 5.48
CA VAL B 659 21.80 50.29 6.08
C VAL B 659 21.85 48.82 6.48
N LEU B 660 22.93 48.14 6.12
CA LEU B 660 23.14 46.74 6.44
C LEU B 660 24.43 46.62 7.23
N ARG B 661 24.35 46.00 8.41
CA ARG B 661 25.52 45.75 9.24
C ARG B 661 25.62 44.27 9.56
N SER B 662 26.84 43.76 9.58
CA SER B 662 27.12 42.36 9.90
C SER B 662 28.10 42.32 11.06
N ILE B 663 27.66 41.72 12.17
CA ILE B 663 28.50 41.59 13.36
C ILE B 663 29.54 40.49 13.18
N ASP B 664 29.13 39.33 12.65
CA ASP B 664 30.07 38.23 12.50
C ASP B 664 31.09 38.51 11.40
N MET B 665 30.67 39.18 10.33
CA MET B 665 31.62 39.58 9.30
C MET B 665 32.24 40.94 9.58
N GLY B 666 31.69 41.70 10.52
CA GLY B 666 32.18 43.03 10.83
C GLY B 666 32.21 43.93 9.63
N ALA B 667 31.04 44.19 9.02
CA ALA B 667 30.99 44.95 7.79
C ALA B 667 29.74 45.80 7.77
N MET B 668 29.71 46.76 6.84
CA MET B 668 28.56 47.63 6.69
C MET B 668 28.45 48.06 5.24
N GLU B 669 27.21 48.27 4.79
CA GLU B 669 26.91 48.56 3.40
C GLU B 669 25.65 49.41 3.34
N ILE B 670 25.64 50.36 2.40
CA ILE B 670 24.51 51.27 2.22
C ILE B 670 23.89 50.97 0.86
N VAL B 671 22.60 50.64 0.86
CA VAL B 671 21.82 50.39 -0.34
C VAL B 671 20.88 51.57 -0.54
N SER B 672 21.03 52.27 -1.66
CA SER B 672 20.26 53.47 -1.93
C SER B 672 19.28 53.34 -3.10
N THR B 673 19.48 52.38 -4.00
CA THR B 673 18.67 52.25 -5.20
C THR B 673 18.17 50.82 -5.36
N PHE B 674 17.14 50.68 -6.20
CA PHE B 674 16.69 49.35 -6.60
C PHE B 674 17.83 48.55 -7.22
N ASP B 675 18.65 49.21 -8.04
CA ASP B 675 19.78 48.54 -8.67
C ASP B 675 20.76 48.00 -7.64
N GLU B 676 21.03 48.77 -6.59
CA GLU B 676 21.95 48.33 -5.56
C GLU B 676 21.34 47.21 -4.71
N LEU B 677 20.04 47.29 -4.45
CA LEU B 677 19.39 46.28 -3.61
C LEU B 677 19.41 44.91 -4.29
N GLN B 678 19.30 44.86 -5.61
CA GLN B 678 19.22 43.61 -6.34
C GLN B 678 20.58 43.13 -6.84
N ASP B 679 21.66 43.80 -6.45
CA ASP B 679 23.01 43.38 -6.81
C ASP B 679 23.50 42.33 -5.80
N TYR B 680 22.94 41.13 -5.94
CA TYR B 680 23.18 40.07 -4.97
C TYR B 680 24.63 39.58 -5.01
N LYS B 681 25.25 39.55 -6.19
CA LYS B 681 26.61 39.06 -6.35
C LYS B 681 27.64 40.17 -6.26
N LYS B 682 27.33 41.27 -5.58
CA LYS B 682 28.27 42.37 -5.42
C LYS B 682 29.57 41.89 -4.80
N ILE B 683 30.70 42.27 -5.40
CA ILE B 683 31.99 41.75 -4.99
C ILE B 683 32.28 42.15 -3.55
N GLY B 684 32.64 41.17 -2.73
CA GLY B 684 33.02 41.41 -1.35
C GLY B 684 31.86 41.70 -0.40
N SER B 685 30.63 41.73 -0.89
CA SER B 685 29.50 42.02 -0.02
C SER B 685 29.02 40.74 0.66
N PRO B 686 28.88 40.75 1.99
CA PRO B 686 28.31 39.58 2.67
C PRO B 686 26.81 39.72 2.91
N PHE B 687 26.15 40.60 2.15
CA PHE B 687 24.78 41.00 2.44
C PHE B 687 23.79 40.51 1.38
N SER B 688 24.14 39.47 0.62
CA SER B 688 23.24 38.99 -0.42
C SER B 688 21.92 38.49 0.18
N ILE B 689 22.00 37.82 1.33
CA ILE B 689 20.78 37.28 1.96
C ILE B 689 19.82 38.38 2.38
N PRO B 690 20.22 39.39 3.17
CA PRO B 690 19.25 40.43 3.53
C PRO B 690 18.80 41.27 2.35
N LYS B 691 19.64 41.46 1.34
CA LYS B 691 19.22 42.18 0.14
C LYS B 691 18.12 41.41 -0.58
N ALA B 692 18.31 40.10 -0.76
CA ALA B 692 17.27 39.29 -1.38
C ALA B 692 16.01 39.26 -0.53
N ALA B 693 16.15 39.24 0.80
CA ALA B 693 15.00 39.22 1.69
C ALA B 693 14.20 40.53 1.58
N LEU B 694 14.89 41.66 1.59
CA LEU B 694 14.22 42.94 1.40
C LEU B 694 13.57 43.04 0.03
N SER B 695 14.20 42.45 -0.98
CA SER B 695 13.58 42.40 -2.31
C SER B 695 12.26 41.62 -2.27
N LEU B 696 12.27 40.43 -1.67
CA LEU B 696 11.06 39.63 -1.59
C LEU B 696 9.98 40.29 -0.75
N ALA B 697 10.37 41.13 0.22
CA ALA B 697 9.40 41.81 1.06
C ALA B 697 8.69 42.94 0.33
N GLY B 698 9.08 43.27 -0.88
CA GLY B 698 8.42 44.29 -1.67
C GLY B 698 9.22 45.55 -1.92
N PHE B 699 10.52 45.56 -1.61
CA PHE B 699 11.36 46.72 -1.89
C PHE B 699 12.12 46.60 -3.20
N ALA B 700 11.91 45.53 -3.96
CA ALA B 700 12.31 45.45 -5.35
C ALA B 700 11.08 45.51 -6.24
N PRO B 701 11.14 46.22 -7.37
CA PRO B 701 9.94 46.41 -8.19
C PRO B 701 9.24 45.11 -8.58
N ALA B 702 9.99 44.06 -8.87
CA ALA B 702 9.39 42.81 -9.32
C ALA B 702 8.51 42.17 -8.25
N PHE B 703 8.71 42.50 -6.98
CA PHE B 703 7.95 41.91 -5.90
C PHE B 703 7.06 42.91 -5.17
N SER B 704 7.00 44.14 -5.64
CA SER B 704 6.18 45.18 -5.02
C SER B 704 4.86 45.30 -5.75
N ALA B 705 3.76 45.37 -4.99
CA ALA B 705 2.45 45.59 -5.60
C ALA B 705 2.32 47.00 -6.13
N VAL B 706 2.85 47.98 -5.40
CA VAL B 706 2.83 49.38 -5.83
C VAL B 706 4.10 49.68 -6.59
N SER B 707 3.97 50.39 -7.71
CA SER B 707 5.11 50.77 -8.53
C SER B 707 5.68 52.10 -8.04
N TYR B 708 6.99 52.13 -7.80
CA TYR B 708 7.68 53.33 -7.35
C TYR B 708 8.79 53.71 -8.31
N ALA B 709 9.06 55.01 -8.39
CA ALA B 709 10.09 55.50 -9.31
C ALA B 709 11.48 55.09 -8.87
N SER B 710 11.73 55.06 -7.56
CA SER B 710 13.05 54.72 -7.04
C SER B 710 12.88 54.17 -5.63
N LEU B 711 13.96 53.55 -5.12
CA LEU B 711 13.92 53.05 -3.75
C LEU B 711 13.74 54.18 -2.76
N GLU B 712 14.34 55.34 -3.02
CA GLU B 712 14.20 56.48 -2.12
C GLU B 712 12.74 56.92 -2.03
N GLU B 713 12.03 56.96 -3.17
CA GLU B 713 10.64 57.37 -3.14
C GLU B 713 9.78 56.34 -2.41
N GLN B 714 10.08 55.04 -2.60
CA GLN B 714 9.33 54.01 -1.88
C GLN B 714 9.56 54.12 -0.38
N LEU B 715 10.79 54.44 0.04
CA LEU B 715 11.06 54.56 1.47
C LEU B 715 10.49 55.85 2.04
N LYS B 716 10.42 56.91 1.24
CA LYS B 716 9.76 58.14 1.70
C LYS B 716 8.27 57.91 1.90
N ASP B 717 7.62 57.23 0.95
CA ASP B 717 6.23 56.83 1.17
C ASP B 717 6.10 55.85 2.33
N PHE B 718 7.15 55.05 2.57
CA PHE B 718 7.14 54.06 3.63
C PHE B 718 7.15 54.71 5.00
N GLY B 719 7.80 55.86 5.13
CA GLY B 719 7.90 56.59 6.38
C GLY B 719 9.31 56.72 6.93
N ALA B 720 10.23 55.84 6.53
CA ALA B 720 11.60 55.89 6.99
C ALA B 720 12.43 54.92 6.17
N GLY B 721 13.74 54.97 6.38
CA GLY B 721 14.62 53.94 5.87
C GLY B 721 14.64 52.74 6.81
N ILE B 722 15.48 51.77 6.48
CA ILE B 722 15.55 50.53 7.23
C ILE B 722 17.01 50.24 7.57
N GLU B 723 17.26 49.89 8.84
CA GLU B 723 18.59 49.47 9.30
C GLU B 723 18.49 48.03 9.77
N VAL B 724 19.22 47.14 9.10
CA VAL B 724 19.21 45.71 9.36
C VAL B 724 20.60 45.30 9.81
N THR B 725 20.71 44.80 11.04
CA THR B 725 21.95 44.25 11.58
C THR B 725 21.79 42.75 11.74
N LEU B 726 22.77 42.00 11.27
CA LEU B 726 22.71 40.54 11.24
C LEU B 726 23.81 39.94 12.09
N LEU B 727 23.51 38.81 12.70
CA LEU B 727 24.48 38.05 13.49
C LEU B 727 24.26 36.57 13.22
N ALA B 728 25.27 35.92 12.67
CA ALA B 728 25.34 34.46 12.59
C ALA B 728 26.42 34.07 13.59
N ALA B 729 25.99 33.76 14.82
CA ALA B 729 26.92 33.42 15.89
C ALA B 729 27.64 32.10 15.66
N ILE B 730 27.29 31.35 14.62
CA ILE B 730 27.91 30.07 14.31
C ILE B 730 28.59 30.20 12.96
N PRO B 731 29.88 29.88 12.85
CA PRO B 731 30.60 30.15 11.59
C PRO B 731 30.00 29.41 10.42
N ALA B 732 30.07 30.04 9.25
CA ALA B 732 29.56 29.44 8.02
C ALA B 732 30.30 28.15 7.71
N GLY B 733 29.60 27.24 7.02
CA GLY B 733 30.16 25.94 6.73
C GLY B 733 30.08 24.93 7.86
N SER B 734 29.37 25.27 8.94
CA SER B 734 29.26 24.37 10.08
C SER B 734 28.29 23.21 9.85
N GLY B 735 27.42 23.31 8.85
CA GLY B 735 26.49 22.22 8.58
C GLY B 735 25.23 22.24 9.42
N LEU B 736 25.01 23.29 10.20
CA LEU B 736 23.85 23.40 11.08
C LEU B 736 22.70 24.18 10.46
N GLY B 737 22.74 24.43 9.15
CA GLY B 737 21.69 25.16 8.49
C GLY B 737 21.79 26.66 8.60
N THR B 738 23.00 27.18 8.80
CA THR B 738 23.18 28.61 9.11
C THR B 738 22.56 29.50 8.04
N SER B 739 22.87 29.24 6.77
CA SER B 739 22.51 30.18 5.71
C SER B 739 21.00 30.26 5.52
N SER B 740 20.34 29.11 5.37
CA SER B 740 18.90 29.11 5.16
C SER B 740 18.16 29.66 6.38
N ILE B 741 18.60 29.29 7.58
CA ILE B 741 17.91 29.75 8.77
C ILE B 741 18.12 31.24 8.97
N LEU B 742 19.30 31.75 8.61
CA LEU B 742 19.53 33.19 8.66
C LEU B 742 18.63 33.92 7.66
N ALA B 743 18.50 33.38 6.45
CA ALA B 743 17.58 33.96 5.47
C ALA B 743 16.16 34.01 6.03
N SER B 744 15.72 32.91 6.65
CA SER B 744 14.37 32.87 7.22
C SER B 744 14.24 33.85 8.38
N THR B 745 15.30 34.04 9.16
CA THR B 745 15.24 34.98 10.28
C THR B 745 15.11 36.41 9.78
N VAL B 746 15.89 36.77 8.75
CA VAL B 746 15.74 38.09 8.14
C VAL B 746 14.34 38.26 7.58
N LEU B 747 13.83 37.24 6.89
CA LEU B 747 12.49 37.33 6.32
C LEU B 747 11.44 37.53 7.40
N GLY B 748 11.56 36.81 8.52
CA GLY B 748 10.58 36.95 9.58
C GLY B 748 10.67 38.29 10.29
N ALA B 749 11.90 38.79 10.50
CA ALA B 749 12.08 40.10 11.10
C ALA B 749 11.48 41.18 10.20
N ILE B 750 11.74 41.12 8.90
CA ILE B 750 11.17 42.09 7.97
C ILE B 750 9.65 41.93 7.89
N ASN B 751 9.16 40.70 7.99
CA ASN B 751 7.72 40.46 8.01
C ASN B 751 7.07 41.19 9.18
N ASP B 752 7.64 41.05 10.36
CA ASP B 752 7.12 41.75 11.53
C ASP B 752 7.27 43.26 11.38
N PHE B 753 8.41 43.71 10.82
CA PHE B 753 8.69 45.13 10.71
C PHE B 753 7.76 45.81 9.69
N CYS B 754 7.32 45.07 8.68
CA CYS B 754 6.54 45.63 7.59
C CYS B 754 5.08 45.18 7.59
N GLY B 755 4.65 44.42 8.59
CA GLY B 755 3.26 43.98 8.65
C GLY B 755 2.81 43.18 7.44
N LEU B 756 3.64 42.26 6.97
CA LEU B 756 3.30 41.45 5.81
C LEU B 756 2.44 40.24 6.17
N ALA B 757 2.28 39.94 7.46
CA ALA B 757 1.35 38.92 7.94
C ALA B 757 1.70 37.52 7.43
N TRP B 758 2.98 37.26 7.18
CA TRP B 758 3.40 35.92 6.82
C TRP B 758 3.39 35.01 8.04
N ASP B 759 2.99 33.76 7.84
CA ASP B 759 3.15 32.75 8.86
C ASP B 759 4.49 32.04 8.66
N LYS B 760 4.82 31.12 9.56
CA LYS B 760 6.13 30.46 9.50
C LYS B 760 6.26 29.62 8.22
N ASN B 761 5.17 29.00 7.78
CA ASN B 761 5.20 28.25 6.53
C ASN B 761 5.51 29.16 5.35
N GLU B 762 4.83 30.31 5.28
CA GLU B 762 5.13 31.26 4.22
C GLU B 762 6.54 31.80 4.35
N ILE B 763 7.05 31.96 5.58
CA ILE B 763 8.42 32.41 5.76
C ILE B 763 9.40 31.38 5.16
N CYS B 764 9.15 30.10 5.39
CA CYS B 764 10.02 29.07 4.82
C CYS B 764 9.91 29.03 3.30
N GLN B 765 8.71 29.22 2.76
CA GLN B 765 8.56 29.23 1.31
C GLN B 765 9.27 30.43 0.69
N ARG B 766 9.15 31.60 1.31
CA ARG B 766 9.90 32.77 0.88
C ARG B 766 11.40 32.53 1.01
N THR B 767 11.83 31.73 1.99
CA THR B 767 13.24 31.37 2.08
C THR B 767 13.67 30.54 0.88
N LEU B 768 12.84 29.58 0.47
CA LEU B 768 13.12 28.82 -0.74
C LEU B 768 13.25 29.76 -1.95
N VAL B 769 12.32 30.71 -2.07
CA VAL B 769 12.37 31.66 -3.18
C VAL B 769 13.64 32.52 -3.11
N LEU B 770 14.01 32.96 -1.90
CA LEU B 770 15.21 33.75 -1.72
C LEU B 770 16.44 32.98 -2.17
N GLU B 771 16.56 31.72 -1.74
CA GLU B 771 17.71 30.93 -2.11
C GLU B 771 17.74 30.62 -3.60
N GLN B 772 16.56 30.57 -4.24
CA GLN B 772 16.54 30.48 -5.69
C GLN B 772 17.02 31.78 -6.34
N LEU B 773 16.71 32.93 -5.72
CA LEU B 773 17.23 34.20 -6.23
C LEU B 773 18.74 34.26 -6.13
N LEU B 774 19.31 33.70 -5.06
CA LEU B 774 20.74 33.71 -4.86
C LEU B 774 21.44 32.53 -5.53
N THR B 775 20.68 31.67 -6.21
CA THR B 775 21.23 30.51 -6.92
C THR B 775 22.03 29.60 -5.99
N THR B 776 21.50 29.36 -4.79
CA THR B 776 22.15 28.41 -3.89
C THR B 776 21.92 26.96 -4.33
N GLY B 777 20.72 26.66 -4.83
CA GLY B 777 20.42 25.33 -5.32
C GLY B 777 20.21 24.29 -4.25
N GLY B 778 19.82 24.69 -3.04
CA GLY B 778 19.63 23.77 -1.95
C GLY B 778 18.19 23.31 -1.81
N GLY B 779 17.95 22.55 -0.76
CA GLY B 779 16.63 22.06 -0.43
C GLY B 779 15.87 22.98 0.50
N TRP B 780 14.88 22.40 1.19
CA TRP B 780 14.02 23.15 2.09
C TRP B 780 14.16 22.73 3.54
N GLN B 781 15.04 21.78 3.84
CA GLN B 781 15.04 21.16 5.17
C GLN B 781 15.52 22.13 6.25
N ASP B 782 16.54 22.94 5.95
CA ASP B 782 17.17 23.74 6.99
C ASP B 782 16.21 24.77 7.57
N GLN B 783 15.50 25.49 6.70
CA GLN B 783 14.63 26.56 7.19
C GLN B 783 13.48 26.01 8.00
N TYR B 784 12.89 24.88 7.58
CA TYR B 784 11.83 24.29 8.40
C TYR B 784 12.39 23.75 9.71
N GLY B 785 13.59 23.18 9.68
CA GLY B 785 14.18 22.67 10.91
C GLY B 785 14.47 23.77 11.92
N GLY B 786 14.84 24.95 11.44
CA GLY B 786 15.19 26.05 12.33
C GLY B 786 14.03 26.93 12.76
N VAL B 787 13.13 27.25 11.81
CA VAL B 787 12.05 28.18 12.10
C VAL B 787 11.00 27.51 12.97
N LEU B 788 10.69 26.25 12.69
CA LEU B 788 9.67 25.53 13.44
C LEU B 788 10.28 24.92 14.70
N GLN B 789 9.56 25.06 15.80
CA GLN B 789 10.03 24.53 17.08
C GLN B 789 10.01 23.01 17.09
N GLY B 790 10.80 22.43 17.98
CA GLY B 790 10.70 21.02 18.29
C GLY B 790 11.34 20.11 17.25
N VAL B 791 10.88 18.87 17.25
CA VAL B 791 11.37 17.83 16.35
C VAL B 791 10.25 17.49 15.38
N LYS B 792 10.61 17.36 14.10
CA LYS B 792 9.62 17.32 13.03
C LYS B 792 10.02 16.30 11.97
N LEU B 793 9.00 15.69 11.38
CA LEU B 793 9.10 14.97 10.11
C LEU B 793 8.51 15.85 9.02
N LEU B 794 9.28 16.06 7.95
CA LEU B 794 8.89 16.89 6.83
C LEU B 794 8.80 16.01 5.59
N GLN B 795 7.70 16.15 4.84
CA GLN B 795 7.48 15.31 3.68
C GLN B 795 6.97 16.15 2.50
N THR B 796 7.53 15.92 1.33
CA THR B 796 6.99 16.48 0.11
C THR B 796 6.63 15.36 -0.87
N GLU B 797 5.83 15.73 -1.87
CA GLU B 797 5.48 14.85 -2.96
C GLU B 797 6.38 15.17 -4.16
N ALA B 798 6.21 14.40 -5.24
CA ALA B 798 6.91 14.70 -6.46
C ALA B 798 6.37 15.99 -7.07
N GLY B 799 7.22 16.68 -7.83
CA GLY B 799 6.81 17.89 -8.51
C GLY B 799 7.67 19.09 -8.18
N PHE B 800 7.62 20.12 -9.04
CA PHE B 800 8.40 21.33 -8.80
C PHE B 800 7.92 22.06 -7.55
N ALA B 801 6.62 22.03 -7.28
CA ALA B 801 6.06 22.67 -6.09
C ALA B 801 6.46 21.86 -4.87
N GLN B 802 7.43 22.36 -4.11
CA GLN B 802 7.97 21.67 -2.94
C GLN B 802 7.52 22.44 -1.70
N SER B 803 6.42 22.01 -1.10
CA SER B 803 5.88 22.63 0.11
C SER B 803 5.74 21.54 1.17
N PRO B 804 6.67 21.48 2.13
CA PRO B 804 6.69 20.34 3.06
C PRO B 804 5.46 20.31 3.96
N LEU B 805 4.86 19.12 4.05
CA LEU B 805 3.92 18.81 5.11
C LEU B 805 4.72 18.50 6.38
N VAL B 806 4.32 19.13 7.48
CA VAL B 806 5.07 19.08 8.74
C VAL B 806 4.27 18.28 9.76
N ARG B 807 4.92 17.29 10.36
CA ARG B 807 4.33 16.50 11.44
C ARG B 807 5.27 16.53 12.63
N TRP B 808 4.82 17.13 13.73
CA TRP B 808 5.65 17.22 14.92
C TRP B 808 5.70 15.88 15.65
N LEU B 809 6.85 15.61 16.25
CA LEU B 809 7.12 14.43 17.04
C LEU B 809 7.21 14.78 18.52
N PRO B 810 6.97 13.82 19.41
CA PRO B 810 7.22 14.07 20.83
C PRO B 810 8.70 14.32 21.08
N ASP B 811 8.99 15.27 21.96
CA ASP B 811 10.37 15.63 22.28
C ASP B 811 10.89 14.87 23.50
N HIS B 812 10.23 13.77 23.87
CA HIS B 812 10.59 13.04 25.09
C HIS B 812 12.05 12.61 25.09
N LEU B 813 12.52 12.06 23.96
CA LEU B 813 13.88 11.54 23.91
C LEU B 813 14.95 12.63 23.97
N PHE B 814 14.56 13.91 23.88
CA PHE B 814 15.51 14.99 23.91
C PHE B 814 15.39 15.89 25.13
N THR B 815 14.27 15.83 25.86
CA THR B 815 14.03 16.72 26.98
C THR B 815 13.96 16.00 28.33
N HIS B 816 13.70 14.70 28.35
CA HIS B 816 13.58 14.00 29.61
C HIS B 816 14.96 13.89 30.27
N PRO B 817 15.03 14.04 31.60
CA PRO B 817 16.35 14.07 32.27
C PRO B 817 17.18 12.82 32.06
N GLU B 818 16.58 11.65 31.87
CA GLU B 818 17.39 10.45 31.66
C GLU B 818 17.92 10.34 30.25
N TYR B 819 17.61 11.30 29.37
CA TYR B 819 18.06 11.24 27.98
C TYR B 819 18.78 12.52 27.58
N LYS B 820 18.41 13.64 28.21
CA LYS B 820 18.84 14.96 27.75
C LYS B 820 20.35 15.10 27.75
N ASP B 821 21.02 14.54 28.75
CA ASP B 821 22.47 14.68 28.88
C ASP B 821 23.25 13.72 28.01
N CYS B 822 22.58 12.88 27.21
CA CYS B 822 23.27 11.97 26.31
C CYS B 822 23.49 12.55 24.92
N HIS B 823 22.89 13.69 24.61
CA HIS B 823 23.06 14.35 23.33
C HIS B 823 24.25 15.31 23.44
N LEU B 824 25.32 15.02 22.72
CA LEU B 824 26.54 15.82 22.76
C LEU B 824 26.82 16.41 21.38
N LEU B 825 27.20 17.69 21.37
CA LEU B 825 27.59 18.37 20.13
C LEU B 825 29.02 18.86 20.31
N TYR B 826 29.89 18.48 19.38
CA TYR B 826 31.32 18.75 19.49
C TYR B 826 31.78 19.46 18.22
N TYR B 827 32.13 20.74 18.34
CA TYR B 827 32.76 21.46 17.24
C TYR B 827 34.15 20.90 17.03
N THR B 828 34.38 20.31 15.85
CA THR B 828 35.62 19.63 15.53
C THR B 828 36.77 20.58 15.22
N GLY B 829 36.49 21.87 15.03
CA GLY B 829 37.52 22.79 14.60
C GLY B 829 37.87 22.69 13.13
N ILE B 830 37.02 22.07 12.33
CA ILE B 830 37.26 21.88 10.90
C ILE B 830 36.16 22.61 10.15
N THR B 831 36.56 23.47 9.22
CA THR B 831 35.63 24.13 8.33
C THR B 831 35.93 23.73 6.90
N ARG B 832 34.93 23.88 6.03
CA ARG B 832 35.02 23.40 4.66
C ARG B 832 33.82 23.87 3.84
N THR B 833 34.08 24.38 2.64
CA THR B 833 33.00 24.78 1.73
C THR B 833 32.43 23.52 1.10
N ALA B 834 31.24 23.13 1.55
CA ALA B 834 30.63 21.88 1.14
C ALA B 834 29.89 22.03 -0.20
N LYS B 835 30.34 22.94 -1.05
CA LYS B 835 29.70 23.14 -2.34
C LYS B 835 30.17 22.13 -3.38
N GLY B 836 31.36 21.54 -3.21
CA GLY B 836 31.78 20.48 -4.10
C GLY B 836 30.95 19.22 -3.90
N ILE B 837 30.65 18.89 -2.64
CA ILE B 837 29.79 17.74 -2.36
C ILE B 837 28.40 17.99 -2.93
N LEU B 838 27.88 19.20 -2.72
CA LEU B 838 26.58 19.56 -3.27
C LEU B 838 26.56 19.43 -4.79
N ALA B 839 27.60 19.95 -5.44
CA ALA B 839 27.66 19.90 -6.90
C ALA B 839 27.73 18.47 -7.40
N GLU B 840 28.58 17.64 -6.80
CA GLU B 840 28.71 16.26 -7.25
C GLU B 840 27.38 15.51 -7.08
N ILE B 841 26.73 15.67 -5.94
CA ILE B 841 25.51 14.93 -5.69
C ILE B 841 24.37 15.43 -6.57
N VAL B 842 24.27 16.75 -6.77
CA VAL B 842 23.21 17.29 -7.60
C VAL B 842 23.42 16.90 -9.07
N SER B 843 24.66 16.91 -9.54
CA SER B 843 24.91 16.49 -10.92
C SER B 843 24.61 15.00 -11.09
N SER B 844 24.90 14.18 -10.07
CA SER B 844 24.52 12.77 -10.13
C SER B 844 23.00 12.63 -10.15
N MET B 845 22.28 13.47 -9.40
CA MET B 845 20.82 13.46 -9.44
C MET B 845 20.30 13.80 -10.83
N PHE B 846 20.91 14.81 -11.47
CA PHE B 846 20.48 15.20 -12.82
C PHE B 846 20.68 14.06 -13.82
N LEU B 847 21.66 13.20 -13.57
CA LEU B 847 21.99 12.11 -14.48
C LEU B 847 21.26 10.81 -14.12
N ASN B 848 20.34 10.85 -13.15
CA ASN B 848 19.61 9.66 -12.72
C ASN B 848 20.56 8.54 -12.34
N SER B 849 21.66 8.90 -11.67
CA SER B 849 22.65 7.92 -11.25
C SER B 849 22.01 6.85 -10.38
N SER B 850 22.09 5.59 -10.85
CA SER B 850 21.38 4.50 -10.20
C SER B 850 21.80 4.34 -8.74
N LEU B 851 23.11 4.38 -8.48
CA LEU B 851 23.59 4.26 -7.11
C LEU B 851 23.02 5.36 -6.23
N HIS B 852 23.09 6.61 -6.70
CA HIS B 852 22.62 7.73 -5.92
C HIS B 852 21.11 7.68 -5.71
N LEU B 853 20.35 7.36 -6.75
CA LEU B 853 18.89 7.30 -6.61
C LEU B 853 18.48 6.19 -5.65
N ASN B 854 19.13 5.03 -5.73
CA ASN B 854 18.83 3.94 -4.82
C ASN B 854 19.15 4.33 -3.38
N LEU B 855 20.32 4.94 -3.17
CA LEU B 855 20.69 5.35 -1.83
C LEU B 855 19.73 6.42 -1.29
N LEU B 856 19.28 7.34 -2.14
CA LEU B 856 18.34 8.37 -1.68
C LEU B 856 16.99 7.76 -1.34
N SER B 857 16.54 6.75 -2.10
CA SER B 857 15.33 6.05 -1.73
C SER B 857 15.48 5.38 -0.37
N GLU B 858 16.63 4.74 -0.14
CA GLU B 858 16.89 4.16 1.17
C GLU B 858 16.94 5.22 2.26
N MET B 859 17.40 6.42 1.93
CA MET B 859 17.44 7.51 2.91
C MET B 859 16.03 7.97 3.28
N LYS B 860 15.14 8.05 2.28
CA LYS B 860 13.74 8.35 2.57
C LYS B 860 13.14 7.30 3.52
N ALA B 861 13.31 6.02 3.18
CA ALA B 861 12.78 4.96 4.04
C ALA B 861 13.39 5.03 5.44
N HIS B 862 14.67 5.37 5.52
CA HIS B 862 15.33 5.49 6.82
C HIS B 862 14.78 6.66 7.62
N ALA B 863 14.43 7.76 6.94
CA ALA B 863 13.78 8.86 7.63
C ALA B 863 12.45 8.41 8.23
N LEU B 864 11.70 7.59 7.49
CA LEU B 864 10.45 7.07 8.06
C LEU B 864 10.72 6.17 9.26
N ASP B 865 11.77 5.35 9.19
CA ASP B 865 12.12 4.49 10.33
C ASP B 865 12.52 5.33 11.55
N MET B 866 13.27 6.40 11.31
CA MET B 866 13.65 7.32 12.39
C MET B 866 12.41 7.95 13.02
N ASN B 867 11.48 8.38 12.19
CA ASN B 867 10.21 8.91 12.70
C ASN B 867 9.51 7.88 13.59
N GLU B 868 9.47 6.62 13.13
CA GLU B 868 8.86 5.56 13.93
C GLU B 868 9.55 5.41 15.28
N ALA B 869 10.89 5.36 15.26
CA ALA B 869 11.64 5.18 16.50
C ALA B 869 11.37 6.33 17.48
N ILE B 870 11.31 7.56 16.98
CA ILE B 870 11.03 8.68 17.88
C ILE B 870 9.61 8.59 18.43
N GLN B 871 8.65 8.19 17.59
CA GLN B 871 7.28 8.03 18.07
C GLN B 871 7.19 6.99 19.18
N ARG B 872 7.93 5.89 19.04
CA ARG B 872 7.86 4.79 19.99
C ARG B 872 8.61 5.08 21.28
N GLY B 873 9.41 6.15 21.33
CA GLY B 873 10.18 6.47 22.53
C GLY B 873 11.34 5.55 22.77
N SER B 874 11.90 4.95 21.71
CA SER B 874 13.01 4.01 21.84
C SER B 874 14.32 4.77 21.67
N PHE B 875 15.05 4.97 22.77
CA PHE B 875 16.29 5.73 22.72
C PHE B 875 17.40 4.96 22.01
N VAL B 876 17.53 3.67 22.31
CA VAL B 876 18.59 2.87 21.71
C VAL B 876 18.42 2.79 20.20
N GLU B 877 17.19 2.52 19.76
CA GLU B 877 16.93 2.47 18.33
C GLU B 877 17.15 3.82 17.68
N PHE B 878 16.82 4.91 18.39
CA PHE B 878 17.06 6.24 17.87
C PHE B 878 18.54 6.47 17.60
N GLY B 879 19.39 6.16 18.59
CA GLY B 879 20.82 6.33 18.41
C GLY B 879 21.37 5.46 17.30
N ARG B 880 20.91 4.21 17.23
CA ARG B 880 21.37 3.31 16.17
C ARG B 880 20.98 3.86 14.79
N LEU B 881 19.78 4.41 14.67
CA LEU B 881 19.37 4.97 13.38
C LEU B 881 20.12 6.25 13.04
N VAL B 882 20.54 7.01 14.05
CA VAL B 882 21.44 8.14 13.79
C VAL B 882 22.75 7.64 13.19
N GLY B 883 23.31 6.58 13.78
CA GLY B 883 24.50 5.97 13.20
C GLY B 883 24.28 5.50 11.77
N LYS B 884 23.11 4.92 11.51
CA LYS B 884 22.80 4.48 10.15
C LYS B 884 22.70 5.66 9.18
N THR B 885 22.16 6.79 9.64
CA THR B 885 22.14 7.99 8.81
C THR B 885 23.55 8.44 8.47
N TRP B 886 24.46 8.37 9.45
CA TRP B 886 25.86 8.67 9.17
C TRP B 886 26.42 7.73 8.12
N GLU B 887 26.10 6.44 8.21
CA GLU B 887 26.56 5.48 7.21
C GLU B 887 26.04 5.82 5.83
N GLN B 888 24.75 6.18 5.73
CA GLN B 888 24.17 6.54 4.45
C GLN B 888 24.85 7.78 3.87
N ASN B 889 25.09 8.79 4.70
CA ASN B 889 25.76 10.00 4.21
C ASN B 889 27.16 9.69 3.73
N LYS B 890 27.89 8.85 4.46
CA LYS B 890 29.24 8.46 4.01
C LYS B 890 29.18 7.71 2.69
N ALA B 891 28.17 6.86 2.52
CA ALA B 891 28.04 6.11 1.27
C ALA B 891 27.65 7.02 0.11
N LEU B 892 26.95 8.12 0.38
CA LEU B 892 26.53 8.99 -0.72
C LEU B 892 27.66 9.86 -1.23
N ASP B 893 28.56 10.31 -0.35
CA ASP B 893 29.67 11.16 -0.73
C ASP B 893 30.90 10.76 0.06
N SER B 894 31.96 10.36 -0.66
CA SER B 894 33.19 9.96 0.00
C SER B 894 33.86 11.12 0.73
N GLY B 895 33.58 12.37 0.33
CA GLY B 895 34.12 13.54 0.99
C GLY B 895 33.42 13.94 2.27
N THR B 896 32.38 13.21 2.67
CA THR B 896 31.64 13.57 3.87
C THR B 896 32.44 13.29 5.14
N ASN B 897 33.34 12.31 5.11
CA ASN B 897 34.09 11.87 6.28
C ASN B 897 35.59 11.97 5.98
N PRO B 898 36.18 13.15 6.17
CA PRO B 898 37.64 13.27 6.03
C PRO B 898 38.35 12.55 7.16
N PRO B 899 39.63 12.20 6.99
CA PRO B 899 40.30 11.37 8.00
C PRO B 899 40.38 12.00 9.37
N ALA B 900 40.39 13.33 9.48
CA ALA B 900 40.42 13.97 10.79
C ALA B 900 39.12 13.74 11.55
N VAL B 901 37.98 13.90 10.86
CA VAL B 901 36.69 13.59 11.47
C VAL B 901 36.62 12.13 11.87
N GLU B 902 37.15 11.24 11.03
CA GLU B 902 37.15 9.82 11.34
C GLU B 902 38.00 9.52 12.57
N ALA B 903 39.12 10.23 12.71
CA ALA B 903 39.96 10.05 13.90
C ALA B 903 39.25 10.54 15.15
N ILE B 904 38.59 11.69 15.07
CA ILE B 904 37.77 12.16 16.19
C ILE B 904 36.72 11.12 16.56
N ILE B 905 36.07 10.54 15.55
CA ILE B 905 35.03 9.54 15.80
C ILE B 905 35.62 8.32 16.51
N ASP B 906 36.70 7.77 15.97
CA ASP B 906 37.31 6.57 16.54
C ASP B 906 37.71 6.76 18.01
N LEU B 907 37.93 8.00 18.46
CA LEU B 907 38.29 8.23 19.84
C LEU B 907 37.18 7.86 20.82
N ILE B 908 35.92 7.92 20.39
CA ILE B 908 34.81 7.81 21.33
C ILE B 908 33.68 6.92 20.83
N LYS B 909 33.88 6.27 19.68
CA LYS B 909 32.79 5.53 19.06
C LYS B 909 32.25 4.41 19.95
N ASP B 910 33.05 3.89 20.87
CA ASP B 910 32.62 2.81 21.74
C ASP B 910 31.66 3.26 22.83
N TYR B 911 31.49 4.56 23.04
CA TYR B 911 30.64 5.08 24.09
C TYR B 911 29.34 5.67 23.56
N THR B 912 29.04 5.45 22.28
CA THR B 912 27.87 6.06 21.64
C THR B 912 26.95 4.99 21.09
N LEU B 913 25.66 5.31 21.04
CA LEU B 913 24.72 4.53 20.23
C LEU B 913 24.81 4.91 18.77
N GLY B 914 25.23 6.13 18.47
CA GLY B 914 25.34 6.61 17.11
C GLY B 914 25.87 8.02 17.11
N TYR B 915 26.17 8.50 15.91
CA TYR B 915 26.75 9.82 15.72
C TYR B 915 26.62 10.18 14.25
N LYS B 916 26.75 11.48 13.96
CA LYS B 916 26.70 11.94 12.58
C LYS B 916 27.15 13.40 12.52
N LEU B 917 27.51 13.82 11.31
CA LEU B 917 27.66 15.27 11.18
C LEU B 917 26.34 15.88 10.71
N PRO B 918 25.94 17.00 11.26
CA PRO B 918 24.74 17.69 10.75
C PRO B 918 24.96 18.21 9.34
N GLY B 919 23.90 18.17 8.54
CA GLY B 919 23.93 18.73 7.20
C GLY B 919 24.87 17.99 6.26
N ALA B 920 25.44 18.74 5.32
CA ALA B 920 26.30 18.15 4.30
C ALA B 920 27.58 17.57 4.90
N GLY B 921 27.96 18.00 6.09
CA GLY B 921 29.12 17.41 6.75
C GLY B 921 30.40 18.01 6.25
N GLY B 922 31.33 17.15 5.82
CA GLY B 922 32.65 17.61 5.45
C GLY B 922 33.48 18.15 6.59
N GLY B 923 32.99 18.08 7.82
CA GLY B 923 33.60 18.64 9.00
C GLY B 923 32.63 19.54 9.72
N GLY B 924 33.13 20.25 10.73
CA GLY B 924 32.33 21.16 11.52
C GLY B 924 31.93 20.62 12.88
N TYR B 925 30.67 20.18 13.00
CA TYR B 925 30.13 19.70 14.27
C TYR B 925 29.85 18.20 14.20
N LEU B 926 30.04 17.53 15.32
CA LEU B 926 29.78 16.11 15.47
C LEU B 926 28.70 15.93 16.52
N TYR B 927 27.57 15.35 16.11
CA TYR B 927 26.47 15.04 17.00
C TYR B 927 26.61 13.59 17.44
N MET B 928 26.60 13.36 18.75
CA MET B 928 26.79 12.04 19.33
C MET B 928 25.64 11.74 20.28
N VAL B 929 25.14 10.51 20.22
CA VAL B 929 24.13 10.02 21.15
C VAL B 929 24.83 9.04 22.08
N ALA B 930 25.16 9.50 23.29
CA ALA B 930 25.85 8.65 24.25
C ALA B 930 24.93 7.54 24.75
N LYS B 931 25.55 6.42 25.14
CA LYS B 931 24.79 5.29 25.65
C LYS B 931 24.10 5.63 26.97
N ASP B 932 24.76 6.41 27.81
CA ASP B 932 24.22 6.78 29.12
C ASP B 932 24.97 8.02 29.59
N PRO B 933 24.47 8.70 30.63
CA PRO B 933 25.17 9.88 31.15
C PRO B 933 26.63 9.63 31.50
N GLN B 934 26.95 8.48 32.08
CA GLN B 934 28.35 8.16 32.37
C GLN B 934 29.16 8.10 31.07
N ALA B 935 28.59 7.51 30.02
CA ALA B 935 29.26 7.49 28.73
C ALA B 935 29.47 8.91 28.19
N ALA B 936 28.51 9.80 28.45
CA ALA B 936 28.67 11.19 28.02
C ALA B 936 29.80 11.87 28.76
N VAL B 937 29.91 11.63 30.07
CA VAL B 937 31.03 12.17 30.85
C VAL B 937 32.35 11.65 30.30
N ARG B 938 32.40 10.34 29.98
CA ARG B 938 33.61 9.76 29.42
C ARG B 938 33.97 10.40 28.08
N ILE B 939 32.97 10.62 27.23
CA ILE B 939 33.21 11.24 25.93
C ILE B 939 33.76 12.65 26.11
N ARG B 940 33.17 13.41 27.01
CA ARG B 940 33.66 14.77 27.29
C ARG B 940 35.11 14.73 27.76
N LYS B 941 35.42 13.83 28.70
CA LYS B 941 36.78 13.72 29.21
C LYS B 941 37.76 13.37 28.09
N ILE B 942 37.41 12.39 27.26
CA ILE B 942 38.31 11.92 26.20
C ILE B 942 38.57 13.03 25.20
N LEU B 943 37.51 13.68 24.71
CA LEU B 943 37.68 14.70 23.69
C LEU B 943 38.30 15.98 24.26
N THR B 944 38.16 16.24 25.55
CA THR B 944 38.83 17.40 26.14
C THR B 944 40.32 17.15 26.34
N GLU B 945 40.68 15.96 26.82
CA GLU B 945 42.08 15.65 27.06
C GLU B 945 42.85 15.33 25.77
N ASN B 946 42.17 15.18 24.65
CA ASN B 946 42.80 14.85 23.38
C ASN B 946 42.19 15.70 22.26
N ALA B 947 42.34 17.01 22.37
CA ALA B 947 41.78 17.91 21.37
C ALA B 947 42.53 17.74 20.06
N PRO B 948 41.84 17.53 18.94
CA PRO B 948 42.53 17.35 17.66
C PRO B 948 43.10 18.64 17.09
N ASN B 949 42.66 19.81 17.56
CA ASN B 949 43.13 21.08 17.05
C ASN B 949 42.77 22.16 18.07
N PRO B 950 43.41 23.33 17.99
CA PRO B 950 43.15 24.37 19.00
C PRO B 950 41.73 24.89 19.01
N ARG B 951 40.93 24.65 17.97
CA ARG B 951 39.60 25.24 17.88
C ARG B 951 38.47 24.32 18.33
N ALA B 952 38.73 23.03 18.52
CA ALA B 952 37.69 22.09 18.86
C ALA B 952 37.19 22.31 20.29
N ARG B 953 35.88 22.14 20.49
CA ARG B 953 35.26 22.44 21.77
C ARG B 953 33.86 21.85 21.80
N PHE B 954 33.39 21.50 22.99
CA PHE B 954 32.00 21.08 23.14
C PHE B 954 31.08 22.29 23.13
N VAL B 955 29.90 22.12 22.54
CA VAL B 955 28.87 23.16 22.52
C VAL B 955 27.59 22.55 23.09
N GLU B 956 27.07 23.16 24.16
CA GLU B 956 25.85 22.65 24.78
C GLU B 956 24.65 22.95 23.89
N MET B 957 23.92 21.90 23.52
CA MET B 957 22.73 22.04 22.69
C MET B 957 21.49 21.72 23.51
N THR B 958 20.42 22.47 23.26
CA THR B 958 19.13 22.21 23.89
C THR B 958 18.04 22.33 22.83
N LEU B 959 17.07 21.42 22.89
CA LEU B 959 15.95 21.48 21.96
C LEU B 959 15.22 22.81 22.11
N SER B 960 14.91 23.45 20.99
CA SER B 960 14.20 24.71 21.00
C SER B 960 12.70 24.46 20.89
N ASP B 961 11.96 24.88 21.91
CA ASP B 961 10.50 24.82 21.88
C ASP B 961 9.88 26.08 21.31
N LYS B 962 10.71 27.01 20.82
CA LYS B 962 10.22 28.26 20.26
C LYS B 962 10.42 28.38 18.76
N GLY B 963 11.52 27.84 18.23
CA GLY B 963 11.85 28.10 16.84
C GLY B 963 12.17 29.56 16.63
N PHE B 964 11.79 30.09 15.47
CA PHE B 964 11.98 31.51 15.21
C PHE B 964 11.04 32.33 16.08
N GLN B 965 11.58 33.30 16.80
CA GLN B 965 10.80 34.26 17.57
C GLN B 965 11.12 35.67 17.11
N VAL B 966 10.16 36.56 17.27
CA VAL B 966 10.33 37.97 16.97
C VAL B 966 9.61 38.78 18.02
N SER B 967 10.23 39.87 18.46
CA SER B 967 9.64 40.74 19.45
C SER B 967 10.05 42.18 19.17
N ARG B 968 9.42 43.10 19.87
CA ARG B 968 9.68 44.53 19.68
C ARG B 968 10.12 45.16 20.99
N SER B 969 10.93 46.21 20.87
CA SER B 969 11.47 46.91 22.02
C SER B 969 10.40 47.68 22.78
PG GTP C . -26.37 -1.80 -23.61
O1G GTP C . -25.40 -2.79 -23.00
O2G GTP C . -25.72 -1.09 -24.78
O3G GTP C . -27.62 -2.51 -24.06
O3B GTP C . -26.82 -0.73 -22.50
PB GTP C . -26.51 -0.95 -20.94
O1B GTP C . -25.22 -1.71 -20.73
O2B GTP C . -27.68 -1.61 -20.23
O3A GTP C . -26.34 0.58 -20.48
PA GTP C . -24.94 1.36 -20.63
O1A GTP C . -23.93 0.83 -19.64
O2A GTP C . -24.43 1.32 -22.05
O5' GTP C . -25.43 2.83 -20.20
C5' GTP C . -24.98 3.50 -19.05
C4' GTP C . -26.12 3.49 -18.04
O4' GTP C . -27.26 4.15 -18.57
C3' GTP C . -26.52 2.08 -17.64
O3' GTP C . -26.27 1.88 -16.27
C2' GTP C . -28.00 1.99 -17.93
O2' GTP C . -28.68 1.61 -16.75
C1' GTP C . -28.43 3.37 -18.35
N9 GTP C . -29.22 3.30 -19.61
C8 GTP C . -28.78 2.91 -20.84
N7 GTP C . -29.81 2.97 -21.70
C5 GTP C . -30.91 3.39 -21.04
C6 GTP C . -32.23 3.61 -21.44
O6 GTP C . -32.56 3.43 -22.61
N1 GTP C . -33.16 4.04 -20.50
C2 GTP C . -32.78 4.24 -19.19
N2 GTP C . -33.68 4.65 -18.30
N3 GTP C . -31.47 4.01 -18.81
C4 GTP C . -30.56 3.59 -19.71
PG GTP D . -18.38 -28.38 -1.93
O1G GTP D . -19.76 -28.98 -2.00
O2G GTP D . -17.40 -29.29 -2.63
O3G GTP D . -17.96 -28.17 -0.50
O3B GTP D . -18.37 -26.97 -2.71
PB GTP D . -18.42 -25.54 -1.95
O1B GTP D . -19.04 -24.49 -2.84
O2B GTP D . -17.01 -25.15 -1.56
O3A GTP D . -19.32 -25.75 -0.64
PA GTP D . -19.52 -24.52 0.39
O1A GTP D . -18.32 -23.59 0.35
O2A GTP D . -19.79 -25.02 1.79
O5' GTP D . -20.79 -23.73 -0.18
C5' GTP D . -22.04 -24.38 -0.29
C4' GTP D . -22.88 -23.73 -1.38
O4' GTP D . -23.17 -22.40 -1.01
C3' GTP D . -22.20 -23.66 -2.72
O3' GTP D . -22.55 -24.76 -3.53
C2' GTP D . -22.73 -22.38 -3.33
O2' GTP D . -23.81 -22.67 -4.18
C1' GTP D . -23.22 -21.56 -2.14
N9 GTP D . -22.30 -20.42 -1.93
C8 GTP D . -20.96 -20.50 -1.65
N7 GTP D . -20.46 -19.26 -1.53
C5 GTP D . -21.47 -18.37 -1.71
C6 GTP D . -21.50 -16.98 -1.69
O6 GTP D . -20.47 -16.34 -1.47
N1 GTP D . -22.69 -16.33 -1.91
C2 GTP D . -23.84 -17.05 -2.16
N2 GTP D . -24.99 -16.42 -2.39
N3 GTP D . -23.80 -18.43 -2.19
C4 GTP D . -22.63 -19.09 -1.96
C FMT E . -28.31 -6.69 15.31
O1 FMT E . -27.78 -7.48 16.10
O2 FMT E . -28.76 -7.01 14.21
C FMT F . -18.81 -16.99 46.97
O1 FMT F . -18.56 -16.08 46.17
O2 FMT F . -19.90 -17.14 47.51
C1 MLA G . -15.03 1.66 34.55
O1A MLA G . -13.97 2.05 35.09
O1B MLA G . -15.70 0.74 35.09
C2 MLA G . -15.51 2.31 33.26
C3 MLA G . -15.23 3.81 33.37
O3A MLA G . -14.56 4.39 32.48
O3B MLA G . -15.67 4.46 34.36
C1 GOL H . -12.97 0.45 45.08
O1 GOL H . -12.58 1.50 44.25
C2 GOL H . -11.84 0.24 46.13
O2 GOL H . -11.27 1.44 46.55
C3 GOL H . -10.82 -0.66 45.41
O3 GOL H . -10.91 -1.92 46.01
C1 GOL I . -14.12 1.45 24.97
O1 GOL I . -12.90 1.90 24.48
C2 GOL I . -14.84 2.68 25.58
O2 GOL I . -16.19 2.41 25.83
C3 GOL I . -14.07 3.04 26.89
O3 GOL I . -13.30 1.93 27.27
PG GTP J . 16.00 -27.07 -17.26
O1G GTP J . 15.03 -28.19 -16.95
O2G GTP J . 16.96 -27.52 -18.33
O3G GTP J . 15.25 -25.86 -17.73
O3B GTP J . 16.83 -26.75 -15.92
PB GTP J . 17.27 -25.23 -15.55
O1B GTP J . 16.26 -24.26 -16.11
O2B GTP J . 18.64 -24.92 -16.11
O3A GTP J . 17.27 -25.11 -13.95
PA GTP J . 15.97 -24.84 -13.04
O1A GTP J . 15.27 -23.57 -13.47
O2A GTP J . 15.03 -26.02 -13.04
O5' GTP J . 16.65 -24.64 -11.59
C5' GTP J . 16.58 -23.38 -10.94
C4' GTP J . 17.93 -22.69 -11.05
O4' GTP J . 18.93 -23.47 -10.42
C3' GTP J . 18.35 -22.49 -12.50
O3' GTP J . 18.49 -21.13 -12.79
C2' GTP J . 19.69 -23.19 -12.63
O2' GTP J . 20.64 -22.33 -13.21
C1' GTP J . 20.08 -23.61 -11.22
N9 GTP J . 20.45 -25.04 -11.22
C8 GTP J . 19.66 -26.09 -11.64
N7 GTP J . 20.36 -27.24 -11.47
C5 GTP J . 21.57 -26.94 -10.95
C6 GTP J . 22.66 -27.74 -10.60
O6 GTP J . 22.60 -28.96 -10.74
N1 GTP J . 23.80 -27.15 -10.08
C2 GTP J . 23.85 -25.78 -9.93
N2 GTP J . 24.94 -25.20 -9.43
N3 GTP J . 22.77 -25.00 -10.28
C4 GTP J . 21.65 -25.57 -10.79
PB GDP K . 10.75 2.26 -31.26
O1B GDP K . 10.63 1.83 -32.69
O2B GDP K . 9.50 3.01 -30.87
O3B GDP K . 10.93 1.05 -30.37
O3A GDP K . 12.01 3.25 -31.10
PA GDP K . 12.82 3.39 -29.72
O1A GDP K . 11.93 3.18 -28.53
O2A GDP K . 13.50 4.74 -29.65
O5' GDP K . 13.91 2.22 -29.83
C5' GDP K . 15.26 2.49 -30.20
C4' GDP K . 16.02 1.17 -30.22
O4' GDP K . 16.55 0.92 -28.92
C3' GDP K . 15.10 0.01 -30.55
O3' GDP K . 15.29 -0.42 -31.90
C2' GDP K . 15.48 -1.09 -29.59
O2' GDP K . 16.20 -2.12 -30.28
C1' GDP K . 16.37 -0.44 -28.54
N9 GDP K . 15.68 -0.49 -27.22
C8 GDP K . 14.49 0.05 -26.95
N7 GDP K . 14.14 -0.15 -25.65
C5 GDP K . 15.15 -0.82 -25.07
C6 GDP K . 15.44 -1.36 -23.71
O6 GDP K . 14.61 -1.21 -22.79
N1 GDP K . 16.60 -1.99 -23.52
C2 GDP K . 17.50 -2.16 -24.52
N2 GDP K . 18.65 -2.81 -24.25
N3 GDP K . 17.30 -1.70 -25.78
C4 GDP K . 16.16 -1.04 -26.11
C ACT L . 11.87 -24.33 13.96
O ACT L . 10.89 -24.05 13.23
OXT ACT L . 12.53 -23.57 14.72
CH3 ACT L . 12.35 -25.82 13.95
C ACT M . 26.31 -6.12 -12.95
O ACT M . 26.97 -5.35 -13.69
OXT ACT M . 25.92 -5.93 -11.75
CH3 ACT M . 25.89 -7.50 -13.56
C1 GOL N . 12.89 -23.52 -6.03
O1 GOL N . 13.05 -22.14 -5.91
C2 GOL N . 11.87 -23.96 -4.95
O2 GOL N . 12.43 -24.01 -3.68
C3 GOL N . 10.76 -22.89 -5.04
O3 GOL N . 9.73 -23.31 -4.21
C1 GOL O . 25.31 39.35 6.99
O1 GOL O . 24.57 38.81 5.94
C2 GOL O . 25.50 38.24 8.05
O2 GOL O . 26.25 38.66 9.14
C3 GOL O . 26.16 37.07 7.29
O3 GOL O . 26.63 36.18 8.25
#